data_2X0X
#
_entry.id   2X0X
#
_cell.length_a   223.877
_cell.length_b   223.877
_cell.length_c   336.467
_cell.angle_alpha   90.00
_cell.angle_beta   90.00
_cell.angle_gamma   120.00
#
_symmetry.space_group_name_H-M   'H 3 2'
#
loop_
_entity.id
_entity.type
_entity.pdbx_description
1 polymer 'RIBONUCLEOSIDE-DIPHOSPHATE REDUCTASE 1 SUBUNIT ALPHA'
2 polymer 'RIBONUCLEOSIDE-DIPHOSPHATE REDUCTASE 1 SUBUNIT BETA'
3 non-polymer 'SULFATE ION'
4 water water
#
loop_
_entity_poly.entity_id
_entity_poly.type
_entity_poly.pdbx_seq_one_letter_code
_entity_poly.pdbx_strand_id
1 'polypeptide(L)'
;MNQNLLVTKRDGSTERINLDKIHRVLDWAAEGLHNVSISQVELRSHIQFYDGIKTSDIHETIIKAAADLISRDAPDYQYL
AARLAIFHLRKKAYGQFEPPALYDHVVKMVEMGKYDNHLLEDYTEEEFKQMDTFIDHDRDMTFSYAAVKQLEGKYLVQNR
VTGEIYESAQFLYILVAACLFSNYPRETRLQYVKRFYDAVSTFKISLPTPIMSGVRTPTRQFSSCVLIECGDSLDSINAT
SSAIVKYVSQRAGIGINAGRIRALGSPIRGGEAFHTGCIPFYKHFQTAVKSCSQGGVRGGAATLFYPMWHLEVESLLVLK
NNRGVEGNRVRHMDYGVQINKLMYTRLLKGEDITLFSPSDVPGLYDAFFADQEEFERLYTKYEKDDSIRKQRVKAVELFS
LMMQERASTGRIYIQNVDHCNTHSPFDPAIAPVRQSNLCLEIALPTKPLNDVNDENGEIALCTLSAFNLGAINNLDELEE
LAILAVRALDALLDYQDYPIPAAKRGAMGRRTLGIGVINFAYYLAKHGKRYSDGSANNLTHKTFEAIQYYLLKASNELAK
EQGACPWFNETTYAKGILPIDTYKKDLDTIANEPLHYDWEALRESIKTHGLRNSTLSALMPSETSSQISNATNGIEPPRG
YVSIKASKDGILRQVVPDYEHLHDAYELLWEMPGNDGYLQLVGIMQKFIDQSISANTNYDPSRFPSGKVPMQQLLKDLLT
AYKFGVKTLYYQNTRDGAEDAQDDLVPSIQDDGCESGACKI
;
A,B,C
2 'polypeptide(L)' YLVGQIDSEVDTDDLSNFQL D,E,F,P
#
loop_
_chem_comp.id
_chem_comp.type
_chem_comp.name
_chem_comp.formula
SO4 non-polymer 'SULFATE ION' 'O4 S -2'
#
# COMPACT_ATOMS: atom_id res chain seq x y z
N ASN A 4 31.15 -58.47 25.56
CA ASN A 4 30.36 -58.42 24.29
C ASN A 4 29.91 -57.00 23.91
N LEU A 5 28.86 -56.53 24.58
CA LEU A 5 28.25 -55.21 24.39
C LEU A 5 27.52 -55.03 23.06
N LEU A 6 26.20 -55.10 23.12
CA LEU A 6 25.32 -55.00 21.96
C LEU A 6 24.97 -53.55 21.68
N VAL A 7 24.76 -53.25 20.40
CA VAL A 7 24.33 -51.92 19.95
C VAL A 7 23.01 -52.07 19.22
N THR A 8 22.01 -51.28 19.59
CA THR A 8 20.73 -51.28 18.91
C THR A 8 20.70 -50.28 17.74
N LYS A 9 20.42 -50.79 16.55
CA LYS A 9 20.39 -50.01 15.32
C LYS A 9 19.19 -49.06 15.20
N ARG A 10 19.32 -48.06 14.34
CA ARG A 10 18.21 -47.21 13.93
C ARG A 10 17.25 -48.04 13.09
N ASP A 11 17.84 -48.98 12.35
CA ASP A 11 17.15 -50.04 11.65
C ASP A 11 16.19 -50.82 12.58
N GLY A 12 16.73 -51.39 13.66
CA GLY A 12 15.92 -52.09 14.65
C GLY A 12 16.64 -53.11 15.51
N SER A 13 17.49 -53.92 14.89
CA SER A 13 18.14 -55.07 15.56
C SER A 13 19.49 -54.73 16.21
N THR A 14 20.07 -55.73 16.88
CA THR A 14 21.33 -55.57 17.61
C THR A 14 22.57 -55.78 16.71
N GLU A 15 23.77 -55.67 17.31
CA GLU A 15 25.06 -55.81 16.62
C GLU A 15 26.22 -55.59 17.59
N ARG A 16 27.34 -56.27 17.36
CA ARG A 16 28.57 -56.07 18.15
C ARG A 16 29.09 -54.64 18.04
N ILE A 17 29.41 -54.05 19.18
CA ILE A 17 29.97 -52.70 19.25
C ILE A 17 31.31 -52.65 18.50
N ASN A 18 31.39 -51.78 17.50
CA ASN A 18 32.59 -51.65 16.67
C ASN A 18 33.51 -50.55 17.19
N LEU A 19 34.38 -50.91 18.14
CA LEU A 19 35.31 -49.97 18.76
C LEU A 19 36.38 -49.50 17.78
N ASP A 20 36.64 -50.30 16.76
CA ASP A 20 37.58 -49.93 15.70
C ASP A 20 36.99 -48.87 14.77
N LYS A 21 35.70 -48.99 14.45
CA LYS A 21 35.02 -47.97 13.67
C LYS A 21 34.99 -46.65 14.43
N ILE A 22 34.64 -46.72 15.72
CA ILE A 22 34.62 -45.52 16.56
C ILE A 22 35.99 -44.84 16.55
N HIS A 23 37.04 -45.59 16.81
CA HIS A 23 38.41 -45.06 16.81
C HIS A 23 38.82 -44.48 15.45
N ARG A 24 38.29 -45.06 14.37
CA ARG A 24 38.61 -44.63 13.01
C ARG A 24 38.00 -43.27 12.71
N VAL A 25 36.71 -43.11 13.03
CA VAL A 25 36.00 -41.84 12.90
C VAL A 25 36.66 -40.75 13.75
N LEU A 26 37.00 -41.06 14.99
CA LEU A 26 37.68 -40.11 15.87
C LEU A 26 39.02 -39.68 15.30
N ASP A 27 39.75 -40.66 14.76
CA ASP A 27 41.02 -40.38 14.09
C ASP A 27 40.85 -39.44 12.89
N TRP A 28 39.78 -39.63 12.14
CA TRP A 28 39.41 -38.73 11.06
C TRP A 28 39.18 -37.32 11.58
N ALA A 29 38.30 -37.18 12.57
CA ALA A 29 37.96 -35.88 13.17
C ALA A 29 39.16 -35.16 13.80
N ALA A 30 40.19 -35.91 14.15
CA ALA A 30 41.40 -35.33 14.74
C ALA A 30 42.41 -34.80 13.70
N GLU A 31 42.22 -35.17 12.43
CA GLU A 31 43.07 -34.70 11.34
C GLU A 31 43.47 -33.24 11.55
N GLY A 32 44.75 -33.01 11.81
CA GLY A 32 45.31 -31.65 11.84
C GLY A 32 45.20 -30.89 13.15
N LEU A 33 44.47 -31.45 14.12
CA LEU A 33 44.26 -30.78 15.40
C LEU A 33 45.41 -31.09 16.34
N HIS A 34 45.73 -30.16 17.23
CA HIS A 34 46.83 -30.34 18.17
C HIS A 34 46.36 -30.32 19.62
N ASN A 35 46.99 -31.16 20.45
CA ASN A 35 46.70 -31.19 21.88
C ASN A 35 45.36 -31.83 22.21
N VAL A 36 44.87 -32.71 21.32
CA VAL A 36 43.65 -33.48 21.57
C VAL A 36 43.97 -34.97 21.77
N SER A 37 43.38 -35.55 22.81
CA SER A 37 43.62 -36.95 23.11
C SER A 37 42.39 -37.78 22.76
N ILE A 38 42.52 -38.58 21.70
CA ILE A 38 41.46 -39.49 21.26
C ILE A 38 41.15 -40.54 22.33
N SER A 39 42.20 -41.06 22.97
CA SER A 39 42.00 -42.09 23.99
C SER A 39 41.21 -41.53 25.19
N GLN A 40 41.48 -40.28 25.53
CA GLN A 40 40.73 -39.58 26.57
C GLN A 40 39.24 -39.45 26.24
N VAL A 41 38.95 -39.17 24.97
CA VAL A 41 37.57 -39.06 24.51
C VAL A 41 36.90 -40.43 24.57
N GLU A 42 37.65 -41.45 24.14
CA GLU A 42 37.25 -42.84 24.23
C GLU A 42 36.95 -43.30 25.66
N LEU A 43 37.86 -43.02 26.60
CA LEU A 43 37.69 -43.42 28.01
C LEU A 43 36.42 -42.83 28.64
N ARG A 44 36.21 -41.53 28.40
CA ARG A 44 35.11 -40.75 28.97
C ARG A 44 33.76 -41.11 28.39
N SER A 45 33.73 -41.51 27.13
CA SER A 45 32.47 -41.88 26.51
C SER A 45 32.13 -43.36 26.71
N HIS A 46 33.12 -44.23 26.60
CA HIS A 46 32.88 -45.68 26.67
C HIS A 46 32.36 -46.15 28.04
N ILE A 47 32.72 -45.43 29.11
CA ILE A 47 32.24 -45.71 30.45
C ILE A 47 30.71 -45.54 30.59
N GLN A 48 30.11 -44.72 29.72
CA GLN A 48 28.68 -44.50 29.67
C GLN A 48 27.95 -45.41 28.68
N PHE A 49 28.67 -46.30 27.99
CA PHE A 49 28.01 -47.26 27.09
C PHE A 49 27.43 -48.40 27.91
N TYR A 50 26.23 -48.82 27.54
CA TYR A 50 25.58 -49.97 28.16
C TYR A 50 25.14 -50.94 27.08
N ASP A 51 24.90 -52.20 27.48
CA ASP A 51 24.47 -53.24 26.55
C ASP A 51 23.10 -52.88 25.99
N GLY A 52 23.02 -52.79 24.67
CA GLY A 52 21.77 -52.43 23.99
C GLY A 52 21.63 -50.95 23.68
N ILE A 53 22.67 -50.17 23.97
CA ILE A 53 22.73 -48.73 23.66
C ILE A 53 22.48 -48.45 22.17
N LYS A 54 21.52 -47.56 21.89
CA LYS A 54 21.26 -47.07 20.54
C LYS A 54 22.49 -46.38 19.92
N THR A 55 22.57 -46.40 18.59
CA THR A 55 23.71 -45.86 17.82
C THR A 55 23.79 -44.33 17.92
N SER A 56 22.64 -43.66 17.79
CA SER A 56 22.57 -42.21 17.94
C SER A 56 23.11 -41.78 19.30
N ASP A 57 22.81 -42.56 20.34
CA ASP A 57 23.29 -42.31 21.70
C ASP A 57 24.81 -42.47 21.84
N ILE A 58 25.38 -43.46 21.16
CA ILE A 58 26.84 -43.61 21.11
C ILE A 58 27.49 -42.37 20.50
N HIS A 59 26.91 -41.89 19.39
CA HIS A 59 27.32 -40.66 18.71
C HIS A 59 27.26 -39.43 19.62
N GLU A 60 26.10 -39.21 20.23
CA GLU A 60 25.90 -38.08 21.11
C GLU A 60 26.81 -38.14 22.34
N THR A 61 26.97 -39.34 22.89
CA THR A 61 27.89 -39.58 24.01
C THR A 61 29.33 -39.16 23.68
N ILE A 62 29.87 -39.58 22.53
CA ILE A 62 31.25 -39.19 22.15
C ILE A 62 31.43 -37.72 21.72
N ILE A 63 30.39 -37.15 21.10
CA ILE A 63 30.38 -35.73 20.72
C ILE A 63 30.48 -34.88 21.99
N LYS A 64 29.60 -35.18 22.95
CA LYS A 64 29.56 -34.51 24.23
C LYS A 64 30.87 -34.68 25.01
N ALA A 65 31.48 -35.85 24.87
CA ALA A 65 32.73 -36.14 25.56
C ALA A 65 33.86 -35.27 25.06
N ALA A 66 33.94 -35.10 23.74
CA ALA A 66 34.87 -34.16 23.11
C ALA A 66 34.56 -32.71 23.52
N ALA A 67 33.28 -32.35 23.47
CA ALA A 67 32.81 -31.01 23.84
C ALA A 67 33.17 -30.62 25.27
N ASP A 68 33.08 -31.58 26.20
CA ASP A 68 33.41 -31.31 27.61
C ASP A 68 34.88 -31.02 27.84
N LEU A 69 35.71 -31.40 26.88
CA LEU A 69 37.14 -31.17 27.00
C LEU A 69 37.61 -29.86 26.35
N ILE A 70 36.67 -29.05 25.84
CA ILE A 70 37.00 -27.73 25.29
C ILE A 70 37.50 -26.82 26.41
N SER A 71 38.70 -26.30 26.24
CA SER A 71 39.30 -25.38 27.19
C SER A 71 40.30 -24.48 26.43
N ARG A 72 40.78 -23.42 27.08
CA ARG A 72 41.81 -22.55 26.51
C ARG A 72 43.13 -23.29 26.35
N ASP A 73 43.43 -24.17 27.31
CA ASP A 73 44.58 -25.07 27.25
C ASP A 73 44.57 -25.96 25.99
N ALA A 74 43.38 -26.38 25.56
CA ALA A 74 43.22 -27.21 24.36
C ALA A 74 41.99 -26.77 23.55
N PRO A 75 42.14 -25.68 22.75
CA PRO A 75 41.01 -25.12 21.99
C PRO A 75 40.51 -26.07 20.90
N ASP A 76 41.38 -26.88 20.33
CA ASP A 76 41.05 -27.77 19.22
C ASP A 76 39.98 -28.85 19.48
N TYR A 77 39.63 -29.11 20.74
CA TYR A 77 38.46 -29.93 21.03
C TYR A 77 37.20 -29.30 20.43
N GLN A 78 37.21 -27.97 20.33
CA GLN A 78 36.21 -27.20 19.57
C GLN A 78 35.96 -27.73 18.18
N TYR A 79 37.04 -28.13 17.51
CA TYR A 79 36.95 -28.67 16.17
C TYR A 79 36.72 -30.18 16.18
N LEU A 80 37.32 -30.88 17.16
CA LEU A 80 37.07 -32.33 17.33
C LEU A 80 35.58 -32.65 17.51
N ALA A 81 34.90 -31.92 18.41
CA ALA A 81 33.47 -32.16 18.66
C ALA A 81 32.58 -31.77 17.45
N ALA A 82 32.95 -30.67 16.79
CA ALA A 82 32.22 -30.14 15.64
C ALA A 82 32.17 -31.16 14.51
N ARG A 83 33.34 -31.67 14.16
CA ARG A 83 33.50 -32.69 13.13
C ARG A 83 32.69 -33.96 13.45
N LEU A 84 32.75 -34.38 14.71
CA LEU A 84 31.94 -35.51 15.19
C LEU A 84 30.44 -35.17 15.09
N ALA A 85 30.05 -33.97 15.54
CA ALA A 85 28.68 -33.51 15.39
C ALA A 85 28.24 -33.45 13.92
N ILE A 86 29.14 -32.98 13.04
CA ILE A 86 28.89 -32.88 11.60
C ILE A 86 28.65 -34.28 11.01
N PHE A 87 29.54 -35.22 11.35
CA PHE A 87 29.42 -36.62 10.96
C PHE A 87 28.05 -37.20 11.32
N HIS A 88 27.65 -36.99 12.57
CA HIS A 88 26.36 -37.47 13.08
C HIS A 88 25.16 -36.82 12.37
N LEU A 89 25.28 -35.53 12.06
CA LEU A 89 24.22 -34.83 11.33
C LEU A 89 24.08 -35.27 9.87
N ARG A 90 25.18 -35.72 9.25
CA ARG A 90 25.13 -36.28 7.91
C ARG A 90 24.27 -37.54 7.90
N LYS A 91 24.65 -38.51 8.73
CA LYS A 91 23.94 -39.76 8.88
C LYS A 91 22.46 -39.52 9.17
N LYS A 92 22.19 -38.61 10.11
CA LYS A 92 20.82 -38.24 10.49
C LYS A 92 19.97 -37.68 9.33
N ALA A 93 20.64 -37.06 8.35
CA ALA A 93 19.94 -36.39 7.24
C ALA A 93 19.92 -37.24 5.97
N TYR A 94 21.02 -37.95 5.73
CA TYR A 94 21.27 -38.59 4.44
C TYR A 94 21.40 -40.11 4.53
N GLY A 95 21.38 -40.65 5.75
CA GLY A 95 21.64 -42.07 5.99
C GLY A 95 23.11 -42.47 5.78
N GLN A 96 23.92 -41.53 5.31
CA GLN A 96 25.34 -41.78 5.00
C GLN A 96 26.16 -40.48 5.11
N PHE A 97 27.48 -40.59 5.03
CA PHE A 97 28.33 -39.41 5.16
C PHE A 97 28.24 -38.45 3.97
N GLU A 98 28.59 -38.92 2.77
CA GLU A 98 28.55 -38.06 1.59
C GLU A 98 27.12 -37.73 1.23
N PRO A 99 26.82 -36.42 1.11
CA PRO A 99 25.50 -35.91 0.74
C PRO A 99 25.06 -36.34 -0.67
N PRO A 100 23.75 -36.33 -0.94
CA PRO A 100 23.31 -36.65 -2.30
C PRO A 100 23.72 -35.56 -3.28
N ALA A 101 23.49 -35.82 -4.56
CA ALA A 101 23.65 -34.80 -5.59
C ALA A 101 22.67 -33.66 -5.28
N LEU A 102 23.09 -32.44 -5.56
CA LEU A 102 22.26 -31.26 -5.26
C LEU A 102 20.86 -31.36 -5.86
N TYR A 103 20.77 -31.75 -7.13
CA TYR A 103 19.49 -31.87 -7.82
C TYR A 103 18.57 -32.82 -7.12
N ASP A 104 19.09 -34.01 -6.81
CA ASP A 104 18.33 -35.06 -6.13
C ASP A 104 17.85 -34.60 -4.77
N HIS A 105 18.73 -33.94 -4.02
CA HIS A 105 18.38 -33.32 -2.74
C HIS A 105 17.22 -32.33 -2.86
N VAL A 106 17.32 -31.39 -3.81
CA VAL A 106 16.29 -30.35 -4.00
C VAL A 106 14.93 -30.91 -4.43
N VAL A 107 14.93 -31.81 -5.41
CA VAL A 107 13.69 -32.48 -5.87
C VAL A 107 12.95 -33.14 -4.71
N LYS A 108 13.69 -33.90 -3.89
CA LYS A 108 13.12 -34.53 -2.71
C LYS A 108 12.58 -33.50 -1.72
N MET A 109 13.35 -32.44 -1.48
CA MET A 109 12.96 -31.40 -0.51
C MET A 109 11.74 -30.60 -0.95
N VAL A 110 11.61 -30.40 -2.26
CA VAL A 110 10.42 -29.75 -2.84
C VAL A 110 9.18 -30.64 -2.76
N GLU A 111 9.32 -31.93 -3.05
CA GLU A 111 8.23 -32.92 -2.82
C GLU A 111 7.72 -32.88 -1.37
N MET A 112 8.67 -32.79 -0.45
CA MET A 112 8.37 -32.76 0.97
C MET A 112 7.80 -31.42 1.46
N GLY A 113 7.81 -30.41 0.59
CA GLY A 113 7.32 -29.07 0.95
C GLY A 113 8.24 -28.30 1.89
N LYS A 114 9.49 -28.76 1.97
CA LYS A 114 10.51 -28.14 2.82
C LYS A 114 11.33 -27.06 2.10
N TYR A 115 11.47 -27.20 0.79
CA TYR A 115 12.04 -26.15 -0.06
C TYR A 115 10.97 -25.51 -0.93
N ASP A 116 11.27 -24.30 -1.42
CA ASP A 116 10.39 -23.59 -2.33
C ASP A 116 10.46 -24.20 -3.73
N ASN A 117 9.30 -24.53 -4.30
CA ASN A 117 9.22 -25.08 -5.66
C ASN A 117 9.85 -24.20 -6.74
N HIS A 118 9.94 -22.88 -6.48
CA HIS A 118 10.50 -21.92 -7.45
C HIS A 118 11.96 -22.22 -7.82
N LEU A 119 12.68 -22.89 -6.91
CA LEU A 119 14.04 -23.34 -7.19
C LEU A 119 14.08 -24.28 -8.38
N LEU A 120 13.08 -25.17 -8.48
CA LEU A 120 12.99 -26.07 -9.64
C LEU A 120 12.54 -25.35 -10.92
N GLU A 121 11.68 -24.35 -10.77
CA GLU A 121 11.24 -23.52 -11.90
C GLU A 121 12.37 -22.65 -12.45
N ASP A 122 13.21 -22.13 -11.54
CA ASP A 122 14.21 -21.11 -11.88
C ASP A 122 15.53 -21.66 -12.39
N TYR A 123 15.85 -22.89 -12.04
CA TYR A 123 17.08 -23.53 -12.49
C TYR A 123 16.78 -24.86 -13.15
N THR A 124 17.64 -25.25 -14.09
CA THR A 124 17.51 -26.53 -14.78
C THR A 124 18.35 -27.57 -14.03
N GLU A 125 18.00 -28.84 -14.20
CA GLU A 125 18.76 -29.97 -13.66
C GLU A 125 20.26 -29.80 -13.91
N GLU A 126 20.61 -29.37 -15.11
CA GLU A 126 21.99 -29.18 -15.52
C GLU A 126 22.66 -28.02 -14.76
N GLU A 127 21.88 -27.01 -14.43
CA GLU A 127 22.38 -25.89 -13.61
C GLU A 127 22.64 -26.33 -12.17
N PHE A 128 21.72 -27.13 -11.60
CA PHE A 128 21.93 -27.78 -10.30
C PHE A 128 23.17 -28.67 -10.27
N LYS A 129 23.39 -29.41 -11.36
CA LYS A 129 24.59 -30.23 -11.54
C LYS A 129 25.83 -29.35 -11.50
N GLN A 130 25.74 -28.19 -12.16
CA GLN A 130 26.84 -27.24 -12.23
C GLN A 130 27.11 -26.61 -10.87
N MET A 131 26.05 -26.16 -10.20
CA MET A 131 26.11 -25.66 -8.82
C MET A 131 26.75 -26.68 -7.84
N ASP A 132 26.42 -27.96 -8.02
CA ASP A 132 27.00 -29.03 -7.22
C ASP A 132 28.53 -29.16 -7.33
N THR A 133 29.11 -28.64 -8.42
CA THR A 133 30.57 -28.63 -8.60
C THR A 133 31.23 -27.47 -7.84
N PHE A 134 30.43 -26.45 -7.48
CA PHE A 134 30.92 -25.33 -6.69
C PHE A 134 31.06 -25.75 -5.24
N ILE A 135 30.12 -26.59 -4.80
CA ILE A 135 30.05 -27.05 -3.41
C ILE A 135 31.30 -27.81 -2.99
N ASP A 136 31.79 -27.43 -1.81
CA ASP A 136 32.83 -28.20 -1.13
C ASP A 136 32.31 -28.62 0.24
N HIS A 137 31.85 -29.86 0.34
CA HIS A 137 31.24 -30.36 1.57
C HIS A 137 32.20 -30.45 2.74
N ASP A 138 33.50 -30.49 2.45
CA ASP A 138 34.54 -30.53 3.46
C ASP A 138 34.69 -29.20 4.19
N ARG A 139 34.01 -28.17 3.72
CA ARG A 139 34.00 -26.90 4.45
C ARG A 139 33.19 -27.05 5.75
N ASP A 140 32.40 -28.13 5.82
CA ASP A 140 31.71 -28.52 7.07
C ASP A 140 32.71 -28.82 8.21
N MET A 141 33.93 -29.22 7.84
CA MET A 141 35.01 -29.53 8.78
C MET A 141 35.66 -28.28 9.40
N THR A 142 35.24 -27.10 8.96
CA THR A 142 35.82 -25.83 9.43
C THR A 142 34.96 -25.14 10.48
N PHE A 143 33.77 -25.68 10.75
CA PHE A 143 32.95 -25.16 11.83
C PHE A 143 33.51 -25.54 13.21
N SER A 144 33.37 -24.64 14.18
CA SER A 144 33.62 -24.98 15.57
C SER A 144 32.33 -25.59 16.16
N TYR A 145 32.47 -26.20 17.32
CA TYR A 145 31.35 -26.87 17.98
C TYR A 145 30.14 -25.97 18.27
N ALA A 146 30.38 -24.80 18.86
CA ALA A 146 29.31 -23.81 19.05
C ALA A 146 28.59 -23.43 17.72
N ALA A 147 29.37 -23.28 16.64
CA ALA A 147 28.81 -23.07 15.29
C ALA A 147 27.81 -24.17 14.88
N VAL A 148 28.25 -25.43 14.96
CA VAL A 148 27.41 -26.59 14.58
C VAL A 148 26.13 -26.67 15.40
N LYS A 149 26.25 -26.37 16.69
CA LYS A 149 25.11 -26.28 17.59
C LYS A 149 24.11 -25.19 17.19
N GLN A 150 24.62 -24.06 16.70
CA GLN A 150 23.79 -23.00 16.15
C GLN A 150 23.09 -23.39 14.84
N LEU A 151 23.82 -24.02 13.94
CA LEU A 151 23.27 -24.51 12.67
C LEU A 151 22.17 -25.52 12.92
N GLU A 152 22.48 -26.48 13.78
CA GLU A 152 21.57 -27.54 14.18
C GLU A 152 20.30 -26.99 14.85
N GLY A 153 20.46 -25.97 15.69
CA GLY A 153 19.34 -25.41 16.44
C GLY A 153 18.53 -24.31 15.77
N LYS A 154 19.17 -23.53 14.90
CA LYS A 154 18.50 -22.37 14.30
C LYS A 154 18.42 -22.38 12.77
N TYR A 155 19.45 -22.92 12.12
CA TYR A 155 19.66 -22.69 10.70
C TYR A 155 19.15 -23.81 9.77
N LEU A 156 19.59 -25.04 10.00
CA LEU A 156 19.32 -26.16 9.09
C LEU A 156 17.87 -26.55 9.05
N VAL A 157 17.32 -26.68 7.84
CA VAL A 157 15.93 -27.07 7.65
C VAL A 157 15.72 -28.43 8.32
N GLN A 158 14.62 -28.54 9.04
CA GLN A 158 14.40 -29.65 9.96
C GLN A 158 12.94 -29.70 10.37
N ASN A 159 12.50 -30.83 10.92
CA ASN A 159 11.16 -30.92 11.51
C ASN A 159 11.28 -30.74 13.01
N ARG A 160 10.61 -29.72 13.53
CA ARG A 160 10.68 -29.38 14.95
C ARG A 160 9.97 -30.39 15.87
N VAL A 161 8.83 -30.90 15.40
CA VAL A 161 8.06 -31.92 16.12
C VAL A 161 8.80 -33.28 16.23
N THR A 162 9.44 -33.69 15.14
CA THR A 162 10.09 -35.01 15.10
C THR A 162 11.62 -34.95 15.30
N GLY A 163 12.18 -33.75 15.41
CA GLY A 163 13.64 -33.56 15.55
C GLY A 163 14.50 -33.88 14.33
N GLU A 164 13.86 -34.37 13.27
CA GLU A 164 14.52 -34.79 12.03
C GLU A 164 15.21 -33.62 11.31
N ILE A 165 16.48 -33.81 10.96
CA ILE A 165 17.25 -32.80 10.21
C ILE A 165 17.42 -33.20 8.73
N TYR A 166 17.13 -32.27 7.83
CA TYR A 166 16.98 -32.57 6.39
C TYR A 166 18.13 -32.13 5.49
N GLU A 167 19.00 -31.26 5.99
CA GLU A 167 20.08 -30.72 5.17
C GLU A 167 21.37 -30.60 5.94
N SER A 168 22.43 -30.29 5.21
CA SER A 168 23.70 -29.94 5.79
C SER A 168 24.05 -28.48 5.40
N ALA A 169 25.10 -27.95 6.03
CA ALA A 169 25.49 -26.54 5.90
C ALA A 169 25.78 -26.04 4.47
N GLN A 170 26.47 -26.86 3.67
CA GLN A 170 26.83 -26.42 2.31
C GLN A 170 25.62 -26.34 1.37
N PHE A 171 24.58 -27.13 1.65
CA PHE A 171 23.34 -27.04 0.90
C PHE A 171 22.58 -25.79 1.27
N LEU A 172 22.63 -25.43 2.55
CA LEU A 172 22.07 -24.17 3.02
C LEU A 172 22.69 -23.02 2.23
N TYR A 173 24.02 -22.97 2.20
CA TYR A 173 24.78 -21.85 1.66
C TYR A 173 24.60 -21.69 0.15
N ILE A 174 24.68 -22.81 -0.57
CA ILE A 174 24.51 -22.82 -2.02
C ILE A 174 23.07 -22.43 -2.40
N LEU A 175 22.09 -22.87 -1.64
CA LEU A 175 20.70 -22.55 -1.97
C LEU A 175 20.25 -21.11 -1.60
N VAL A 176 20.79 -20.58 -0.51
CA VAL A 176 20.63 -19.16 -0.21
C VAL A 176 21.16 -18.36 -1.41
N ALA A 177 22.39 -18.68 -1.84
CA ALA A 177 23.03 -18.07 -3.02
C ALA A 177 22.19 -18.19 -4.30
N ALA A 178 21.76 -19.42 -4.59
CA ALA A 178 20.90 -19.67 -5.74
C ALA A 178 19.61 -18.86 -5.71
N CYS A 179 19.00 -18.72 -4.52
CA CYS A 179 17.75 -17.97 -4.41
C CYS A 179 17.92 -16.48 -4.62
N LEU A 180 18.93 -15.90 -3.98
CA LEU A 180 19.11 -14.45 -4.03
C LEU A 180 19.49 -13.97 -5.45
N PHE A 181 20.25 -14.79 -6.17
CA PHE A 181 20.72 -14.45 -7.51
C PHE A 181 19.92 -15.08 -8.66
N SER A 182 18.75 -15.64 -8.36
CA SER A 182 17.96 -16.39 -9.35
C SER A 182 17.47 -15.57 -10.55
N ASN A 183 17.12 -14.30 -10.31
CA ASN A 183 16.69 -13.39 -11.39
C ASN A 183 17.82 -12.76 -12.20
N TYR A 184 19.04 -13.21 -11.97
CA TYR A 184 20.17 -12.69 -12.73
C TYR A 184 20.24 -13.35 -14.11
N PRO A 185 20.77 -12.64 -15.12
CA PRO A 185 20.78 -13.24 -16.45
C PRO A 185 21.74 -14.42 -16.54
N ARG A 186 21.49 -15.33 -17.48
CA ARG A 186 22.27 -16.58 -17.61
C ARG A 186 23.75 -16.34 -17.80
N GLU A 187 24.12 -15.19 -18.37
CA GLU A 187 25.54 -14.90 -18.60
C GLU A 187 26.32 -14.67 -17.31
N THR A 188 25.66 -14.18 -16.27
CA THR A 188 26.35 -13.91 -14.99
C THR A 188 25.90 -14.75 -13.79
N ARG A 189 24.67 -15.27 -13.84
CA ARG A 189 24.00 -15.88 -12.70
C ARG A 189 24.82 -16.87 -11.88
N LEU A 190 25.22 -17.99 -12.48
CA LEU A 190 25.99 -19.00 -11.76
C LEU A 190 27.40 -18.57 -11.37
N GLN A 191 27.89 -17.47 -11.95
CA GLN A 191 29.17 -16.94 -11.49
C GLN A 191 28.98 -16.22 -10.16
N TYR A 192 27.89 -15.46 -10.04
CA TYR A 192 27.48 -14.83 -8.79
C TYR A 192 27.17 -15.86 -7.69
N VAL A 193 26.34 -16.85 -8.03
CA VAL A 193 26.06 -17.98 -7.16
C VAL A 193 27.33 -18.60 -6.62
N LYS A 194 28.27 -18.96 -7.49
CA LYS A 194 29.53 -19.56 -7.04
C LYS A 194 30.29 -18.61 -6.11
N ARG A 195 30.43 -17.35 -6.50
CA ARG A 195 31.19 -16.38 -5.72
C ARG A 195 30.55 -16.05 -4.36
N PHE A 196 29.22 -15.97 -4.30
CA PHE A 196 28.54 -15.68 -3.06
C PHE A 196 28.62 -16.89 -2.15
N TYR A 197 28.35 -18.08 -2.72
CA TYR A 197 28.53 -19.34 -2.01
C TYR A 197 29.90 -19.43 -1.35
N ASP A 198 30.96 -19.11 -2.10
CA ASP A 198 32.31 -19.15 -1.60
C ASP A 198 32.55 -18.14 -0.47
N ALA A 199 31.97 -16.95 -0.60
CA ALA A 199 32.16 -15.90 0.40
C ALA A 199 31.49 -16.29 1.73
N VAL A 200 30.26 -16.79 1.67
CA VAL A 200 29.56 -17.12 2.89
C VAL A 200 30.06 -18.42 3.54
N SER A 201 30.34 -19.43 2.71
CA SER A 201 30.81 -20.75 3.19
C SER A 201 32.23 -20.72 3.73
N THR A 202 32.99 -19.67 3.41
CA THR A 202 34.32 -19.50 4.00
C THR A 202 34.34 -18.33 5.00
N PHE A 203 33.15 -17.92 5.43
CA PHE A 203 32.95 -16.98 6.55
C PHE A 203 33.33 -15.52 6.29
N LYS A 204 33.55 -15.14 5.03
CA LYS A 204 33.88 -13.74 4.72
C LYS A 204 32.67 -12.83 4.86
N ILE A 205 31.48 -13.37 4.60
CA ILE A 205 30.24 -12.63 4.72
C ILE A 205 29.31 -13.39 5.67
N SER A 206 28.71 -12.66 6.62
CA SER A 206 27.72 -13.18 7.58
C SER A 206 26.32 -12.73 7.27
N LEU A 207 25.37 -13.65 7.34
CA LEU A 207 24.01 -13.31 7.06
C LEU A 207 23.13 -13.43 8.31
N PRO A 208 22.12 -12.57 8.45
CA PRO A 208 21.25 -12.69 9.60
C PRO A 208 20.42 -13.99 9.63
N THR A 209 19.95 -14.32 10.82
CA THR A 209 19.24 -15.56 11.10
C THR A 209 18.01 -15.78 10.21
N PRO A 210 17.17 -14.75 10.01
CA PRO A 210 16.01 -15.00 9.16
C PRO A 210 16.36 -15.41 7.73
N ILE A 211 17.50 -14.90 7.21
CA ILE A 211 17.97 -15.27 5.87
C ILE A 211 18.50 -16.70 5.85
N MET A 212 19.43 -16.97 6.77
CA MET A 212 20.04 -18.27 6.91
C MET A 212 19.05 -19.42 7.14
N SER A 213 17.95 -19.15 7.81
CA SER A 213 17.01 -20.22 8.12
C SER A 213 15.92 -20.29 7.08
N GLY A 214 15.69 -19.18 6.40
CA GLY A 214 14.51 -19.04 5.56
C GLY A 214 14.68 -19.01 4.05
N VAL A 215 15.80 -18.47 3.56
CA VAL A 215 15.97 -18.30 2.11
C VAL A 215 16.30 -19.65 1.46
N ARG A 216 15.31 -20.18 0.74
CA ARG A 216 15.33 -21.52 0.09
C ARG A 216 14.01 -22.24 0.42
N THR A 217 13.33 -21.74 1.45
CA THR A 217 12.09 -22.33 1.98
C THR A 217 10.87 -21.53 1.51
N PRO A 218 9.65 -22.10 1.66
CA PRO A 218 8.43 -21.40 1.23
C PRO A 218 8.15 -20.01 1.88
N THR A 219 8.87 -19.65 2.93
CA THR A 219 8.58 -18.39 3.61
C THR A 219 9.11 -17.18 2.85
N ARG A 220 8.47 -16.03 3.06
CA ARG A 220 8.98 -14.75 2.57
C ARG A 220 9.14 -13.74 3.70
N GLN A 221 9.13 -14.23 4.93
CA GLN A 221 9.27 -13.41 6.13
C GLN A 221 10.73 -13.27 6.52
N PHE A 222 11.35 -12.18 6.09
CA PHE A 222 12.79 -11.99 6.31
C PHE A 222 13.14 -10.69 7.03
N SER A 223 12.15 -9.84 7.28
CA SER A 223 12.38 -8.54 7.90
C SER A 223 12.43 -8.65 9.42
N SER A 224 13.61 -8.38 9.98
CA SER A 224 13.80 -8.46 11.43
C SER A 224 13.99 -7.10 12.12
N CYS A 225 13.84 -6.00 11.39
CA CYS A 225 14.25 -4.67 11.86
C CYS A 225 13.33 -3.59 11.30
N VAL A 226 12.38 -3.11 12.10
CA VAL A 226 11.39 -2.14 11.63
C VAL A 226 11.31 -0.85 12.49
N LEU A 227 11.12 0.29 11.85
CA LEU A 227 11.06 1.60 12.52
C LEU A 227 9.73 2.26 12.20
N ILE A 228 8.91 2.45 13.23
CA ILE A 228 7.61 3.11 13.13
C ILE A 228 7.60 4.41 13.93
N GLU A 229 7.13 5.49 13.30
CA GLU A 229 6.98 6.77 13.96
C GLU A 229 5.49 7.00 14.23
N CYS A 230 5.18 7.27 15.50
CA CYS A 230 3.79 7.54 15.90
C CYS A 230 3.46 9.02 15.80
N GLY A 231 2.30 9.32 15.22
CA GLY A 231 1.82 10.70 15.20
C GLY A 231 0.93 10.95 16.41
N ASP A 232 0.74 12.23 16.75
CA ASP A 232 -0.09 12.65 17.89
C ASP A 232 -1.60 12.61 17.59
N SER A 233 -2.15 11.42 17.42
CA SER A 233 -3.59 11.25 17.23
C SER A 233 -3.91 9.80 17.53
N LEU A 234 -5.18 9.53 17.82
CA LEU A 234 -5.66 8.18 18.09
C LEU A 234 -5.56 7.28 16.87
N ASP A 235 -5.82 7.85 15.70
CA ASP A 235 -5.74 7.13 14.43
C ASP A 235 -4.32 6.63 14.18
N SER A 236 -3.34 7.47 14.49
CA SER A 236 -1.92 7.11 14.36
C SER A 236 -1.45 6.13 15.43
N ILE A 237 -1.88 6.35 16.67
CA ILE A 237 -1.57 5.41 17.74
C ILE A 237 -2.14 4.01 17.43
N ASN A 238 -3.37 3.97 16.93
CA ASN A 238 -3.98 2.71 16.53
C ASN A 238 -3.23 2.04 15.38
N ALA A 239 -2.83 2.83 14.40
CA ALA A 239 -2.07 2.33 13.24
C ALA A 239 -0.71 1.79 13.66
N THR A 240 0.00 2.56 14.47
CA THR A 240 1.29 2.16 15.03
C THR A 240 1.17 0.81 15.74
N SER A 241 0.21 0.71 16.65
CA SER A 241 -0.04 -0.52 17.41
C SER A 241 -0.38 -1.71 16.49
N SER A 242 -1.22 -1.50 15.48
CA SER A 242 -1.55 -2.56 14.51
C SER A 242 -0.33 -3.07 13.74
N ALA A 243 0.47 -2.13 13.24
CA ALA A 243 1.73 -2.42 12.52
C ALA A 243 2.74 -3.17 13.37
N ILE A 244 2.85 -2.79 14.66
CA ILE A 244 3.72 -3.50 15.61
C ILE A 244 3.28 -4.97 15.77
N VAL A 245 1.98 -5.19 15.94
CA VAL A 245 1.43 -6.52 16.14
C VAL A 245 1.73 -7.42 14.93
N LYS A 246 1.51 -6.88 13.73
CA LYS A 246 1.79 -7.58 12.47
C LYS A 246 3.26 -7.98 12.40
N TYR A 247 4.14 -7.02 12.69
CA TYR A 247 5.57 -7.26 12.60
C TYR A 247 6.16 -8.14 13.68
N VAL A 248 5.72 -7.99 14.94
CA VAL A 248 6.17 -8.92 15.98
C VAL A 248 5.65 -10.34 15.80
N SER A 249 4.49 -10.50 15.16
CA SER A 249 4.06 -11.86 14.84
C SER A 249 5.06 -12.57 13.93
N GLN A 250 5.82 -11.80 13.15
CA GLN A 250 6.88 -12.36 12.30
C GLN A 250 8.27 -12.21 12.93
N ARG A 251 8.30 -11.90 14.21
CA ARG A 251 9.54 -11.94 15.00
C ARG A 251 10.50 -10.76 14.76
N ALA A 252 10.00 -9.66 14.21
CA ALA A 252 10.80 -8.46 14.04
C ALA A 252 11.04 -7.70 15.35
N GLY A 253 12.24 -7.14 15.49
CA GLY A 253 12.52 -6.11 16.50
C GLY A 253 12.04 -4.75 16.01
N ILE A 254 11.57 -3.91 16.95
CA ILE A 254 10.89 -2.65 16.62
C ILE A 254 11.56 -1.42 17.26
N GLY A 255 11.68 -0.33 16.50
CA GLY A 255 12.00 0.96 17.05
C GLY A 255 10.74 1.79 16.93
N ILE A 256 10.25 2.34 18.04
CA ILE A 256 9.04 3.15 18.02
C ILE A 256 9.39 4.56 18.44
N ASN A 257 9.09 5.52 17.58
CA ASN A 257 9.16 6.92 17.97
C ASN A 257 7.77 7.36 18.46
N ALA A 258 7.66 7.66 19.76
CA ALA A 258 6.39 8.13 20.33
C ALA A 258 6.51 9.53 20.99
N GLY A 259 7.62 10.20 20.72
CA GLY A 259 7.91 11.52 21.24
C GLY A 259 6.97 12.66 20.87
N ARG A 260 6.14 12.46 19.85
CA ARG A 260 5.14 13.46 19.44
C ARG A 260 3.83 13.40 20.22
N ILE A 261 3.56 12.30 20.91
CA ILE A 261 2.33 12.21 21.73
C ILE A 261 2.35 13.32 22.80
N ARG A 262 1.27 14.09 22.89
CA ARG A 262 1.22 15.25 23.80
C ARG A 262 1.24 14.83 25.28
N ALA A 263 1.73 15.72 26.14
CA ALA A 263 1.88 15.40 27.55
C ALA A 263 0.55 15.36 28.30
N LEU A 264 0.53 14.54 29.34
CA LEU A 264 -0.48 14.59 30.38
C LEU A 264 -0.89 16.04 30.69
N GLY A 265 -2.19 16.32 30.58
CA GLY A 265 -2.75 17.62 30.93
C GLY A 265 -3.10 18.53 29.77
N SER A 266 -2.67 18.16 28.56
CA SER A 266 -2.84 19.03 27.39
C SER A 266 -4.31 19.13 26.97
N PRO A 267 -4.73 20.32 26.45
CA PRO A 267 -6.11 20.65 26.06
C PRO A 267 -6.95 19.46 25.58
N PHE A 274 -4.42 11.74 25.01
CA PHE A 274 -3.12 12.36 25.29
C PHE A 274 -3.27 13.41 26.38
N HIS A 275 -4.50 13.92 26.57
CA HIS A 275 -4.92 14.60 27.80
C HIS A 275 -4.52 13.78 29.04
N THR A 276 -4.74 12.46 28.99
CA THR A 276 -4.28 11.53 30.05
C THR A 276 -2.80 11.09 29.90
N GLY A 277 -2.18 11.49 28.79
CA GLY A 277 -0.73 11.41 28.69
C GLY A 277 -0.14 10.25 27.91
N CYS A 278 1.19 10.27 27.84
CA CYS A 278 1.99 9.30 27.09
C CYS A 278 1.94 7.89 27.63
N ILE A 279 2.07 7.73 28.95
CA ILE A 279 2.33 6.43 29.57
C ILE A 279 1.27 5.37 29.28
N PRO A 280 -0.04 5.72 29.41
CA PRO A 280 -1.02 4.72 28.99
C PRO A 280 -0.86 4.23 27.53
N PHE A 281 -0.40 5.10 26.64
CA PHE A 281 -0.13 4.70 25.25
C PHE A 281 1.15 3.87 25.11
N TYR A 282 2.17 4.16 25.91
CA TYR A 282 3.39 3.35 25.94
C TYR A 282 3.07 1.92 26.41
N LYS A 283 2.20 1.82 27.42
CA LYS A 283 1.68 0.53 27.92
C LYS A 283 1.02 -0.25 26.79
N HIS A 284 0.25 0.47 25.97
CA HIS A 284 -0.42 -0.13 24.81
C HIS A 284 0.57 -0.57 23.72
N PHE A 285 1.64 0.19 23.51
CA PHE A 285 2.71 -0.26 22.60
C PHE A 285 3.41 -1.48 23.14
N GLN A 286 3.66 -1.51 24.44
CA GLN A 286 4.31 -2.67 25.07
C GLN A 286 3.52 -3.97 24.90
N THR A 287 2.21 -3.91 25.08
CA THR A 287 1.35 -5.08 24.86
C THR A 287 1.23 -5.44 23.37
N ALA A 288 1.30 -4.45 22.48
CA ALA A 288 1.40 -4.74 21.04
C ALA A 288 2.70 -5.51 20.77
N VAL A 289 3.82 -5.02 21.32
CA VAL A 289 5.14 -5.62 21.17
C VAL A 289 5.16 -7.06 21.68
N LYS A 290 4.44 -7.32 22.76
CA LYS A 290 4.45 -8.63 23.41
C LYS A 290 3.25 -9.49 23.06
N SER A 291 2.37 -8.97 22.20
CA SER A 291 1.16 -9.68 21.75
C SER A 291 1.38 -11.12 21.26
N CYS A 292 2.58 -11.39 20.75
CA CYS A 292 2.87 -12.69 20.17
C CYS A 292 4.00 -13.42 20.92
N SER A 293 4.07 -13.21 22.22
CA SER A 293 5.11 -13.81 23.06
C SER A 293 4.54 -14.83 24.06
N GLN A 294 5.13 -16.03 24.05
CA GLN A 294 4.87 -17.14 24.99
C GLN A 294 3.90 -16.86 26.15
N GLY A 295 4.37 -16.11 27.15
CA GLY A 295 3.53 -15.68 28.28
C GLY A 295 3.77 -14.24 28.69
N GLY A 296 3.63 -13.32 27.73
CA GLY A 296 3.77 -11.88 27.94
C GLY A 296 5.17 -11.27 28.05
N VAL A 297 6.20 -12.06 27.73
CA VAL A 297 7.61 -11.62 27.84
C VAL A 297 8.62 -12.30 26.90
N ARG A 298 8.44 -13.59 26.63
CA ARG A 298 9.41 -14.38 25.86
C ARG A 298 9.26 -14.25 24.33
N GLY A 299 10.11 -13.43 23.72
CA GLY A 299 9.95 -12.97 22.33
C GLY A 299 9.40 -11.55 22.33
N GLY A 300 9.44 -10.89 21.17
CA GLY A 300 8.88 -9.53 21.01
C GLY A 300 9.70 -8.45 21.72
N ALA A 301 10.40 -7.62 20.93
CA ALA A 301 11.26 -6.59 21.52
C ALA A 301 11.17 -5.23 20.84
N ALA A 302 11.23 -4.17 21.65
CA ALA A 302 11.15 -2.79 21.16
C ALA A 302 11.98 -1.83 21.98
N THR A 303 12.39 -0.77 21.31
CA THR A 303 12.95 0.43 21.95
C THR A 303 12.08 1.61 21.53
N LEU A 304 11.69 2.43 22.49
CA LEU A 304 10.89 3.61 22.25
C LEU A 304 11.70 4.89 22.49
N PHE A 305 11.50 5.87 21.60
CA PHE A 305 12.29 7.09 21.53
C PHE A 305 11.45 8.30 21.90
N TYR A 306 12.07 9.23 22.64
CA TYR A 306 11.42 10.49 22.96
C TYR A 306 12.49 11.56 23.19
N PRO A 307 12.15 12.84 22.94
CA PRO A 307 13.13 13.89 23.18
C PRO A 307 13.31 14.19 24.67
N MET A 308 14.53 14.56 25.06
CA MET A 308 14.86 14.90 26.44
C MET A 308 14.02 16.07 27.00
N TRP A 309 13.53 16.94 26.11
CA TRP A 309 12.83 18.14 26.54
C TRP A 309 11.32 17.96 26.68
N HIS A 310 10.84 16.73 26.50
CA HIS A 310 9.41 16.44 26.59
C HIS A 310 8.91 16.74 27.99
N LEU A 311 7.70 17.30 28.08
CA LEU A 311 7.17 17.69 29.39
C LEU A 311 7.12 16.56 30.41
N GLU A 312 6.86 15.33 29.94
CA GLU A 312 6.76 14.15 30.83
C GLU A 312 8.07 13.40 31.04
N VAL A 313 9.19 13.95 30.56
CA VAL A 313 10.48 13.21 30.55
C VAL A 313 10.90 12.57 31.88
N GLU A 314 10.66 13.27 32.99
CA GLU A 314 11.06 12.76 34.31
C GLU A 314 10.33 11.46 34.69
N SER A 315 9.06 11.38 34.30
CA SER A 315 8.25 10.15 34.41
C SER A 315 8.65 9.08 33.39
N LEU A 316 8.96 9.51 32.17
CA LEU A 316 9.42 8.59 31.11
C LEU A 316 10.77 7.93 31.43
N LEU A 317 11.70 8.69 31.98
CA LEU A 317 13.03 8.21 32.39
C LEU A 317 13.03 7.04 33.37
N VAL A 318 11.99 6.97 34.21
CA VAL A 318 11.95 5.97 35.30
C VAL A 318 11.04 4.79 34.99
N LEU A 319 10.55 4.70 33.75
CA LEU A 319 9.61 3.65 33.33
C LEU A 319 10.03 2.20 33.57
N LYS A 320 11.34 1.92 33.63
CA LYS A 320 11.73 0.54 33.94
C LYS A 320 12.35 0.29 35.34
N ASN A 321 12.25 1.28 36.22
CA ASN A 321 12.50 1.10 37.67
C ASN A 321 11.68 -0.05 38.23
N ASN A 322 12.33 -0.99 38.92
CA ASN A 322 11.63 -2.06 39.66
C ASN A 322 10.75 -1.49 40.77
N ARG A 323 11.22 -0.39 41.39
CA ARG A 323 10.49 0.32 42.43
C ARG A 323 9.54 1.34 41.80
N GLY A 324 8.27 1.27 42.16
CA GLY A 324 7.28 2.28 41.75
C GLY A 324 5.89 1.70 41.59
N VAL A 325 4.88 2.57 41.48
CA VAL A 325 3.52 2.09 41.27
C VAL A 325 3.29 1.65 39.80
N GLU A 326 2.43 0.64 39.62
CA GLU A 326 2.27 -0.10 38.37
C GLU A 326 1.80 0.71 37.17
N GLY A 327 1.11 1.83 37.42
CA GLY A 327 0.63 2.69 36.34
C GLY A 327 1.63 3.80 36.02
N ASN A 328 2.82 3.68 36.60
CA ASN A 328 3.94 4.58 36.34
C ASN A 328 5.09 3.80 35.70
N ARG A 329 4.84 2.54 35.36
CA ARG A 329 5.91 1.66 34.91
C ARG A 329 5.56 0.95 33.60
N VAL A 330 6.51 0.97 32.66
CA VAL A 330 6.41 0.25 31.40
C VAL A 330 7.78 -0.41 31.20
N ARG A 331 7.98 -1.53 31.90
CA ARG A 331 9.31 -2.09 32.15
C ARG A 331 9.91 -2.99 31.06
N HIS A 332 9.09 -3.45 30.13
CA HIS A 332 9.55 -4.43 29.14
C HIS A 332 9.69 -3.85 27.72
N MET A 333 9.99 -2.57 27.62
CA MET A 333 10.52 -1.96 26.41
C MET A 333 11.78 -1.25 26.87
N ASP A 334 12.72 -1.03 25.97
CA ASP A 334 13.88 -0.18 26.26
C ASP A 334 13.58 1.21 25.75
N TYR A 335 14.42 2.18 26.10
CA TYR A 335 14.16 3.59 25.82
C TYR A 335 15.39 4.29 25.25
N GLY A 336 15.13 5.24 24.34
CA GLY A 336 16.16 6.04 23.70
C GLY A 336 15.86 7.50 23.92
N VAL A 337 16.68 8.18 24.70
CA VAL A 337 16.51 9.59 24.99
C VAL A 337 17.24 10.41 23.91
N GLN A 338 16.50 11.33 23.30
CA GLN A 338 17.04 12.14 22.19
C GLN A 338 17.55 13.48 22.70
N ILE A 339 18.80 13.75 22.36
CA ILE A 339 19.54 14.90 22.86
C ILE A 339 20.21 15.59 21.66
N ASN A 340 20.36 16.92 21.74
CA ASN A 340 21.15 17.68 20.79
C ASN A 340 22.14 18.61 21.50
N LYS A 341 22.89 19.42 20.74
CA LYS A 341 23.92 20.29 21.34
C LYS A 341 23.38 21.22 22.42
N LEU A 342 22.25 21.86 22.14
CA LEU A 342 21.69 22.82 23.07
C LEU A 342 21.49 22.22 24.48
N MET A 343 20.95 21.00 24.55
CA MET A 343 20.76 20.30 25.83
C MET A 343 22.08 20.15 26.57
N TYR A 344 23.11 19.71 25.84
CA TYR A 344 24.41 19.48 26.44
C TYR A 344 25.03 20.79 26.93
N THR A 345 24.78 21.88 26.18
CA THR A 345 25.30 23.19 26.53
C THR A 345 24.71 23.67 27.88
N ARG A 346 23.42 23.41 28.09
CA ARG A 346 22.76 23.70 29.36
C ARG A 346 23.41 22.96 30.53
N LEU A 347 23.84 21.72 30.27
CA LEU A 347 24.58 20.92 31.24
C LEU A 347 25.90 21.60 31.61
N LEU A 348 26.71 21.93 30.59
CA LEU A 348 28.06 22.46 30.81
C LEU A 348 28.01 23.80 31.53
N LYS A 349 27.08 24.65 31.12
CA LYS A 349 26.92 25.98 31.67
C LYS A 349 26.14 26.01 32.99
N GLY A 350 25.72 24.84 33.49
CA GLY A 350 24.99 24.76 34.76
C GLY A 350 23.65 25.50 34.76
N GLU A 351 23.02 25.57 33.59
CA GLU A 351 21.74 26.25 33.42
C GLU A 351 20.56 25.28 33.48
N ASP A 352 19.37 25.78 33.15
CA ASP A 352 18.16 24.98 33.14
C ASP A 352 17.83 24.44 31.75
N ILE A 353 17.04 23.38 31.75
CA ILE A 353 16.40 22.86 30.54
C ILE A 353 14.90 23.05 30.76
N THR A 354 14.24 23.68 29.80
CA THR A 354 12.81 23.85 29.84
C THR A 354 12.12 22.69 29.13
N LEU A 355 11.06 22.18 29.73
CA LEU A 355 10.33 21.06 29.16
C LEU A 355 9.05 21.55 28.51
N PHE A 356 8.70 21.00 27.35
CA PHE A 356 7.43 21.33 26.70
C PHE A 356 6.71 20.06 26.20
N SER A 357 5.39 20.13 26.14
CA SER A 357 4.63 19.21 25.34
C SER A 357 4.82 19.64 23.89
N PRO A 358 5.11 18.69 22.98
CA PRO A 358 5.30 18.97 21.54
C PRO A 358 4.11 19.68 20.89
N SER A 359 2.91 19.43 21.41
CA SER A 359 1.65 20.05 20.95
C SER A 359 1.58 21.57 21.15
N ASP A 360 2.34 22.10 22.11
CA ASP A 360 2.31 23.52 22.45
C ASP A 360 3.37 24.38 21.75
N VAL A 361 4.23 23.75 20.95
CA VAL A 361 5.46 24.41 20.47
C VAL A 361 5.71 24.27 18.96
N PRO A 362 4.98 25.05 18.13
CA PRO A 362 4.99 24.84 16.67
C PRO A 362 6.39 24.83 16.07
N GLY A 363 6.71 23.76 15.34
CA GLY A 363 7.98 23.67 14.63
C GLY A 363 9.18 23.25 15.45
N LEU A 364 9.05 23.23 16.77
CA LEU A 364 10.16 22.88 17.67
C LEU A 364 10.68 21.46 17.46
N TYR A 365 9.75 20.50 17.44
CA TYR A 365 10.04 19.08 17.27
C TYR A 365 10.74 18.80 15.95
N ASP A 366 10.22 19.37 14.86
CA ASP A 366 10.81 19.21 13.54
C ASP A 366 12.22 19.75 13.52
N ALA A 367 12.40 20.94 14.10
CA ALA A 367 13.67 21.65 14.08
C ALA A 367 14.70 20.92 14.92
N PHE A 368 14.22 20.21 15.93
CA PHE A 368 15.07 19.45 16.86
C PHE A 368 15.95 18.45 16.10
N PHE A 369 15.37 17.83 15.06
CA PHE A 369 16.09 16.88 14.25
C PHE A 369 16.81 17.54 13.06
N ALA A 370 16.08 18.41 12.35
CA ALA A 370 16.47 18.91 11.03
C ALA A 370 17.29 20.20 10.95
N ASP A 371 17.30 21.02 12.01
CA ASP A 371 17.84 22.39 11.91
C ASP A 371 18.16 22.97 13.28
N GLN A 372 19.43 22.92 13.68
CA GLN A 372 19.80 23.29 15.06
C GLN A 372 19.71 24.78 15.41
N GLU A 373 19.87 25.64 14.41
CA GLU A 373 19.76 27.09 14.60
C GLU A 373 18.30 27.45 14.80
N GLU A 374 17.45 26.88 13.96
CA GLU A 374 16.01 27.07 14.08
C GLU A 374 15.48 26.56 15.42
N PHE A 375 16.01 25.41 15.88
CA PHE A 375 15.69 24.89 17.22
C PHE A 375 16.06 25.88 18.34
N GLU A 376 17.30 26.35 18.33
CA GLU A 376 17.76 27.40 19.25
C GLU A 376 16.81 28.59 19.26
N ARG A 377 16.49 29.09 18.06
CA ARG A 377 15.65 30.26 17.87
C ARG A 377 14.22 30.04 18.40
N LEU A 378 13.63 28.89 18.11
CA LEU A 378 12.30 28.55 18.60
C LEU A 378 12.27 28.23 20.10
N TYR A 379 13.31 27.54 20.56
CA TYR A 379 13.41 27.12 21.94
C TYR A 379 13.51 28.32 22.88
N THR A 380 14.51 29.17 22.65
CA THR A 380 14.66 30.38 23.45
C THR A 380 13.41 31.25 23.36
N LYS A 381 12.83 31.37 22.17
CA LYS A 381 11.57 32.09 21.94
C LYS A 381 10.42 31.55 22.78
N TYR A 382 10.24 30.23 22.77
CA TYR A 382 9.21 29.58 23.58
C TYR A 382 9.51 29.59 25.07
N GLU A 383 10.78 29.62 25.44
CA GLU A 383 11.17 29.75 26.84
C GLU A 383 10.72 31.09 27.42
N LYS A 384 10.79 32.14 26.58
CA LYS A 384 10.48 33.52 26.99
C LYS A 384 8.99 33.83 27.00
N ASP A 385 8.19 33.00 26.32
CA ASP A 385 6.75 33.20 26.17
C ASP A 385 5.96 32.64 27.36
N ASP A 386 5.30 33.56 28.09
CA ASP A 386 4.54 33.27 29.33
C ASP A 386 3.32 32.38 29.12
N SER A 387 2.72 32.48 27.93
CA SER A 387 1.51 31.74 27.60
C SER A 387 1.73 30.26 27.28
N ILE A 388 2.97 29.83 27.08
CA ILE A 388 3.25 28.43 26.77
C ILE A 388 3.46 27.66 28.07
N ARG A 389 2.70 26.58 28.25
CA ARG A 389 2.94 25.63 29.35
C ARG A 389 4.36 25.08 29.24
N LYS A 390 5.04 25.02 30.38
CA LYS A 390 6.43 24.60 30.43
C LYS A 390 6.82 24.28 31.86
N GLN A 391 7.86 23.49 32.01
CA GLN A 391 8.46 23.29 33.30
C GLN A 391 9.96 23.41 33.19
N ARG A 392 10.58 24.08 34.16
CA ARG A 392 12.02 24.21 34.19
C ARG A 392 12.58 23.20 35.17
N VAL A 393 13.72 22.62 34.80
CA VAL A 393 14.47 21.73 35.70
C VAL A 393 15.94 22.01 35.47
N LYS A 394 16.77 21.70 36.46
CA LYS A 394 18.21 21.84 36.28
C LYS A 394 18.66 20.81 35.27
N ALA A 395 19.43 21.25 34.28
CA ALA A 395 20.12 20.36 33.34
C ALA A 395 20.92 19.25 34.05
N VAL A 396 21.63 19.62 35.12
CA VAL A 396 22.42 18.66 35.89
C VAL A 396 21.56 17.57 36.55
N GLU A 397 20.36 17.96 36.98
CA GLU A 397 19.42 17.03 37.61
C GLU A 397 18.76 16.08 36.60
N LEU A 398 18.39 16.61 35.44
CA LEU A 398 17.79 15.81 34.36
C LEU A 398 18.80 14.79 33.80
N PHE A 399 20.01 15.27 33.50
CA PHE A 399 21.09 14.41 33.03
C PHE A 399 21.48 13.30 34.01
N SER A 400 21.50 13.61 35.31
CA SER A 400 21.84 12.63 36.35
C SER A 400 20.77 11.58 36.50
N LEU A 401 19.50 12.00 36.43
CA LEU A 401 18.38 11.05 36.50
C LEU A 401 18.44 10.07 35.32
N MET A 402 18.73 10.59 34.13
CA MET A 402 18.87 9.78 32.92
C MET A 402 19.99 8.77 33.08
N MET A 403 21.14 9.27 33.52
CA MET A 403 22.33 8.44 33.66
C MET A 403 22.18 7.41 34.78
N GLN A 404 21.49 7.79 35.85
CA GLN A 404 21.20 6.87 36.96
C GLN A 404 20.34 5.72 36.44
N GLU A 405 19.28 6.05 35.72
CA GLU A 405 18.42 5.04 35.05
C GLU A 405 19.16 4.23 33.99
N ARG A 406 20.00 4.89 33.20
CA ARG A 406 20.88 4.16 32.29
C ARG A 406 21.75 3.16 33.05
N ALA A 407 22.39 3.61 34.13
CA ALA A 407 23.30 2.77 34.92
C ALA A 407 22.64 1.58 35.60
N SER A 408 21.45 1.78 36.17
CA SER A 408 20.78 0.68 36.90
C SER A 408 20.17 -0.41 36.01
N THR A 409 19.69 -0.05 34.82
CA THR A 409 19.13 -1.03 33.87
C THR A 409 20.05 -1.38 32.71
N GLY A 410 20.94 -0.45 32.36
CA GLY A 410 21.74 -0.55 31.14
C GLY A 410 20.96 -0.32 29.84
N ARG A 411 19.64 -0.06 29.96
CA ARG A 411 18.72 -0.05 28.82
C ARG A 411 18.06 1.29 28.56
N ILE A 412 18.64 2.36 29.10
CA ILE A 412 18.23 3.70 28.72
C ILE A 412 19.33 4.18 27.80
N TYR A 413 18.96 4.41 26.54
CA TYR A 413 19.90 4.69 25.47
C TYR A 413 19.88 6.16 25.12
N ILE A 414 20.94 6.59 24.45
CA ILE A 414 21.10 7.98 24.00
C ILE A 414 21.12 8.04 22.48
N GLN A 415 20.36 8.97 21.91
CA GLN A 415 20.47 9.32 20.50
C GLN A 415 20.79 10.82 20.32
N ASN A 416 21.95 11.11 19.74
CA ASN A 416 22.35 12.48 19.42
C ASN A 416 21.74 12.88 18.10
N VAL A 417 20.57 13.51 18.14
CA VAL A 417 19.77 13.69 16.92
C VAL A 417 20.33 14.72 15.96
N ASP A 418 21.13 15.66 16.47
CA ASP A 418 21.86 16.56 15.58
C ASP A 418 22.89 15.79 14.75
N HIS A 419 23.74 15.00 15.43
CA HIS A 419 24.73 14.16 14.74
C HIS A 419 24.09 13.25 13.68
N CYS A 420 22.88 12.76 13.96
CA CYS A 420 22.16 11.86 13.08
C CYS A 420 21.72 12.54 11.80
N ASN A 421 21.69 13.87 11.83
CA ASN A 421 21.18 14.64 10.71
C ASN A 421 22.20 15.56 10.05
N THR A 422 23.26 15.92 10.76
CA THR A 422 24.33 16.72 10.13
C THR A 422 25.34 15.83 9.45
N HIS A 423 25.43 14.59 9.93
CA HIS A 423 26.32 13.59 9.35
C HIS A 423 25.47 12.38 8.94
N SER A 424 25.02 12.38 7.69
CA SER A 424 23.90 11.55 7.30
C SER A 424 23.80 11.41 5.77
N PRO A 425 23.40 10.23 5.29
CA PRO A 425 23.06 10.06 3.89
C PRO A 425 21.76 10.77 3.48
N PHE A 426 21.06 11.36 4.44
CA PHE A 426 19.74 11.96 4.17
C PHE A 426 19.71 13.49 4.35
N ASP A 427 19.03 14.19 3.45
CA ASP A 427 18.78 15.63 3.60
C ASP A 427 17.65 15.81 4.61
N PRO A 428 17.95 16.35 5.80
CA PRO A 428 16.97 16.48 6.90
C PRO A 428 15.84 17.47 6.61
N ALA A 429 16.02 18.30 5.59
CA ALA A 429 14.95 19.19 5.14
C ALA A 429 13.84 18.38 4.44
N ILE A 430 14.20 17.20 3.94
CA ILE A 430 13.31 16.35 3.15
C ILE A 430 13.02 15.01 3.86
N ALA A 431 14.06 14.43 4.44
CA ALA A 431 13.99 13.07 4.99
C ALA A 431 14.85 12.97 6.24
N PRO A 432 14.41 13.64 7.33
CA PRO A 432 15.19 13.60 8.58
C PRO A 432 15.17 12.23 9.28
N VAL A 433 16.24 11.96 10.02
CA VAL A 433 16.36 10.77 10.85
C VAL A 433 15.93 11.19 12.25
N ARG A 434 14.87 10.57 12.76
CA ARG A 434 14.18 11.03 13.97
C ARG A 434 13.99 9.96 15.03
N GLN A 435 14.74 8.88 14.88
CA GLN A 435 14.68 7.75 15.79
C GLN A 435 15.69 6.72 15.35
N SER A 436 15.73 5.61 16.07
CA SER A 436 16.62 4.53 15.72
C SER A 436 15.80 3.27 15.85
N ASN A 437 16.47 2.12 15.88
CA ASN A 437 15.81 0.83 15.97
C ASN A 437 16.02 0.24 17.37
N LEU A 438 15.70 -1.04 17.52
CA LEU A 438 15.90 -1.78 18.77
C LEU A 438 17.33 -1.70 19.34
N CYS A 439 18.34 -1.91 18.48
CA CYS A 439 19.74 -1.97 18.95
C CYS A 439 20.57 -0.71 18.70
N LEU A 440 19.93 0.36 18.26
CA LEU A 440 20.57 1.68 18.17
C LEU A 440 21.66 1.84 17.08
N GLU A 441 21.66 0.96 16.08
CA GLU A 441 22.58 1.08 14.94
C GLU A 441 21.88 1.53 13.64
N ILE A 442 20.56 1.51 13.63
CA ILE A 442 19.82 1.83 12.43
C ILE A 442 19.28 3.25 12.54
N ALA A 443 19.42 4.02 11.45
CA ALA A 443 18.99 5.43 11.44
C ALA A 443 18.45 5.81 10.06
N LEU A 444 17.13 5.83 9.95
CA LEU A 444 16.43 5.94 8.65
C LEU A 444 15.22 6.85 8.79
N PRO A 445 14.78 7.49 7.68
CA PRO A 445 13.57 8.31 7.71
C PRO A 445 12.28 7.50 7.90
N THR A 446 11.28 8.16 8.45
CA THR A 446 9.99 7.55 8.78
C THR A 446 8.91 8.62 8.61
N LYS A 447 7.66 8.19 8.47
CA LYS A 447 6.52 9.09 8.50
C LYS A 447 5.34 8.39 9.20
N PRO A 448 4.64 9.11 10.11
CA PRO A 448 3.46 8.51 10.77
C PRO A 448 2.40 8.00 9.82
N LEU A 449 1.76 6.90 10.20
CA LEU A 449 0.57 6.37 9.52
C LEU A 449 -0.68 6.89 10.23
N ASN A 450 -1.78 7.07 9.49
CA ASN A 450 -3.07 7.41 10.08
C ASN A 450 -4.07 6.27 9.97
N ASP A 451 -3.54 5.12 9.54
CA ASP A 451 -4.28 3.90 9.31
C ASP A 451 -3.23 2.83 9.05
N VAL A 452 -3.54 1.57 9.35
CA VAL A 452 -2.55 0.49 9.12
C VAL A 452 -2.08 0.43 7.67
N ASN A 453 -3.01 0.64 6.75
CA ASN A 453 -2.76 0.54 5.32
C ASN A 453 -2.61 1.92 4.67
N ASP A 454 -2.30 2.94 5.48
CA ASP A 454 -2.02 4.29 4.99
C ASP A 454 -0.80 4.27 4.05
N GLU A 455 -1.04 4.60 2.77
CA GLU A 455 -0.01 4.54 1.74
C GLU A 455 0.91 5.76 1.78
N ASN A 456 0.51 6.80 2.51
CA ASN A 456 1.34 8.00 2.67
C ASN A 456 2.22 7.97 3.90
N GLY A 457 2.13 6.91 4.69
CA GLY A 457 3.08 6.68 5.79
C GLY A 457 4.39 6.08 5.28
N GLU A 458 5.37 6.01 6.18
CA GLU A 458 6.65 5.39 5.87
C GLU A 458 7.21 4.70 7.10
N ILE A 459 7.29 3.39 7.02
CA ILE A 459 7.96 2.58 8.03
C ILE A 459 9.31 2.21 7.45
N ALA A 460 10.38 2.43 8.22
CA ALA A 460 11.72 2.17 7.74
C ALA A 460 12.07 0.72 8.02
N LEU A 461 12.64 0.03 7.03
CA LEU A 461 13.14 -1.33 7.20
C LEU A 461 14.58 -1.36 6.79
N CYS A 462 15.31 -2.32 7.33
CA CYS A 462 16.68 -2.44 6.93
C CYS A 462 17.06 -3.90 6.87
N THR A 463 17.81 -4.25 5.83
CA THR A 463 18.31 -5.60 5.64
C THR A 463 19.79 -5.61 6.00
N LEU A 464 20.17 -6.56 6.84
CA LEU A 464 21.51 -6.58 7.47
C LEU A 464 22.44 -7.66 6.96
N SER A 465 23.74 -7.43 7.14
CA SER A 465 24.79 -8.43 6.96
C SER A 465 26.08 -7.86 7.53
N ALA A 466 27.14 -8.65 7.53
CA ALA A 466 28.42 -8.18 8.04
C ALA A 466 29.61 -8.79 7.29
N PHE A 467 30.70 -8.02 7.25
CA PHE A 467 31.99 -8.56 6.80
C PHE A 467 32.79 -9.13 7.98
N ASN A 468 33.38 -10.28 7.76
CA ASN A 468 34.26 -10.90 8.75
C ASN A 468 35.71 -10.38 8.61
N LEU A 469 36.08 -9.43 9.47
CA LEU A 469 37.38 -8.77 9.40
C LEU A 469 38.53 -9.70 9.71
N GLY A 470 38.21 -10.86 10.30
CA GLY A 470 39.21 -11.87 10.61
C GLY A 470 39.41 -12.87 9.49
N ALA A 471 38.54 -12.86 8.49
CA ALA A 471 38.58 -13.82 7.39
C ALA A 471 39.17 -13.23 6.11
N ILE A 472 39.44 -11.93 6.10
CA ILE A 472 40.07 -11.30 4.95
C ILE A 472 41.57 -11.16 5.15
N ASN A 473 42.34 -11.31 4.07
CA ASN A 473 43.80 -11.18 4.12
C ASN A 473 44.26 -9.74 3.91
N ASN A 474 43.53 -9.02 3.07
CA ASN A 474 43.73 -7.59 2.96
C ASN A 474 42.44 -6.83 2.60
N LEU A 475 42.49 -5.52 2.79
CA LEU A 475 41.35 -4.64 2.68
C LEU A 475 40.76 -4.56 1.28
N ASP A 476 41.58 -4.83 0.27
CA ASP A 476 41.12 -4.78 -1.11
C ASP A 476 40.26 -5.97 -1.48
N GLU A 477 40.33 -7.05 -0.70
CA GLU A 477 39.34 -8.13 -0.76
C GLU A 477 37.90 -7.65 -0.56
N LEU A 478 37.73 -6.52 0.13
CA LEU A 478 36.41 -5.93 0.36
C LEU A 478 35.73 -5.45 -0.91
N GLU A 479 36.48 -5.32 -2.00
CA GLU A 479 35.86 -4.89 -3.27
C GLU A 479 34.86 -5.92 -3.72
N GLU A 480 35.33 -7.17 -3.84
CA GLU A 480 34.50 -8.30 -4.27
C GLU A 480 33.40 -8.59 -3.27
N LEU A 481 33.74 -8.57 -1.98
CA LEU A 481 32.79 -8.87 -0.91
C LEU A 481 31.63 -7.89 -0.87
N ALA A 482 31.93 -6.61 -1.03
CA ALA A 482 30.92 -5.53 -1.09
C ALA A 482 29.98 -5.72 -2.27
N ILE A 483 30.55 -6.09 -3.42
CA ILE A 483 29.76 -6.41 -4.60
C ILE A 483 28.77 -7.54 -4.29
N LEU A 484 29.27 -8.64 -3.74
CA LEU A 484 28.42 -9.78 -3.39
C LEU A 484 27.34 -9.44 -2.37
N ALA A 485 27.73 -8.82 -1.25
CA ALA A 485 26.80 -8.54 -0.16
C ALA A 485 25.70 -7.54 -0.56
N VAL A 486 26.09 -6.48 -1.25
CA VAL A 486 25.17 -5.44 -1.67
C VAL A 486 24.14 -5.99 -2.66
N ARG A 487 24.62 -6.79 -3.62
CA ARG A 487 23.74 -7.42 -4.61
C ARG A 487 22.80 -8.49 -4.04
N ALA A 488 23.31 -9.28 -3.10
CA ALA A 488 22.49 -10.28 -2.42
C ALA A 488 21.35 -9.66 -1.63
N LEU A 489 21.66 -8.64 -0.84
CA LEU A 489 20.65 -7.96 -0.02
C LEU A 489 19.66 -7.16 -0.85
N ASP A 490 20.16 -6.50 -1.89
CA ASP A 490 19.29 -5.75 -2.78
C ASP A 490 18.30 -6.67 -3.47
N ALA A 491 18.75 -7.87 -3.86
CA ALA A 491 17.83 -8.86 -4.42
C ALA A 491 16.75 -9.29 -3.41
N LEU A 492 17.18 -9.51 -2.16
CA LEU A 492 16.26 -9.90 -1.08
C LEU A 492 15.11 -8.90 -0.93
N LEU A 493 15.40 -7.61 -1.09
CA LEU A 493 14.36 -6.57 -1.01
C LEU A 493 13.18 -6.81 -1.92
N ASP A 494 13.44 -7.33 -3.12
CA ASP A 494 12.38 -7.59 -4.08
C ASP A 494 11.74 -8.96 -3.84
N TYR A 495 12.43 -9.81 -3.10
CA TYR A 495 12.01 -11.18 -2.81
C TYR A 495 11.04 -11.24 -1.61
N GLN A 496 11.36 -10.49 -0.56
CA GLN A 496 10.67 -10.62 0.72
C GLN A 496 9.26 -10.02 0.70
N ASP A 497 8.44 -10.44 1.66
CA ASP A 497 7.09 -9.94 1.77
C ASP A 497 7.03 -8.66 2.61
N TYR A 498 5.96 -7.90 2.43
CA TYR A 498 5.73 -6.67 3.18
C TYR A 498 4.30 -6.69 3.69
N PRO A 499 4.12 -6.99 4.99
CA PRO A 499 2.75 -7.02 5.56
C PRO A 499 2.03 -5.67 5.67
N ILE A 500 2.79 -4.57 5.68
CA ILE A 500 2.26 -3.22 5.82
C ILE A 500 2.71 -2.38 4.62
N PRO A 501 1.76 -1.77 3.87
CA PRO A 501 2.10 -0.86 2.73
C PRO A 501 3.17 0.21 3.00
N ALA A 502 3.07 0.90 4.13
CA ALA A 502 4.04 1.95 4.50
C ALA A 502 5.47 1.43 4.66
N ALA A 503 5.64 0.15 4.95
CA ALA A 503 6.99 -0.42 5.05
C ALA A 503 7.55 -0.80 3.69
N LYS A 504 6.68 -1.27 2.79
CA LYS A 504 7.06 -1.54 1.41
C LYS A 504 7.54 -0.24 0.76
N ARG A 505 6.85 0.85 1.09
CA ARG A 505 7.21 2.17 0.58
C ARG A 505 8.59 2.57 0.99
N GLY A 506 8.94 2.32 2.26
CA GLY A 506 10.27 2.58 2.75
C GLY A 506 11.32 1.75 2.03
N ALA A 507 11.08 0.45 1.93
CA ALA A 507 12.07 -0.46 1.38
C ALA A 507 12.25 -0.26 -0.13
N MET A 508 11.15 -0.04 -0.85
CA MET A 508 11.17 0.14 -2.30
C MET A 508 11.66 1.51 -2.71
N GLY A 509 11.31 2.53 -1.90
CA GLY A 509 11.71 3.90 -2.16
C GLY A 509 13.19 4.20 -1.92
N ARG A 510 13.72 3.67 -0.82
CA ARG A 510 15.08 4.02 -0.39
C ARG A 510 16.06 2.86 -0.51
N ARG A 511 15.54 1.62 -0.48
CA ARG A 511 16.35 0.39 -0.63
C ARG A 511 17.56 0.33 0.34
N THR A 512 17.28 0.66 1.60
CA THR A 512 18.28 0.82 2.63
C THR A 512 18.85 -0.52 3.11
N LEU A 513 20.18 -0.56 3.20
CA LEU A 513 20.95 -1.71 3.65
C LEU A 513 21.72 -1.31 4.88
N GLY A 514 22.17 -2.29 5.66
CA GLY A 514 22.97 -2.00 6.83
C GLY A 514 23.96 -3.10 6.98
N ILE A 515 25.15 -2.91 6.42
CA ILE A 515 26.18 -3.93 6.43
C ILE A 515 27.23 -3.52 7.44
N GLY A 516 27.60 -4.45 8.33
CA GLY A 516 28.50 -4.13 9.42
C GLY A 516 29.75 -4.99 9.43
N VAL A 517 30.30 -5.19 10.62
CA VAL A 517 31.45 -6.08 10.72
C VAL A 517 31.29 -7.03 11.93
N ILE A 518 32.07 -8.11 11.90
CA ILE A 518 32.25 -8.98 13.06
C ILE A 518 33.75 -9.23 13.11
N ASN A 519 34.21 -9.83 14.22
CA ASN A 519 35.64 -10.14 14.40
C ASN A 519 36.54 -8.92 14.52
N PHE A 520 36.01 -7.78 14.94
CA PHE A 520 36.87 -6.59 15.07
C PHE A 520 38.02 -6.75 16.09
N ALA A 521 37.69 -7.17 17.32
CA ALA A 521 38.68 -7.46 18.36
C ALA A 521 39.79 -8.43 17.93
N TYR A 522 39.41 -9.52 17.26
CA TYR A 522 40.41 -10.45 16.70
C TYR A 522 41.31 -9.77 15.65
N TYR A 523 40.67 -9.07 14.71
CA TYR A 523 41.35 -8.26 13.73
C TYR A 523 42.38 -7.34 14.39
N LEU A 524 42.00 -6.59 15.42
CA LEU A 524 42.97 -5.71 16.12
C LEU A 524 44.08 -6.50 16.79
N ALA A 525 43.70 -7.61 17.45
CA ALA A 525 44.65 -8.49 18.10
C ALA A 525 45.75 -8.99 17.16
N LYS A 526 45.37 -9.45 15.96
CA LYS A 526 46.34 -9.94 15.01
C LYS A 526 47.17 -8.84 14.33
N HIS A 527 46.71 -7.59 14.40
CA HIS A 527 47.52 -6.43 13.96
C HIS A 527 48.31 -5.79 15.12
N GLY A 528 48.29 -6.44 16.29
CA GLY A 528 49.00 -5.96 17.48
C GLY A 528 48.50 -4.64 18.05
N LYS A 529 47.20 -4.37 17.93
CA LYS A 529 46.62 -3.12 18.44
C LYS A 529 45.63 -3.38 19.57
N ARG A 530 45.17 -2.30 20.19
CA ARG A 530 44.24 -2.38 21.32
C ARG A 530 43.18 -1.30 21.24
N TYR A 531 42.12 -1.50 22.02
CA TYR A 531 41.02 -0.56 22.08
C TYR A 531 41.33 0.68 22.91
N SER A 532 42.00 0.48 24.04
CA SER A 532 41.96 1.47 25.11
C SER A 532 43.05 2.55 25.06
N ASP A 533 44.05 2.37 24.20
CA ASP A 533 45.24 3.24 24.23
C ASP A 533 45.40 4.17 23.01
N GLY A 534 44.49 4.09 22.04
CA GLY A 534 44.59 4.91 20.83
C GLY A 534 45.50 4.29 19.78
N SER A 535 45.94 3.06 20.01
CA SER A 535 46.89 2.43 19.12
C SER A 535 46.22 1.92 17.84
N ALA A 536 44.89 1.80 17.86
CA ALA A 536 44.12 1.25 16.75
C ALA A 536 43.43 2.35 15.91
N ASN A 537 43.65 3.62 16.26
CA ASN A 537 42.96 4.74 15.62
C ASN A 537 43.13 4.84 14.10
N ASN A 538 44.39 4.81 13.64
CA ASN A 538 44.69 4.93 12.20
C ASN A 538 44.31 3.69 11.41
N LEU A 539 44.51 2.52 12.02
CA LEU A 539 44.11 1.26 11.43
C LEU A 539 42.58 1.17 11.26
N THR A 540 41.86 1.63 12.28
CA THR A 540 40.40 1.69 12.23
C THR A 540 39.94 2.61 11.11
N HIS A 541 40.55 3.81 11.05
CA HIS A 541 40.27 4.80 10.00
C HIS A 541 40.43 4.22 8.58
N LYS A 542 41.56 3.57 8.36
CA LYS A 542 41.89 2.92 7.09
C LYS A 542 40.88 1.79 6.77
N THR A 543 40.59 0.95 7.77
CA THR A 543 39.69 -0.20 7.60
C THR A 543 38.27 0.21 7.20
N PHE A 544 37.76 1.24 7.86
CA PHE A 544 36.37 1.66 7.68
C PHE A 544 36.24 2.60 6.49
N GLU A 545 37.35 3.23 6.12
CA GLU A 545 37.45 3.89 4.82
C GLU A 545 37.25 2.90 3.71
N ALA A 546 38.02 1.82 3.73
CA ALA A 546 37.93 0.75 2.76
C ALA A 546 36.53 0.15 2.69
N ILE A 547 35.93 -0.13 3.85
CA ILE A 547 34.58 -0.70 3.91
C ILE A 547 33.55 0.20 3.23
N GLN A 548 33.52 1.48 3.62
CA GLN A 548 32.53 2.39 3.07
C GLN A 548 32.80 2.67 1.60
N TYR A 549 34.07 2.84 1.22
CA TYR A 549 34.41 3.07 -0.19
C TYR A 549 33.90 1.97 -1.09
N TYR A 550 34.22 0.73 -0.75
CA TYR A 550 33.83 -0.41 -1.55
C TYR A 550 32.33 -0.71 -1.53
N LEU A 551 31.65 -0.40 -0.40
CA LEU A 551 30.18 -0.50 -0.32
C LEU A 551 29.51 0.50 -1.27
N LEU A 552 29.95 1.75 -1.21
CA LEU A 552 29.45 2.79 -2.11
C LEU A 552 29.71 2.43 -3.58
N LYS A 553 30.91 1.92 -3.86
CA LYS A 553 31.31 1.53 -5.21
C LYS A 553 30.43 0.38 -5.75
N ALA A 554 30.14 -0.59 -4.90
CA ALA A 554 29.29 -1.71 -5.28
C ALA A 554 27.87 -1.22 -5.60
N SER A 555 27.36 -0.32 -4.76
CA SER A 555 26.01 0.20 -4.91
C SER A 555 25.90 1.19 -6.08
N ASN A 556 26.98 1.92 -6.35
CA ASN A 556 27.07 2.84 -7.49
C ASN A 556 27.04 2.05 -8.80
N GLU A 557 27.83 0.98 -8.87
CA GLU A 557 27.84 0.08 -10.03
C GLU A 557 26.50 -0.64 -10.20
N LEU A 558 25.86 -1.00 -9.09
CA LEU A 558 24.53 -1.61 -9.17
C LEU A 558 23.50 -0.62 -9.71
N ALA A 559 23.61 0.66 -9.33
CA ALA A 559 22.76 1.72 -9.86
C ALA A 559 22.92 1.91 -11.40
N LYS A 560 24.16 1.79 -11.88
CA LYS A 560 24.45 1.81 -13.32
C LYS A 560 23.72 0.67 -14.01
N GLU A 561 23.79 -0.50 -13.39
CA GLU A 561 23.24 -1.70 -14.00
C GLU A 561 21.71 -1.74 -13.96
N GLN A 562 21.11 -1.28 -12.85
CA GLN A 562 19.69 -1.55 -12.58
C GLN A 562 18.84 -0.32 -12.26
N GLY A 563 19.51 0.82 -12.09
CA GLY A 563 18.83 2.05 -11.67
C GLY A 563 19.06 2.38 -10.20
N ALA A 564 19.26 3.67 -9.92
CA ALA A 564 19.32 4.16 -8.55
C ALA A 564 17.95 3.94 -7.89
N CYS A 565 17.90 4.03 -6.56
CA CYS A 565 16.63 3.84 -5.86
C CYS A 565 15.68 5.02 -6.15
N PRO A 566 14.36 4.75 -6.19
CA PRO A 566 13.41 5.81 -6.52
C PRO A 566 13.59 7.13 -5.76
N TRP A 567 13.93 7.06 -4.47
CA TRP A 567 14.07 8.29 -3.67
C TRP A 567 15.52 8.69 -3.44
N PHE A 568 16.39 8.28 -4.36
CA PHE A 568 17.78 8.70 -4.33
C PHE A 568 17.96 10.21 -4.21
N ASN A 569 17.05 10.99 -4.81
CA ASN A 569 17.14 12.46 -4.78
C ASN A 569 16.98 13.10 -3.41
N GLU A 570 16.56 12.29 -2.42
CA GLU A 570 16.39 12.76 -1.03
C GLU A 570 17.67 12.63 -0.22
N THR A 571 18.69 12.01 -0.81
CA THR A 571 19.96 11.76 -0.12
C THR A 571 20.95 12.94 -0.28
N THR A 572 21.86 13.09 0.68
CA THR A 572 22.97 14.02 0.55
C THR A 572 23.92 13.57 -0.57
N TYR A 573 24.06 12.25 -0.74
CA TYR A 573 24.80 11.65 -1.86
C TYR A 573 24.40 12.20 -3.25
N ALA A 574 23.10 12.44 -3.44
CA ALA A 574 22.54 12.91 -4.72
C ALA A 574 23.08 14.28 -5.07
N LYS A 575 23.41 15.03 -4.01
CA LYS A 575 23.98 16.36 -4.08
C LYS A 575 25.52 16.36 -4.13
N GLY A 576 26.14 15.20 -4.29
CA GLY A 576 27.61 15.12 -4.27
C GLY A 576 28.25 15.37 -2.89
N ILE A 577 27.47 15.16 -1.83
CA ILE A 577 27.97 15.22 -0.44
C ILE A 577 28.26 13.80 0.08
N LEU A 578 29.46 13.64 0.64
CA LEU A 578 29.94 12.35 1.09
C LEU A 578 30.18 12.36 2.61
N PRO A 579 30.23 11.15 3.24
CA PRO A 579 30.50 11.10 4.68
C PRO A 579 31.84 11.77 5.06
N ILE A 580 32.80 11.77 4.13
CA ILE A 580 34.08 12.45 4.34
C ILE A 580 33.99 13.99 4.30
N ASP A 581 32.81 14.54 4.04
CA ASP A 581 32.64 16.00 4.06
C ASP A 581 31.98 16.46 5.35
N THR A 582 31.25 15.55 6.02
CA THR A 582 30.32 15.96 7.07
C THR A 582 30.60 15.41 8.46
N TYR A 583 31.71 14.69 8.61
CA TYR A 583 32.02 14.03 9.86
C TYR A 583 32.32 15.07 10.95
N LYS A 584 32.34 14.64 12.21
CA LYS A 584 32.70 15.52 13.33
C LYS A 584 34.18 15.88 13.26
N LYS A 585 34.49 17.17 13.10
CA LYS A 585 35.86 17.60 12.83
C LYS A 585 36.86 17.32 13.95
N ASP A 586 36.36 17.20 15.17
CA ASP A 586 37.21 16.79 16.31
C ASP A 586 37.97 15.49 16.05
N LEU A 587 37.46 14.66 15.13
CA LEU A 587 38.15 13.44 14.74
C LEU A 587 39.54 13.68 14.14
N ASP A 588 39.75 14.87 13.61
CA ASP A 588 41.05 15.23 13.02
C ASP A 588 42.21 15.21 14.06
N THR A 589 41.85 15.40 15.33
CA THR A 589 42.82 15.44 16.43
C THR A 589 43.20 14.06 16.95
N ILE A 590 42.48 13.02 16.55
CA ILE A 590 42.73 11.67 17.09
C ILE A 590 43.15 10.63 16.06
N ALA A 591 43.19 11.03 14.80
CA ALA A 591 43.73 10.18 13.74
C ALA A 591 44.25 11.07 12.62
N ASN A 592 45.35 10.65 12.00
CA ASN A 592 45.93 11.39 10.88
C ASN A 592 46.12 10.53 9.63
N GLU A 593 45.53 9.34 9.64
CA GLU A 593 45.54 8.43 8.50
C GLU A 593 44.95 9.10 7.25
N PRO A 594 45.69 9.08 6.13
CA PRO A 594 45.16 9.66 4.90
C PRO A 594 44.09 8.78 4.26
N LEU A 595 43.25 9.39 3.44
CA LEU A 595 42.35 8.63 2.59
C LEU A 595 43.20 7.94 1.57
N HIS A 596 42.93 6.67 1.31
CA HIS A 596 43.73 5.90 0.38
C HIS A 596 42.99 5.65 -0.92
N TYR A 597 41.70 6.00 -0.94
CA TYR A 597 40.87 5.74 -2.13
C TYR A 597 40.46 7.04 -2.80
N ASP A 598 40.12 6.95 -4.07
CA ASP A 598 39.73 8.12 -4.86
C ASP A 598 38.26 8.48 -4.61
N TRP A 599 38.02 9.28 -3.58
CA TRP A 599 36.67 9.71 -3.19
C TRP A 599 36.11 10.80 -4.09
N GLU A 600 36.99 11.51 -4.79
CA GLU A 600 36.55 12.56 -5.75
C GLU A 600 35.94 11.95 -7.01
N ALA A 601 36.54 10.89 -7.53
CA ALA A 601 35.98 10.15 -8.67
C ALA A 601 34.62 9.56 -8.30
N LEU A 602 34.60 8.87 -7.15
CA LEU A 602 33.37 8.27 -6.62
C LEU A 602 32.27 9.31 -6.44
N ARG A 603 32.63 10.47 -5.89
CA ARG A 603 31.70 11.58 -5.72
C ARG A 603 30.96 11.89 -7.02
N GLU A 604 31.74 12.00 -8.11
CA GLU A 604 31.18 12.37 -9.40
C GLU A 604 30.37 11.23 -9.93
N SER A 605 30.86 10.01 -9.74
CA SER A 605 30.12 8.84 -10.18
C SER A 605 28.75 8.64 -9.48
N ILE A 606 28.67 9.03 -8.21
CA ILE A 606 27.44 8.87 -7.42
C ILE A 606 26.44 9.94 -7.84
N LYS A 607 26.94 11.16 -7.95
CA LYS A 607 26.12 12.27 -8.39
C LYS A 607 25.48 11.97 -9.77
N THR A 608 26.21 11.27 -10.64
CA THR A 608 25.75 11.02 -12.00
C THR A 608 24.88 9.77 -12.17
N HIS A 609 25.34 8.64 -11.65
CA HIS A 609 24.64 7.34 -11.83
C HIS A 609 23.79 6.94 -10.64
N GLY A 610 23.98 7.61 -9.51
CA GLY A 610 23.21 7.31 -8.30
C GLY A 610 23.77 6.18 -7.45
N LEU A 611 23.02 5.83 -6.43
CA LEU A 611 23.25 4.59 -5.67
C LEU A 611 21.98 3.81 -5.72
N ARG A 612 22.10 2.50 -5.77
CA ARG A 612 20.94 1.62 -5.66
C ARG A 612 20.27 1.68 -4.26
N ASN A 613 21.08 2.01 -3.24
CA ASN A 613 20.70 1.89 -1.84
C ASN A 613 21.03 3.16 -1.13
N SER A 614 20.05 3.77 -0.48
CA SER A 614 20.25 5.06 0.18
C SER A 614 21.23 5.01 1.35
N THR A 615 21.35 3.83 1.98
CA THR A 615 22.35 3.56 3.01
C THR A 615 22.95 2.20 2.73
N LEU A 616 24.19 2.03 3.16
CA LEU A 616 24.86 0.76 3.02
C LEU A 616 25.38 0.19 4.33
N SER A 617 25.76 1.04 5.28
CA SER A 617 26.50 0.55 6.46
C SER A 617 25.82 0.89 7.78
N ALA A 618 25.95 -0.01 8.74
CA ALA A 618 25.50 0.16 10.14
C ALA A 618 26.23 -0.90 10.92
N LEU A 619 26.69 -0.58 12.13
CA LEU A 619 27.40 -1.57 12.96
C LEU A 619 26.52 -2.15 14.06
N MET A 620 26.02 -3.35 13.79
CA MET A 620 25.02 -4.03 14.65
C MET A 620 25.74 -4.95 15.63
N PRO A 621 25.05 -5.33 16.74
CA PRO A 621 25.59 -6.40 17.56
C PRO A 621 25.49 -7.72 16.82
N SER A 622 26.39 -8.64 17.11
CA SER A 622 26.19 -10.00 16.63
C SER A 622 26.34 -10.94 17.82
N GLU A 623 25.83 -12.16 17.66
CA GLU A 623 26.00 -13.22 18.65
C GLU A 623 25.95 -14.52 17.90
N THR A 624 24.78 -14.81 17.29
CA THR A 624 24.58 -16.03 16.51
C THR A 624 25.55 -16.11 15.34
N SER A 625 25.56 -15.06 14.51
CA SER A 625 26.36 -15.04 13.27
C SER A 625 27.84 -15.14 13.57
N SER A 626 28.29 -14.41 14.59
CA SER A 626 29.70 -14.46 14.96
C SER A 626 30.06 -15.82 15.57
N GLN A 627 29.08 -16.54 16.14
CA GLN A 627 29.29 -17.93 16.60
C GLN A 627 29.56 -18.91 15.47
N ILE A 628 28.79 -18.81 14.39
CA ILE A 628 29.00 -19.66 13.21
C ILE A 628 30.44 -19.54 12.67
N SER A 629 30.98 -18.34 12.69
CA SER A 629 32.31 -18.06 12.14
C SER A 629 33.39 -18.20 13.19
N ASN A 630 33.01 -18.54 14.42
CA ASN A 630 33.90 -18.42 15.57
C ASN A 630 34.64 -17.08 15.56
N ALA A 631 33.86 -16.00 15.47
CA ALA A 631 34.39 -14.64 15.44
C ALA A 631 34.09 -13.94 16.76
N THR A 632 34.88 -12.92 17.10
CA THR A 632 34.49 -12.05 18.21
C THR A 632 33.25 -11.25 17.78
N ASN A 633 32.43 -10.82 18.74
CA ASN A 633 31.11 -10.24 18.43
C ASN A 633 31.21 -8.80 17.97
N GLY A 634 30.69 -8.54 16.78
CA GLY A 634 30.67 -7.18 16.21
C GLY A 634 31.98 -6.45 16.38
N ILE A 635 31.89 -5.28 17.01
CA ILE A 635 33.06 -4.45 17.29
C ILE A 635 33.55 -4.58 18.75
N GLU A 636 32.88 -5.45 19.51
CA GLU A 636 33.08 -5.52 20.96
C GLU A 636 34.30 -6.33 21.34
N PRO A 637 35.05 -5.85 22.36
CA PRO A 637 36.10 -6.68 22.97
C PRO A 637 35.44 -7.88 23.65
N PRO A 638 36.03 -9.09 23.54
CA PRO A 638 35.43 -10.22 24.27
C PRO A 638 35.56 -10.03 25.79
N ARG A 639 34.58 -10.52 26.55
CA ARG A 639 34.63 -10.45 28.02
C ARG A 639 35.72 -11.36 28.58
N GLY A 640 35.83 -12.56 28.03
CA GLY A 640 36.87 -13.51 28.40
C GLY A 640 37.32 -14.31 27.19
N TYR A 641 38.32 -15.16 27.39
CA TYR A 641 38.81 -16.04 26.34
C TYR A 641 37.85 -17.19 26.00
N VAL A 642 36.99 -17.56 26.94
CA VAL A 642 36.08 -18.68 26.72
C VAL A 642 34.64 -18.25 27.03
N SER A 643 33.76 -18.44 26.05
CA SER A 643 32.33 -18.15 26.16
C SER A 643 31.56 -19.40 26.53
N ILE A 644 30.50 -19.21 27.30
CA ILE A 644 29.69 -20.32 27.78
C ILE A 644 28.22 -20.07 27.49
N LYS A 645 27.56 -21.10 26.96
CA LYS A 645 26.12 -21.09 26.78
C LYS A 645 25.54 -22.33 27.45
N ALA A 646 24.36 -22.18 28.05
CA ALA A 646 23.61 -23.32 28.54
C ALA A 646 22.90 -23.99 27.38
N SER A 647 22.89 -25.32 27.39
CA SER A 647 22.22 -26.08 26.36
C SER A 647 21.72 -27.39 26.96
N LYS A 648 20.50 -27.77 26.59
CA LYS A 648 19.98 -29.10 26.85
C LYS A 648 21.02 -30.21 26.57
N ASP A 649 21.85 -29.99 25.54
CA ASP A 649 22.90 -30.92 25.11
C ASP A 649 24.20 -30.81 25.93
N GLY A 650 24.21 -29.92 26.93
CA GLY A 650 25.41 -29.70 27.75
C GLY A 650 25.93 -28.28 27.74
N ILE A 651 27.04 -28.07 28.44
CA ILE A 651 27.72 -26.77 28.46
C ILE A 651 28.44 -26.57 27.11
N LEU A 652 28.08 -25.49 26.40
CA LEU A 652 28.72 -25.15 25.13
C LEU A 652 29.81 -24.13 25.36
N ARG A 653 31.04 -24.49 25.00
CA ARG A 653 32.17 -23.57 25.13
C ARG A 653 32.71 -23.14 23.77
N GLN A 654 33.13 -21.89 23.69
CA GLN A 654 33.80 -21.37 22.50
C GLN A 654 35.00 -20.53 22.90
N VAL A 655 36.18 -20.91 22.39
CA VAL A 655 37.41 -20.17 22.67
C VAL A 655 37.64 -19.16 21.55
N VAL A 656 37.98 -17.93 21.92
CA VAL A 656 38.28 -16.87 20.97
C VAL A 656 39.24 -17.36 19.87
N PRO A 657 39.13 -16.81 18.65
CA PRO A 657 39.95 -17.37 17.59
C PRO A 657 41.43 -17.14 17.80
N ASP A 658 42.21 -18.18 17.53
CA ASP A 658 43.66 -18.17 17.66
C ASP A 658 44.15 -17.73 19.05
N TYR A 659 43.48 -18.20 20.10
CA TYR A 659 43.90 -17.94 21.48
C TYR A 659 45.38 -18.32 21.67
N GLU A 660 45.73 -19.48 21.12
CA GLU A 660 47.07 -20.05 21.21
C GLU A 660 48.17 -19.05 20.90
N HIS A 661 48.01 -18.29 19.82
CA HIS A 661 49.02 -17.33 19.40
C HIS A 661 48.73 -15.90 19.88
N LEU A 662 47.48 -15.61 20.21
CA LEU A 662 47.06 -14.21 20.44
C LEU A 662 46.60 -13.83 21.85
N HIS A 663 46.60 -14.78 22.79
CA HIS A 663 46.07 -14.53 24.15
C HIS A 663 46.54 -13.21 24.76
N ASP A 664 47.81 -12.85 24.53
CA ASP A 664 48.38 -11.59 25.04
C ASP A 664 48.04 -10.38 24.18
N ALA A 665 47.78 -10.61 22.89
CA ALA A 665 47.41 -9.54 21.96
C ALA A 665 45.98 -9.05 22.19
N TYR A 666 45.08 -9.97 22.55
CA TYR A 666 43.70 -9.59 22.90
C TYR A 666 43.68 -8.66 24.09
N GLU A 667 42.78 -7.68 24.05
CA GLU A 667 42.42 -6.88 25.21
C GLU A 667 40.99 -7.20 25.63
N LEU A 668 40.84 -7.98 26.70
CA LEU A 668 39.52 -8.38 27.20
C LEU A 668 38.77 -7.18 27.70
N LEU A 669 37.44 -7.25 27.60
CA LEU A 669 36.56 -6.12 27.93
C LEU A 669 36.95 -5.39 29.23
N TRP A 670 37.11 -6.13 30.33
CA TRP A 670 37.35 -5.51 31.66
C TRP A 670 38.80 -5.16 31.93
N GLU A 671 39.69 -5.44 30.97
CA GLU A 671 41.07 -5.00 31.07
C GLU A 671 41.23 -3.55 30.58
N MET A 672 40.18 -3.00 29.98
CA MET A 672 40.25 -1.61 29.49
C MET A 672 40.19 -0.66 30.68
N PRO A 673 41.19 0.22 30.83
CA PRO A 673 41.18 1.18 31.95
C PRO A 673 39.99 2.12 31.98
N GLY A 674 39.35 2.32 30.83
CA GLY A 674 38.20 3.21 30.73
C GLY A 674 37.60 3.15 29.36
N ASN A 675 36.67 4.06 29.06
CA ASN A 675 35.89 4.03 27.82
C ASN A 675 36.46 4.87 26.67
N ASP A 676 37.45 5.70 26.97
CA ASP A 676 38.00 6.69 26.02
C ASP A 676 38.47 6.12 24.70
N GLY A 677 39.33 5.12 24.77
CA GLY A 677 39.90 4.52 23.59
C GLY A 677 38.88 3.89 22.67
N TYR A 678 37.89 3.23 23.27
CA TYR A 678 36.85 2.54 22.53
C TYR A 678 35.94 3.53 21.85
N LEU A 679 35.60 4.60 22.57
CA LEU A 679 34.76 5.66 22.03
C LEU A 679 35.43 6.47 20.90
N GLN A 680 36.75 6.68 21.01
CA GLN A 680 37.53 7.23 19.90
C GLN A 680 37.42 6.33 18.65
N LEU A 681 37.46 5.01 18.85
CA LEU A 681 37.33 4.04 17.74
C LEU A 681 35.94 4.07 17.13
N VAL A 682 34.91 4.17 17.97
CA VAL A 682 33.55 4.30 17.50
C VAL A 682 33.38 5.59 16.68
N GLY A 683 33.90 6.71 17.18
CA GLY A 683 33.85 7.98 16.46
C GLY A 683 34.50 7.90 15.09
N ILE A 684 35.66 7.26 15.04
CA ILE A 684 36.42 7.05 13.81
C ILE A 684 35.66 6.21 12.78
N MET A 685 35.09 5.10 13.23
CA MET A 685 34.16 4.30 12.42
C MET A 685 33.02 5.16 11.92
N GLN A 686 32.45 5.99 12.79
CA GLN A 686 31.27 6.77 12.46
C GLN A 686 31.52 7.82 11.36
N LYS A 687 32.78 8.19 11.14
CA LYS A 687 33.15 9.09 10.05
C LYS A 687 32.63 8.52 8.72
N PHE A 688 32.70 7.19 8.61
CA PHE A 688 32.38 6.48 7.36
C PHE A 688 31.03 5.78 7.35
N ILE A 689 30.56 5.33 8.50
CA ILE A 689 29.28 4.61 8.61
C ILE A 689 28.07 5.50 8.24
N ASP A 690 27.18 4.98 7.38
CA ASP A 690 25.96 5.67 6.93
C ASP A 690 24.92 5.84 8.04
N GLN A 691 24.74 4.78 8.84
CA GLN A 691 23.75 4.83 9.90
C GLN A 691 24.49 5.04 11.20
N SER A 692 24.29 4.15 12.17
CA SER A 692 24.95 4.29 13.43
C SER A 692 25.63 2.99 13.85
N ILE A 693 26.04 2.97 15.12
CA ILE A 693 26.85 1.92 15.68
C ILE A 693 26.25 1.56 17.05
N SER A 694 26.13 0.27 17.33
CA SER A 694 25.61 -0.20 18.63
C SER A 694 26.62 -0.07 19.77
N ALA A 695 27.05 1.16 20.06
CA ALA A 695 28.15 1.42 20.99
C ALA A 695 27.78 1.20 22.46
N ASN A 696 28.53 0.33 23.12
CA ASN A 696 28.41 0.09 24.57
C ASN A 696 29.30 1.03 25.39
N THR A 697 28.87 1.36 26.61
CA THR A 697 29.78 1.87 27.65
C THR A 697 29.93 0.81 28.76
N ASN A 698 31.08 0.80 29.42
CA ASN A 698 31.43 -0.23 30.38
C ASN A 698 32.08 0.32 31.66
N TYR A 699 31.62 -0.17 32.81
CA TYR A 699 32.20 0.23 34.08
C TYR A 699 32.37 -0.92 35.02
N ASP A 700 33.60 -1.05 35.50
CA ASP A 700 33.94 -1.96 36.57
C ASP A 700 33.92 -1.16 37.88
N PRO A 701 32.92 -1.42 38.74
CA PRO A 701 32.82 -0.73 40.04
C PRO A 701 34.11 -0.81 40.86
N SER A 702 34.82 -1.93 40.77
CA SER A 702 36.06 -2.13 41.52
C SER A 702 37.27 -1.30 41.06
N ARG A 703 37.11 -0.52 39.99
CA ARG A 703 38.13 0.43 39.55
C ARG A 703 37.93 1.79 40.20
N PHE A 704 36.83 1.93 40.95
CA PHE A 704 36.46 3.22 41.57
C PHE A 704 36.49 3.15 43.10
N PRO A 705 36.83 4.28 43.76
CA PRO A 705 36.87 4.37 45.22
C PRO A 705 35.51 4.02 45.85
N SER A 706 35.54 3.19 46.89
CA SER A 706 34.33 2.75 47.60
C SER A 706 33.46 1.88 46.69
N GLY A 707 34.05 1.40 45.59
CA GLY A 707 33.38 0.54 44.62
C GLY A 707 32.13 1.12 43.98
N LYS A 708 32.09 2.43 43.82
CA LYS A 708 30.94 3.04 43.17
C LYS A 708 31.32 4.01 42.04
N VAL A 709 30.62 3.85 40.92
CA VAL A 709 30.90 4.62 39.72
C VAL A 709 30.36 6.04 39.89
N PRO A 710 31.22 7.04 39.68
CA PRO A 710 30.81 8.42 39.91
C PRO A 710 30.05 9.04 38.72
N MET A 711 28.94 9.70 39.01
CA MET A 711 28.19 10.42 38.01
C MET A 711 29.10 11.23 37.11
N GLN A 712 30.13 11.85 37.68
CA GLN A 712 31.10 12.65 36.94
C GLN A 712 31.73 11.89 35.75
N GLN A 713 32.11 10.63 35.97
CA GLN A 713 32.67 9.80 34.90
C GLN A 713 31.61 9.40 33.85
N LEU A 714 30.39 9.13 34.31
CA LEU A 714 29.28 8.83 33.41
C LEU A 714 28.98 9.97 32.44
N LEU A 715 28.96 11.20 32.99
CA LEU A 715 28.72 12.39 32.19
C LEU A 715 29.90 12.72 31.32
N LYS A 716 31.11 12.53 31.84
CA LYS A 716 32.32 12.73 31.06
C LYS A 716 32.34 11.84 29.80
N ASP A 717 32.09 10.55 29.95
CA ASP A 717 32.08 9.62 28.83
C ASP A 717 30.99 9.98 27.80
N LEU A 718 29.84 10.43 28.30
CA LEU A 718 28.71 10.84 27.48
C LEU A 718 29.09 12.01 26.57
N LEU A 719 29.86 12.93 27.14
CA LEU A 719 30.32 14.13 26.45
C LEU A 719 31.46 13.84 25.49
N THR A 720 32.34 12.92 25.86
CA THR A 720 33.38 12.36 24.95
C THR A 720 32.76 11.74 23.68
N ALA A 721 31.74 10.90 23.86
CA ALA A 721 30.97 10.37 22.73
C ALA A 721 30.42 11.50 21.84
N TYR A 722 29.76 12.49 22.44
CA TYR A 722 29.21 13.59 21.66
C TYR A 722 30.29 14.34 20.89
N LYS A 723 31.38 14.67 21.57
CA LYS A 723 32.47 15.42 20.99
C LYS A 723 33.09 14.73 19.76
N PHE A 724 33.19 13.41 19.81
CA PHE A 724 33.74 12.62 18.71
C PHE A 724 32.73 12.18 17.64
N GLY A 725 31.52 12.73 17.72
CA GLY A 725 30.49 12.52 16.71
C GLY A 725 29.69 11.22 16.84
N VAL A 726 29.77 10.58 18.00
CA VAL A 726 29.04 9.35 18.21
C VAL A 726 27.54 9.65 18.12
N LYS A 727 26.84 8.92 17.25
CA LYS A 727 25.40 9.17 17.02
C LYS A 727 24.49 8.60 18.13
N THR A 728 24.86 7.45 18.68
CA THR A 728 24.02 6.75 19.65
C THR A 728 24.85 6.04 20.69
N LEU A 729 24.22 5.74 21.82
CA LEU A 729 24.81 4.85 22.82
C LEU A 729 23.81 3.77 23.17
N TYR A 730 24.25 2.53 23.02
CA TYR A 730 23.47 1.33 23.31
C TYR A 730 23.75 0.87 24.77
N TYR A 731 23.87 -0.43 25.01
CA TYR A 731 24.01 -0.98 26.39
C TYR A 731 25.05 -0.24 27.24
N GLN A 732 24.72 -0.03 28.52
CA GLN A 732 25.76 0.22 29.52
C GLN A 732 25.96 -1.07 30.30
N ASN A 733 27.18 -1.60 30.28
CA ASN A 733 27.53 -2.78 31.02
C ASN A 733 28.27 -2.39 32.31
N THR A 734 27.76 -2.92 33.43
CA THR A 734 28.42 -2.78 34.72
C THR A 734 28.87 -4.17 35.16
N ARG A 735 30.17 -4.33 35.39
CA ARG A 735 30.70 -5.60 35.84
C ARG A 735 30.05 -5.99 37.17
N ASP A 736 29.57 -7.21 37.29
CA ASP A 736 28.96 -7.59 38.57
C ASP A 736 30.06 -8.05 39.54
N GLY A 737 30.09 -7.40 40.71
CA GLY A 737 31.21 -7.50 41.63
C GLY A 737 32.16 -6.31 41.46
N ASN B 4 -22.05 44.04 63.59
CA ASN B 4 -20.58 44.19 63.81
C ASN B 4 -19.75 43.46 62.75
N LEU B 5 -20.13 42.23 62.46
CA LEU B 5 -19.39 41.36 61.53
C LEU B 5 -19.60 41.79 60.06
N LEU B 6 -18.52 41.80 59.28
CA LEU B 6 -18.54 42.30 57.91
C LEU B 6 -18.35 41.21 56.86
N VAL B 7 -18.85 41.46 55.65
CA VAL B 7 -18.90 40.43 54.60
C VAL B 7 -18.33 40.94 53.28
N THR B 8 -17.42 40.18 52.70
CA THR B 8 -16.84 40.50 51.39
C THR B 8 -17.83 40.13 50.27
N LYS B 9 -18.49 41.16 49.73
CA LYS B 9 -19.68 40.99 48.88
C LYS B 9 -19.49 40.11 47.65
N ARG B 10 -20.62 39.61 47.12
CA ARG B 10 -20.68 38.75 45.93
C ARG B 10 -19.74 39.21 44.79
N ASP B 11 -19.44 40.51 44.75
CA ASP B 11 -18.46 41.10 43.81
C ASP B 11 -17.92 42.47 44.26
N GLY B 12 -16.71 42.48 44.83
CA GLY B 12 -16.03 43.74 45.17
C GLY B 12 -15.91 44.11 46.64
N SER B 13 -16.85 44.94 47.10
CA SER B 13 -16.73 45.66 48.39
C SER B 13 -17.00 44.81 49.64
N THR B 14 -17.22 45.49 50.76
CA THR B 14 -17.67 44.85 52.00
C THR B 14 -18.92 45.53 52.56
N GLU B 15 -19.81 44.72 53.15
CA GLU B 15 -21.01 45.22 53.81
C GLU B 15 -21.14 44.61 55.21
N ARG B 16 -22.10 45.09 55.99
CA ARG B 16 -22.37 44.51 57.30
C ARG B 16 -23.13 43.19 57.14
N ILE B 17 -22.83 42.22 58.00
CA ILE B 17 -23.47 40.91 57.98
C ILE B 17 -24.99 41.07 58.16
N ASN B 18 -25.76 40.47 57.25
CA ASN B 18 -27.21 40.53 57.30
C ASN B 18 -27.79 39.23 57.84
N LEU B 19 -28.03 39.18 59.15
CA LEU B 19 -28.47 37.96 59.80
C LEU B 19 -29.96 37.65 59.56
N ASP B 20 -30.77 38.69 59.43
CA ASP B 20 -32.18 38.55 59.06
C ASP B 20 -32.34 37.91 57.68
N LYS B 21 -31.51 38.34 56.72
CA LYS B 21 -31.56 37.77 55.37
C LYS B 21 -31.22 36.28 55.36
N ILE B 22 -30.22 35.89 56.14
CA ILE B 22 -29.85 34.49 56.30
C ILE B 22 -31.04 33.70 56.89
N HIS B 23 -31.60 34.21 57.98
CA HIS B 23 -32.77 33.60 58.61
C HIS B 23 -33.92 33.43 57.62
N ARG B 24 -34.17 34.44 56.80
CA ARG B 24 -35.23 34.42 55.79
C ARG B 24 -35.04 33.33 54.75
N VAL B 25 -33.82 33.22 54.20
CA VAL B 25 -33.52 32.15 53.24
C VAL B 25 -33.68 30.77 53.88
N LEU B 26 -33.23 30.62 55.13
CA LEU B 26 -33.42 29.36 55.85
C LEU B 26 -34.89 29.04 56.08
N ASP B 27 -35.67 30.06 56.43
CA ASP B 27 -37.11 29.90 56.63
C ASP B 27 -37.81 29.55 55.31
N TRP B 28 -37.41 30.19 54.22
CA TRP B 28 -37.91 29.83 52.87
C TRP B 28 -37.61 28.35 52.58
N ALA B 29 -36.37 27.92 52.86
CA ALA B 29 -35.93 26.56 52.56
C ALA B 29 -36.63 25.49 53.40
N ALA B 30 -36.99 25.85 54.64
CA ALA B 30 -37.61 24.93 55.61
C ALA B 30 -39.12 24.74 55.39
N GLU B 31 -39.69 25.49 54.44
CA GLU B 31 -41.14 25.47 54.22
C GLU B 31 -41.66 24.07 53.85
N GLY B 32 -42.61 23.57 54.64
CA GLY B 32 -43.20 22.25 54.41
C GLY B 32 -42.40 21.08 54.95
N LEU B 33 -41.23 21.36 55.50
CA LEU B 33 -40.35 20.31 56.00
C LEU B 33 -40.66 19.97 57.45
N HIS B 34 -40.29 18.77 57.87
CA HIS B 34 -40.55 18.40 59.25
C HIS B 34 -39.29 18.00 59.95
N ASN B 35 -39.24 18.32 61.23
CA ASN B 35 -38.20 17.80 62.10
C ASN B 35 -36.85 18.46 61.81
N VAL B 36 -36.90 19.67 61.29
CA VAL B 36 -35.68 20.41 61.00
C VAL B 36 -35.65 21.69 61.86
N SER B 37 -34.48 22.00 62.41
CA SER B 37 -34.36 23.19 63.25
C SER B 37 -33.49 24.25 62.57
N ILE B 38 -34.12 25.33 62.10
CA ILE B 38 -33.43 26.49 61.53
C ILE B 38 -32.34 26.94 62.49
N SER B 39 -32.73 27.08 63.75
CA SER B 39 -31.85 27.63 64.77
C SER B 39 -30.62 26.76 65.00
N GLN B 40 -30.77 25.43 64.97
CA GLN B 40 -29.60 24.53 65.03
C GLN B 40 -28.61 24.78 63.89
N VAL B 41 -29.14 24.92 62.68
CA VAL B 41 -28.34 25.24 61.49
C VAL B 41 -27.67 26.61 61.63
N GLU B 42 -28.40 27.57 62.18
CA GLU B 42 -27.84 28.89 62.43
C GLU B 42 -26.70 28.84 63.45
N LEU B 43 -26.88 28.07 64.52
CA LEU B 43 -25.89 28.00 65.59
C LEU B 43 -24.59 27.39 65.06
N ARG B 44 -24.74 26.33 64.27
CA ARG B 44 -23.64 25.55 63.73
C ARG B 44 -22.89 26.26 62.62
N SER B 45 -23.56 27.16 61.90
CA SER B 45 -22.87 27.90 60.85
C SER B 45 -22.30 29.23 61.30
N HIS B 46 -23.05 29.96 62.12
CA HIS B 46 -22.65 31.30 62.59
C HIS B 46 -21.31 31.30 63.36
N ILE B 47 -21.05 30.18 64.03
CA ILE B 47 -19.87 30.00 64.84
C ILE B 47 -18.61 29.98 63.96
N GLN B 48 -18.79 29.65 62.69
CA GLN B 48 -17.71 29.56 61.74
C GLN B 48 -17.51 30.84 60.94
N PHE B 49 -18.38 31.83 61.16
CA PHE B 49 -18.24 33.12 60.45
C PHE B 49 -17.12 33.93 61.11
N TYR B 50 -16.40 34.68 60.28
CA TYR B 50 -15.37 35.61 60.75
C TYR B 50 -15.46 36.92 59.95
N ASP B 51 -15.13 38.02 60.63
CA ASP B 51 -15.02 39.36 60.02
C ASP B 51 -14.34 39.28 58.66
N GLY B 52 -15.02 39.72 57.62
CA GLY B 52 -14.48 39.72 56.26
C GLY B 52 -14.77 38.50 55.41
N ILE B 53 -15.54 37.55 55.94
CA ILE B 53 -15.91 36.31 55.22
C ILE B 53 -16.65 36.61 53.91
N LYS B 54 -16.32 35.91 52.84
CA LYS B 54 -16.97 36.21 51.58
C LYS B 54 -18.31 35.48 51.42
N THR B 55 -19.26 36.18 50.79
CA THR B 55 -20.64 35.72 50.57
C THR B 55 -20.77 34.24 50.19
N SER B 56 -19.96 33.79 49.24
CA SER B 56 -20.01 32.41 48.77
C SER B 56 -19.66 31.43 49.88
N ASP B 57 -18.80 31.84 50.81
CA ASP B 57 -18.41 31.00 51.94
C ASP B 57 -19.46 30.94 53.03
N ILE B 58 -20.22 32.02 53.22
CA ILE B 58 -21.37 32.00 54.12
C ILE B 58 -22.37 30.95 53.63
N HIS B 59 -22.63 30.97 52.32
CA HIS B 59 -23.53 30.02 51.67
C HIS B 59 -23.09 28.58 51.82
N GLU B 60 -21.82 28.29 51.54
CA GLU B 60 -21.27 26.94 51.66
C GLU B 60 -21.38 26.45 53.09
N THR B 61 -21.12 27.37 54.02
CA THR B 61 -21.20 27.07 55.46
C THR B 61 -22.60 26.67 55.90
N ILE B 62 -23.64 27.38 55.47
CA ILE B 62 -24.97 27.01 55.95
C ILE B 62 -25.51 25.74 55.27
N ILE B 63 -25.21 25.59 53.98
CA ILE B 63 -25.57 24.39 53.22
C ILE B 63 -24.98 23.16 53.91
N LYS B 64 -23.69 23.23 54.25
CA LYS B 64 -23.01 22.12 54.90
C LYS B 64 -23.52 21.91 56.33
N ALA B 65 -23.88 22.99 57.00
CA ALA B 65 -24.48 22.89 58.33
C ALA B 65 -25.78 22.10 58.29
N ALA B 66 -26.63 22.39 57.30
CA ALA B 66 -27.87 21.62 57.08
C ALA B 66 -27.56 20.18 56.66
N ALA B 67 -26.59 20.03 55.76
CA ALA B 67 -26.20 18.71 55.22
C ALA B 67 -25.66 17.77 56.28
N ASP B 68 -24.96 18.31 57.28
CA ASP B 68 -24.38 17.51 58.36
C ASP B 68 -25.43 16.97 59.33
N LEU B 69 -26.63 17.53 59.27
CA LEU B 69 -27.74 17.14 60.15
C LEU B 69 -28.65 16.07 59.54
N ILE B 70 -28.38 15.66 58.30
CA ILE B 70 -29.20 14.65 57.64
C ILE B 70 -29.09 13.32 58.40
N SER B 71 -30.23 12.78 58.81
CA SER B 71 -30.24 11.49 59.47
C SER B 71 -31.54 10.75 59.18
N ARG B 72 -31.61 9.48 59.59
CA ARG B 72 -32.84 8.71 59.46
C ARG B 72 -33.98 9.29 60.32
N ASP B 73 -33.61 9.88 61.47
CA ASP B 73 -34.57 10.56 62.35
C ASP B 73 -35.07 11.89 61.79
N ALA B 74 -34.18 12.65 61.15
CA ALA B 74 -34.55 13.91 60.51
C ALA B 74 -34.20 13.95 59.01
N PRO B 75 -34.88 13.11 58.18
CA PRO B 75 -34.53 13.03 56.76
C PRO B 75 -34.70 14.33 55.96
N ASP B 76 -35.64 15.18 56.34
CA ASP B 76 -35.92 16.46 55.65
C ASP B 76 -34.80 17.49 55.64
N TYR B 77 -33.72 17.26 56.38
CA TYR B 77 -32.51 18.06 56.17
C TYR B 77 -31.94 17.85 54.76
N GLN B 78 -32.24 16.70 54.16
CA GLN B 78 -31.95 16.42 52.73
C GLN B 78 -32.42 17.52 51.83
N TYR B 79 -33.65 17.96 52.08
CA TYR B 79 -34.31 18.94 51.25
C TYR B 79 -34.00 20.35 51.69
N LEU B 80 -33.78 20.56 52.98
CA LEU B 80 -33.38 21.86 53.46
C LEU B 80 -32.00 22.25 52.85
N ALA B 81 -31.00 21.38 53.00
CA ALA B 81 -29.68 21.59 52.41
C ALA B 81 -29.73 21.73 50.89
N ALA B 82 -30.55 20.91 50.24
CA ALA B 82 -30.73 20.93 48.79
C ALA B 82 -31.27 22.27 48.28
N ARG B 83 -32.23 22.86 48.99
CA ARG B 83 -32.83 24.11 48.55
C ARG B 83 -31.88 25.27 48.75
N LEU B 84 -31.12 25.22 49.85
CA LEU B 84 -30.04 26.18 50.10
C LEU B 84 -28.94 26.08 49.02
N ALA B 85 -28.63 24.86 48.59
CA ALA B 85 -27.69 24.63 47.49
C ALA B 85 -28.24 25.18 46.16
N ILE B 86 -29.52 24.91 45.87
CA ILE B 86 -30.19 25.44 44.66
C ILE B 86 -30.14 26.97 44.65
N PHE B 87 -30.46 27.59 45.79
CA PHE B 87 -30.45 29.04 45.93
C PHE B 87 -29.05 29.64 45.68
N HIS B 88 -28.02 28.94 46.17
CA HIS B 88 -26.62 29.29 45.91
C HIS B 88 -26.29 29.19 44.43
N LEU B 89 -26.72 28.10 43.80
CA LEU B 89 -26.46 27.84 42.39
C LEU B 89 -27.21 28.80 41.49
N ARG B 90 -28.37 29.28 41.94
CA ARG B 90 -29.12 30.29 41.19
C ARG B 90 -28.29 31.56 41.09
N LYS B 91 -27.73 32.00 42.20
CA LYS B 91 -26.94 33.23 42.21
C LYS B 91 -25.55 33.09 41.54
N LYS B 92 -24.96 31.89 41.59
CA LYS B 92 -23.78 31.56 40.79
C LYS B 92 -24.04 31.71 39.29
N ALA B 93 -25.15 31.13 38.84
CA ALA B 93 -25.49 31.13 37.42
C ALA B 93 -26.00 32.49 36.93
N TYR B 94 -26.83 33.15 37.73
CA TYR B 94 -27.63 34.27 37.24
C TYR B 94 -27.40 35.61 37.94
N GLY B 95 -26.77 35.57 39.11
CA GLY B 95 -26.59 36.76 39.92
C GLY B 95 -27.83 37.10 40.72
N GLN B 96 -28.86 36.26 40.59
CA GLN B 96 -30.15 36.42 41.31
C GLN B 96 -30.86 35.07 41.39
N PHE B 97 -31.87 34.95 42.24
CA PHE B 97 -32.58 33.69 42.44
C PHE B 97 -33.43 33.31 41.23
N GLU B 98 -34.03 34.30 40.60
CA GLU B 98 -34.93 34.08 39.48
C GLU B 98 -34.18 33.88 38.18
N PRO B 99 -34.41 32.73 37.53
CA PRO B 99 -33.72 32.50 36.27
C PRO B 99 -34.20 33.49 35.19
N PRO B 100 -33.31 33.84 34.23
CA PRO B 100 -33.69 34.70 33.10
C PRO B 100 -34.71 34.03 32.22
N ALA B 101 -35.32 34.80 31.32
CA ALA B 101 -36.19 34.26 30.27
C ALA B 101 -35.42 33.20 29.47
N LEU B 102 -36.10 32.12 29.06
CA LEU B 102 -35.43 31.03 28.35
C LEU B 102 -34.68 31.47 27.09
N TYR B 103 -35.29 32.37 26.32
CA TYR B 103 -34.71 32.83 25.06
C TYR B 103 -33.41 33.62 25.28
N ASP B 104 -33.42 34.50 26.27
CA ASP B 104 -32.23 35.31 26.58
C ASP B 104 -31.09 34.43 27.11
N HIS B 105 -31.46 33.39 27.85
CA HIS B 105 -30.52 32.41 28.36
C HIS B 105 -29.85 31.60 27.24
N VAL B 106 -30.65 31.07 26.31
CA VAL B 106 -30.12 30.30 25.18
C VAL B 106 -29.21 31.17 24.31
N VAL B 107 -29.72 32.35 23.92
CA VAL B 107 -28.94 33.32 23.12
C VAL B 107 -27.55 33.56 23.73
N LYS B 108 -27.51 33.91 25.01
CA LYS B 108 -26.25 34.11 25.73
C LYS B 108 -25.33 32.88 25.74
N MET B 109 -25.92 31.71 25.99
CA MET B 109 -25.18 30.46 26.06
C MET B 109 -24.61 30.00 24.72
N VAL B 110 -25.40 30.18 23.65
CA VAL B 110 -24.91 29.91 22.29
C VAL B 110 -23.71 30.81 21.99
N GLU B 111 -23.85 32.08 22.32
CA GLU B 111 -22.82 33.11 22.16
C GLU B 111 -21.53 32.73 22.88
N MET B 112 -21.65 32.16 24.08
CA MET B 112 -20.49 31.75 24.88
C MET B 112 -19.89 30.43 24.41
N GLY B 113 -20.58 29.74 23.52
CA GLY B 113 -20.13 28.46 22.97
C GLY B 113 -20.51 27.26 23.82
N LYS B 114 -21.37 27.49 24.82
CA LYS B 114 -21.79 26.46 25.77
C LYS B 114 -22.99 25.63 25.30
N TYR B 115 -23.91 26.27 24.59
CA TYR B 115 -25.02 25.55 23.95
C TYR B 115 -24.83 25.45 22.44
N ASP B 116 -25.51 24.46 21.85
CA ASP B 116 -25.49 24.27 20.41
C ASP B 116 -26.28 25.37 19.69
N ASN B 117 -25.72 25.86 18.59
CA ASN B 117 -26.35 26.93 17.80
C ASN B 117 -27.62 26.50 17.06
N HIS B 118 -27.73 25.21 16.75
CA HIS B 118 -28.94 24.66 16.09
C HIS B 118 -30.24 24.92 16.88
N LEU B 119 -30.09 25.17 18.18
CA LEU B 119 -31.23 25.48 19.03
C LEU B 119 -31.93 26.72 18.53
N LEU B 120 -31.13 27.75 18.22
CA LEU B 120 -31.65 29.02 17.69
C LEU B 120 -32.12 28.92 16.24
N GLU B 121 -31.61 27.96 15.50
CA GLU B 121 -32.08 27.69 14.15
C GLU B 121 -33.37 26.89 14.13
N ASP B 122 -33.46 25.85 14.98
CA ASP B 122 -34.62 24.94 14.99
C ASP B 122 -35.86 25.55 15.65
N TYR B 123 -35.64 26.58 16.45
CA TYR B 123 -36.72 27.23 17.19
C TYR B 123 -36.62 28.74 17.08
N THR B 124 -37.79 29.37 16.96
CA THR B 124 -37.89 30.81 16.90
C THR B 124 -38.03 31.35 18.32
N GLU B 125 -37.79 32.66 18.48
CA GLU B 125 -37.99 33.33 19.77
C GLU B 125 -39.38 33.08 20.35
N GLU B 126 -40.39 33.04 19.48
CA GLU B 126 -41.78 32.85 19.92
C GLU B 126 -41.97 31.46 20.52
N GLU B 127 -41.27 30.48 19.95
CA GLU B 127 -41.28 29.10 20.45
C GLU B 127 -40.52 28.91 21.77
N PHE B 128 -39.47 29.69 22.01
CA PHE B 128 -38.78 29.70 23.31
C PHE B 128 -39.59 30.37 24.40
N LYS B 129 -40.43 31.34 24.04
CA LYS B 129 -41.35 31.97 25.00
C LYS B 129 -42.41 30.97 25.46
N GLN B 130 -42.93 30.21 24.51
CA GLN B 130 -43.90 29.16 24.77
C GLN B 130 -43.33 28.04 25.65
N MET B 131 -42.10 27.60 25.34
CA MET B 131 -41.39 26.60 26.12
C MET B 131 -41.07 27.10 27.52
N ASP B 132 -40.81 28.40 27.63
CA ASP B 132 -40.57 29.03 28.91
C ASP B 132 -41.82 28.96 29.80
N THR B 133 -43.00 28.85 29.18
CA THR B 133 -44.26 28.65 29.92
C THR B 133 -44.42 27.21 30.41
N PHE B 134 -43.72 26.25 29.80
CA PHE B 134 -43.78 24.87 30.28
C PHE B 134 -43.02 24.73 31.60
N ILE B 135 -41.98 25.55 31.75
CA ILE B 135 -41.02 25.46 32.84
C ILE B 135 -41.64 25.86 34.19
N ASP B 136 -41.53 24.96 35.17
CA ASP B 136 -41.72 25.33 36.55
C ASP B 136 -40.37 25.27 37.27
N HIS B 137 -39.75 26.43 37.46
CA HIS B 137 -38.47 26.49 38.17
C HIS B 137 -38.52 25.96 39.61
N ASP B 138 -39.72 25.91 40.20
CA ASP B 138 -39.87 25.44 41.58
C ASP B 138 -39.70 23.95 41.69
N ARG B 139 -39.75 23.24 40.56
CA ARG B 139 -39.40 21.83 40.54
C ARG B 139 -37.98 21.60 41.13
N ASP B 140 -37.13 22.62 41.06
CA ASP B 140 -35.77 22.56 41.65
C ASP B 140 -35.79 22.31 43.15
N MET B 141 -36.88 22.73 43.80
CA MET B 141 -37.12 22.58 45.25
C MET B 141 -37.43 21.14 45.66
N THR B 142 -37.62 20.28 44.66
CA THR B 142 -37.97 18.87 44.88
C THR B 142 -36.74 17.93 44.87
N PHE B 143 -35.56 18.46 44.55
CA PHE B 143 -34.33 17.67 44.61
C PHE B 143 -33.89 17.48 46.07
N SER B 144 -33.38 16.30 46.39
CA SER B 144 -32.70 16.06 47.66
C SER B 144 -31.24 16.55 47.55
N TYR B 145 -30.54 16.66 48.68
CA TYR B 145 -29.19 17.21 48.68
C TYR B 145 -28.23 16.44 47.79
N ALA B 146 -28.20 15.10 47.91
CA ALA B 146 -27.27 14.32 47.11
C ALA B 146 -27.55 14.48 45.59
N ALA B 147 -28.83 14.65 45.25
CA ALA B 147 -29.28 14.94 43.88
C ALA B 147 -28.64 16.24 43.37
N VAL B 148 -28.63 17.27 44.22
CA VAL B 148 -28.09 18.56 43.84
C VAL B 148 -26.55 18.51 43.66
N LYS B 149 -25.87 17.71 44.48
CA LYS B 149 -24.43 17.49 44.31
C LYS B 149 -24.11 16.72 43.02
N GLN B 150 -24.93 15.72 42.69
CA GLN B 150 -24.82 15.06 41.38
C GLN B 150 -24.98 16.03 40.20
N LEU B 151 -26.08 16.79 40.19
CA LEU B 151 -26.35 17.80 39.15
C LEU B 151 -25.17 18.73 38.98
N GLU B 152 -24.78 19.34 40.09
CA GLU B 152 -23.67 20.30 40.14
C GLU B 152 -22.31 19.67 39.79
N GLY B 153 -22.14 18.39 40.08
CA GLY B 153 -20.89 17.70 39.78
C GLY B 153 -20.73 17.22 38.34
N LYS B 154 -21.82 16.74 37.75
CA LYS B 154 -21.72 16.11 36.44
C LYS B 154 -22.82 16.40 35.40
N TYR B 155 -23.91 17.05 35.80
CA TYR B 155 -25.03 17.30 34.89
C TYR B 155 -25.00 18.72 34.29
N LEU B 156 -24.94 19.74 35.15
CA LEU B 156 -25.12 21.13 34.74
C LEU B 156 -23.96 21.66 33.91
N VAL B 157 -24.28 22.39 32.86
CA VAL B 157 -23.28 23.05 32.01
C VAL B 157 -22.48 24.07 32.82
N GLN B 158 -21.16 23.85 32.85
CA GLN B 158 -20.24 24.59 33.70
C GLN B 158 -18.85 24.69 33.06
N ASN B 159 -18.04 25.63 33.54
CA ASN B 159 -16.63 25.71 33.20
C ASN B 159 -15.82 24.86 34.17
N ARG B 160 -15.20 23.80 33.66
CA ARG B 160 -14.41 22.89 34.51
C ARG B 160 -13.19 23.59 35.15
N VAL B 161 -12.54 24.45 34.37
CA VAL B 161 -11.35 25.18 34.83
C VAL B 161 -11.71 26.22 35.92
N THR B 162 -12.65 27.11 35.64
CA THR B 162 -12.97 28.20 36.57
C THR B 162 -14.01 27.83 37.66
N GLY B 163 -14.72 26.72 37.47
CA GLY B 163 -15.75 26.27 38.41
C GLY B 163 -17.11 26.98 38.31
N GLU B 164 -17.28 27.77 37.25
CA GLU B 164 -18.54 28.49 37.03
C GLU B 164 -19.66 27.58 36.54
N ILE B 165 -20.84 27.71 37.15
CA ILE B 165 -22.06 27.05 36.67
C ILE B 165 -22.86 28.08 35.85
N TYR B 166 -23.42 27.62 34.73
CA TYR B 166 -24.05 28.51 33.75
C TYR B 166 -25.56 28.37 33.65
N GLU B 167 -26.08 27.21 34.08
CA GLU B 167 -27.50 26.92 33.94
C GLU B 167 -28.07 26.37 35.25
N SER B 168 -29.37 26.10 35.23
CA SER B 168 -30.03 25.44 36.34
C SER B 168 -30.78 24.24 35.79
N ALA B 169 -31.28 23.40 36.69
CA ALA B 169 -31.83 22.10 36.35
C ALA B 169 -33.02 22.09 35.37
N GLN B 170 -33.91 23.09 35.44
CA GLN B 170 -35.06 23.09 34.53
C GLN B 170 -34.69 23.47 33.09
N PHE B 171 -33.68 24.32 32.94
CA PHE B 171 -33.12 24.62 31.60
C PHE B 171 -32.49 23.40 30.96
N LEU B 172 -31.75 22.62 31.76
CA LEU B 172 -31.19 21.36 31.30
C LEU B 172 -32.33 20.48 30.80
N TYR B 173 -33.39 20.37 31.59
CA TYR B 173 -34.51 19.48 31.28
C TYR B 173 -35.30 19.90 30.02
N ILE B 174 -35.57 21.20 29.90
CA ILE B 174 -36.39 21.71 28.79
C ILE B 174 -35.58 21.62 27.49
N LEU B 175 -34.27 21.86 27.59
CA LEU B 175 -33.41 21.83 26.43
C LEU B 175 -33.08 20.43 25.93
N VAL B 176 -32.90 19.48 26.85
CA VAL B 176 -32.77 18.07 26.46
C VAL B 176 -34.00 17.63 25.65
N ALA B 177 -35.19 18.00 26.13
CA ALA B 177 -36.46 17.75 25.46
C ALA B 177 -36.52 18.44 24.08
N ALA B 178 -36.17 19.73 24.06
CA ALA B 178 -36.18 20.50 22.84
C ALA B 178 -35.27 19.89 21.75
N CYS B 179 -34.05 19.48 22.13
CA CYS B 179 -33.10 18.91 21.17
C CYS B 179 -33.54 17.56 20.63
N LEU B 180 -34.10 16.71 21.49
CA LEU B 180 -34.46 15.35 21.11
C LEU B 180 -35.67 15.30 20.17
N PHE B 181 -36.58 16.27 20.33
CA PHE B 181 -37.79 16.36 19.52
C PHE B 181 -37.74 17.49 18.47
N SER B 182 -36.55 18.07 18.27
CA SER B 182 -36.37 19.22 17.35
C SER B 182 -36.79 18.98 15.89
N ASN B 183 -36.75 17.73 15.45
CA ASN B 183 -37.14 17.38 14.09
C ASN B 183 -38.58 16.99 13.93
N TYR B 184 -39.34 17.05 15.01
CA TYR B 184 -40.77 16.75 14.92
C TYR B 184 -41.50 17.84 14.13
N PRO B 185 -42.59 17.46 13.42
CA PRO B 185 -43.37 18.47 12.71
C PRO B 185 -43.87 19.48 13.72
N ARG B 186 -43.74 20.77 13.40
CA ARG B 186 -44.24 21.85 14.27
C ARG B 186 -45.67 21.56 14.80
N GLU B 187 -46.43 20.74 14.09
CA GLU B 187 -47.80 20.44 14.49
C GLU B 187 -47.93 19.67 15.82
N THR B 188 -46.95 18.82 16.15
CA THR B 188 -47.00 18.00 17.38
C THR B 188 -45.80 18.17 18.29
N ARG B 189 -44.85 19.00 17.87
CA ARG B 189 -43.48 19.03 18.41
C ARG B 189 -43.35 19.62 19.81
N LEU B 190 -43.94 20.78 20.03
CA LEU B 190 -43.95 21.43 21.33
C LEU B 190 -44.80 20.67 22.35
N GLN B 191 -45.77 19.91 21.85
CA GLN B 191 -46.57 19.03 22.67
C GLN B 191 -45.65 17.98 23.28
N TYR B 192 -44.86 17.34 22.43
CA TYR B 192 -43.89 16.33 22.83
C TYR B 192 -42.84 16.91 23.77
N VAL B 193 -42.38 18.12 23.48
CA VAL B 193 -41.39 18.80 24.29
C VAL B 193 -41.90 19.06 25.72
N LYS B 194 -43.14 19.57 25.83
CA LYS B 194 -43.76 19.79 27.14
C LYS B 194 -43.91 18.48 27.93
N ARG B 195 -44.44 17.45 27.28
CA ARG B 195 -44.73 16.20 27.97
C ARG B 195 -43.47 15.43 28.41
N PHE B 196 -42.43 15.47 27.57
CA PHE B 196 -41.15 14.87 27.93
C PHE B 196 -40.49 15.67 29.05
N TYR B 197 -40.59 17.01 28.98
CA TYR B 197 -40.05 17.87 30.01
C TYR B 197 -40.70 17.62 31.37
N ASP B 198 -42.02 17.48 31.37
CA ASP B 198 -42.78 17.11 32.55
C ASP B 198 -42.37 15.75 33.07
N ALA B 199 -42.16 14.78 32.18
CA ALA B 199 -41.83 13.42 32.61
C ALA B 199 -40.46 13.33 33.29
N VAL B 200 -39.46 13.99 32.72
CA VAL B 200 -38.11 13.97 33.30
C VAL B 200 -37.96 14.91 34.52
N SER B 201 -38.59 16.09 34.46
CA SER B 201 -38.49 17.06 35.55
C SER B 201 -39.26 16.63 36.81
N THR B 202 -40.19 15.70 36.67
CA THR B 202 -40.90 15.13 37.81
C THR B 202 -40.42 13.70 38.12
N PHE B 203 -39.33 13.28 37.47
CA PHE B 203 -38.61 12.04 37.81
C PHE B 203 -39.27 10.75 37.33
N LYS B 204 -40.27 10.85 36.46
CA LYS B 204 -40.91 9.62 35.96
C LYS B 204 -39.95 8.88 35.02
N ILE B 205 -39.13 9.66 34.33
CA ILE B 205 -38.15 9.12 33.37
C ILE B 205 -36.75 9.54 33.79
N SER B 206 -35.86 8.57 33.88
CA SER B 206 -34.43 8.81 34.13
C SER B 206 -33.60 8.62 32.88
N LEU B 207 -32.71 9.57 32.59
CA LEU B 207 -31.78 9.40 31.46
C LEU B 207 -30.31 9.30 31.85
N PRO B 208 -29.47 8.66 31.00
CA PRO B 208 -28.07 8.48 31.40
C PRO B 208 -27.31 9.80 31.42
N THR B 209 -26.18 9.81 32.13
CA THR B 209 -25.38 11.01 32.31
C THR B 209 -24.86 11.67 31.02
N PRO B 210 -24.41 10.87 30.03
CA PRO B 210 -24.00 11.47 28.73
C PRO B 210 -25.10 12.33 28.06
N ILE B 211 -26.33 11.84 28.06
CA ILE B 211 -27.49 12.60 27.59
C ILE B 211 -27.77 13.82 28.47
N MET B 212 -27.81 13.60 29.79
CA MET B 212 -28.05 14.66 30.77
C MET B 212 -26.99 15.77 30.80
N SER B 213 -25.72 15.40 30.64
CA SER B 213 -24.64 16.39 30.60
C SER B 213 -24.46 17.03 29.22
N GLY B 214 -24.81 16.31 28.15
CA GLY B 214 -24.43 16.71 26.78
C GLY B 214 -25.50 17.22 25.84
N VAL B 215 -26.69 16.64 25.87
CA VAL B 215 -27.76 17.02 24.95
C VAL B 215 -28.24 18.45 25.24
N ARG B 216 -27.89 19.35 24.33
CA ARG B 216 -28.10 20.81 24.42
C ARG B 216 -26.79 21.51 24.08
N THR B 217 -25.67 20.80 24.26
CA THR B 217 -24.32 21.33 24.02
C THR B 217 -23.79 20.96 22.60
N PRO B 218 -22.67 21.60 22.19
CA PRO B 218 -22.05 21.27 20.89
C PRO B 218 -21.66 19.80 20.68
N THR B 219 -21.60 18.99 21.73
CA THR B 219 -21.16 17.61 21.57
C THR B 219 -22.18 16.69 20.90
N ARG B 220 -21.69 15.61 20.30
CA ARG B 220 -22.55 14.57 19.74
C ARG B 220 -22.16 13.19 20.24
N GLN B 221 -21.33 13.15 21.27
CA GLN B 221 -20.87 11.90 21.87
C GLN B 221 -21.79 11.50 23.02
N PHE B 222 -22.63 10.49 22.77
CA PHE B 222 -23.61 10.04 23.76
C PHE B 222 -23.63 8.53 23.96
N SER B 223 -22.71 7.82 23.29
CA SER B 223 -22.66 6.36 23.44
C SER B 223 -21.78 5.95 24.62
N SER B 224 -22.39 5.27 25.60
CA SER B 224 -21.70 4.84 26.80
C SER B 224 -21.62 3.32 26.87
N CYS B 225 -22.15 2.66 25.86
CA CYS B 225 -22.40 1.23 25.94
C CYS B 225 -22.12 0.59 24.58
N VAL B 226 -20.93 -0.03 24.44
CA VAL B 226 -20.54 -0.66 23.16
C VAL B 226 -20.13 -2.12 23.32
N LEU B 227 -20.56 -2.95 22.37
CA LEU B 227 -20.19 -4.37 22.34
C LEU B 227 -19.38 -4.68 21.05
N ILE B 228 -18.21 -5.30 21.20
CA ILE B 228 -17.31 -5.60 20.07
C ILE B 228 -16.96 -7.08 20.08
N GLU B 229 -17.18 -7.74 18.95
CA GLU B 229 -16.80 -9.14 18.80
C GLU B 229 -15.50 -9.25 17.99
N CYS B 230 -14.55 -10.01 18.51
CA CYS B 230 -13.24 -10.14 17.89
C CYS B 230 -13.18 -11.44 17.10
N GLY B 231 -12.65 -11.36 15.87
CA GLY B 231 -12.42 -12.58 15.08
C GLY B 231 -11.09 -13.22 15.42
N ASP B 232 -10.86 -14.43 14.90
CA ASP B 232 -9.64 -15.15 15.18
C ASP B 232 -8.55 -14.87 14.14
N SER B 233 -8.14 -13.61 14.04
CA SER B 233 -7.10 -13.18 13.12
C SER B 233 -6.48 -11.94 13.68
N LEU B 234 -5.24 -11.66 13.31
CA LEU B 234 -4.53 -10.46 13.72
C LEU B 234 -5.19 -9.18 13.25
N ASP B 235 -5.74 -9.19 12.04
CA ASP B 235 -6.46 -8.04 11.53
C ASP B 235 -7.70 -7.70 12.38
N SER B 236 -8.38 -8.72 12.88
CA SER B 236 -9.56 -8.52 13.70
C SER B 236 -9.16 -8.06 15.09
N ILE B 237 -8.09 -8.67 15.63
CA ILE B 237 -7.53 -8.27 16.93
C ILE B 237 -7.15 -6.79 16.94
N ASN B 238 -6.42 -6.36 15.91
CA ASN B 238 -6.10 -4.94 15.70
C ASN B 238 -7.29 -4.01 15.53
N ALA B 239 -8.24 -4.42 14.69
CA ALA B 239 -9.49 -3.68 14.46
C ALA B 239 -10.28 -3.50 15.77
N THR B 240 -10.34 -4.56 16.56
CA THR B 240 -11.02 -4.59 17.87
C THR B 240 -10.36 -3.63 18.85
N SER B 241 -9.03 -3.70 18.92
CA SER B 241 -8.23 -2.82 19.77
C SER B 241 -8.34 -1.34 19.38
N SER B 242 -8.40 -1.07 18.08
CA SER B 242 -8.53 0.31 17.58
C SER B 242 -9.92 0.90 17.90
N ALA B 243 -10.94 0.06 17.71
CA ALA B 243 -12.34 0.41 18.07
C ALA B 243 -12.52 0.72 19.56
N ILE B 244 -11.91 -0.09 20.42
CA ILE B 244 -11.90 0.11 21.88
C ILE B 244 -11.30 1.48 22.25
N VAL B 245 -10.07 1.72 21.81
CA VAL B 245 -9.37 2.99 22.05
C VAL B 245 -10.19 4.19 21.63
N LYS B 246 -10.87 4.09 20.48
CA LYS B 246 -11.72 5.18 19.99
C LYS B 246 -12.90 5.44 20.93
N TYR B 247 -13.57 4.37 21.34
CA TYR B 247 -14.73 4.45 22.22
C TYR B 247 -14.40 4.79 23.67
N VAL B 248 -13.28 4.29 24.21
CA VAL B 248 -12.94 4.65 25.61
C VAL B 248 -12.48 6.10 25.74
N SER B 249 -12.04 6.71 24.63
CA SER B 249 -11.64 8.11 24.67
C SER B 249 -12.88 8.99 24.79
N GLN B 250 -14.04 8.42 24.47
CA GLN B 250 -15.33 9.07 24.63
C GLN B 250 -16.05 8.49 25.85
N ARG B 251 -15.33 7.68 26.62
CA ARG B 251 -15.82 7.23 27.93
C ARG B 251 -16.89 6.14 27.88
N ALA B 252 -16.93 5.36 26.81
CA ALA B 252 -17.82 4.21 26.72
C ALA B 252 -17.31 3.04 27.55
N GLY B 253 -18.24 2.31 28.16
CA GLY B 253 -17.94 1.01 28.72
C GLY B 253 -17.98 0.01 27.59
N ILE B 254 -17.16 -1.03 27.70
CA ILE B 254 -16.99 -1.99 26.60
C ILE B 254 -17.32 -3.41 27.05
N GLY B 255 -18.07 -4.13 26.21
CA GLY B 255 -18.15 -5.59 26.33
C GLY B 255 -17.41 -6.20 25.15
N ILE B 256 -16.47 -7.10 25.41
CA ILE B 256 -15.62 -7.69 24.36
C ILE B 256 -15.80 -9.21 24.25
N ASN B 257 -16.23 -9.69 23.10
CA ASN B 257 -16.18 -11.13 22.86
C ASN B 257 -14.83 -11.49 22.26
N ALA B 258 -14.02 -12.23 23.00
CA ALA B 258 -12.71 -12.71 22.53
C ALA B 258 -12.61 -14.24 22.57
N GLY B 259 -13.76 -14.88 22.75
CA GLY B 259 -13.84 -16.34 22.78
C GLY B 259 -13.39 -17.11 21.55
N ARG B 260 -13.30 -16.44 20.39
CA ARG B 260 -12.87 -17.10 19.14
C ARG B 260 -11.37 -17.23 18.98
N ILE B 261 -10.62 -16.43 19.72
CA ILE B 261 -9.17 -16.47 19.63
C ILE B 261 -8.70 -17.85 20.04
N ARG B 262 -7.84 -18.43 19.21
CA ARG B 262 -7.50 -19.84 19.32
C ARG B 262 -6.55 -20.05 20.50
N ALA B 263 -6.52 -21.26 21.03
CA ALA B 263 -5.71 -21.55 22.20
C ALA B 263 -4.21 -21.56 21.89
N LEU B 264 -3.43 -21.32 22.94
CA LEU B 264 -1.99 -21.53 22.96
C LEU B 264 -1.59 -22.91 22.41
N GLY B 265 -0.63 -22.92 21.49
CA GLY B 265 -0.14 -24.16 20.88
C GLY B 265 -0.92 -24.64 19.66
N SER B 266 -1.83 -23.81 19.17
CA SER B 266 -2.52 -24.08 17.92
C SER B 266 -1.56 -23.87 16.73
N PRO B 267 -1.75 -24.64 15.63
CA PRO B 267 -1.01 -24.38 14.38
C PRO B 267 -1.27 -22.97 13.83
N PHE B 274 -0.40 -16.72 17.31
CA PHE B 274 -1.51 -17.65 17.60
C PHE B 274 -1.09 -19.02 18.16
N HIS B 275 0.18 -19.36 17.97
CA HIS B 275 0.90 -20.24 18.87
C HIS B 275 0.82 -19.67 20.30
N THR B 276 0.82 -18.33 20.38
CA THR B 276 1.04 -17.56 21.62
C THR B 276 -0.10 -17.66 22.64
N GLY B 277 -1.33 -17.85 22.15
CA GLY B 277 -2.50 -17.97 23.00
C GLY B 277 -3.29 -16.70 23.22
N CYS B 278 -4.39 -16.83 23.96
CA CYS B 278 -5.34 -15.74 24.22
C CYS B 278 -4.82 -14.65 25.12
N ILE B 279 -4.05 -15.02 26.13
CA ILE B 279 -3.71 -14.09 27.21
C ILE B 279 -2.96 -12.81 26.77
N PRO B 280 -1.84 -12.91 26.00
CA PRO B 280 -1.18 -11.70 25.50
C PRO B 280 -2.10 -10.75 24.72
N PHE B 281 -3.06 -11.30 23.98
CA PHE B 281 -4.08 -10.50 23.33
C PHE B 281 -5.10 -9.85 24.28
N TYR B 282 -5.42 -10.52 25.38
CA TYR B 282 -6.34 -10.01 26.40
C TYR B 282 -5.65 -8.85 27.11
N LYS B 283 -4.35 -9.03 27.38
CA LYS B 283 -3.48 -7.96 27.89
C LYS B 283 -3.51 -6.71 27.01
N HIS B 284 -3.51 -6.94 25.70
CA HIS B 284 -3.50 -5.86 24.73
C HIS B 284 -4.83 -5.12 24.74
N PHE B 285 -5.93 -5.86 24.88
CA PHE B 285 -7.26 -5.25 24.99
C PHE B 285 -7.41 -4.41 26.27
N GLN B 286 -6.79 -4.86 27.36
CA GLN B 286 -6.82 -4.13 28.63
C GLN B 286 -6.12 -2.77 28.49
N THR B 287 -4.96 -2.76 27.82
CA THR B 287 -4.22 -1.51 27.59
C THR B 287 -4.96 -0.60 26.63
N ALA B 288 -5.68 -1.17 25.66
CA ALA B 288 -6.60 -0.38 24.84
C ALA B 288 -7.72 0.28 25.68
N VAL B 289 -8.28 -0.48 26.61
CA VAL B 289 -9.37 -0.01 27.49
C VAL B 289 -8.88 1.10 28.42
N LYS B 290 -7.64 0.96 28.86
CA LYS B 290 -7.01 1.90 29.79
C LYS B 290 -6.21 3.01 29.10
N SER B 291 -6.17 2.97 27.76
CA SER B 291 -5.36 3.91 26.94
C SER B 291 -5.65 5.38 27.23
N CYS B 292 -6.86 5.68 27.69
CA CYS B 292 -7.26 7.05 27.98
C CYS B 292 -7.59 7.29 29.47
N SER B 293 -6.91 6.57 30.36
CA SER B 293 -7.15 6.67 31.81
C SER B 293 -5.99 7.28 32.59
N GLN B 294 -6.32 8.28 33.41
CA GLN B 294 -5.44 9.02 34.37
C GLN B 294 -4.00 8.54 34.58
N GLY B 295 -3.84 7.23 34.79
CA GLY B 295 -2.51 6.64 35.01
C GLY B 295 -2.58 5.35 35.79
N GLY B 296 -2.60 4.22 35.06
CA GLY B 296 -2.79 2.90 35.66
C GLY B 296 -4.25 2.47 35.73
N VAL B 297 -4.95 2.93 36.77
CA VAL B 297 -6.30 2.43 37.10
C VAL B 297 -7.52 3.27 36.60
N ARG B 298 -7.80 4.40 37.25
CA ARG B 298 -9.13 5.04 37.20
C ARG B 298 -9.59 5.54 35.81
N GLY B 299 -10.85 5.23 35.46
CA GLY B 299 -11.41 5.48 34.12
C GLY B 299 -11.21 4.25 33.24
N GLY B 300 -12.00 4.10 32.18
CA GLY B 300 -11.87 2.98 31.22
C GLY B 300 -12.27 1.60 31.73
N ALA B 301 -13.40 1.07 31.26
CA ALA B 301 -13.93 -0.20 31.79
C ALA B 301 -14.46 -1.18 30.73
N ALA B 302 -14.10 -2.46 30.89
CA ALA B 302 -14.55 -3.52 30.00
C ALA B 302 -14.83 -4.84 30.72
N THR B 303 -15.75 -5.62 30.14
CA THR B 303 -15.93 -7.03 30.46
C THR B 303 -15.68 -7.86 29.19
N LEU B 304 -14.86 -8.89 29.33
CA LEU B 304 -14.47 -9.75 28.24
C LEU B 304 -15.11 -11.12 28.41
N PHE B 305 -15.71 -11.64 27.32
CA PHE B 305 -16.46 -12.90 27.30
C PHE B 305 -15.79 -14.05 26.54
N TYR B 306 -15.93 -15.26 27.10
CA TYR B 306 -15.39 -16.47 26.52
C TYR B 306 -16.19 -17.71 26.95
N PRO B 307 -16.14 -18.79 26.14
CA PRO B 307 -16.90 -20.00 26.49
C PRO B 307 -16.26 -20.80 27.60
N MET B 308 -17.07 -21.52 28.36
CA MET B 308 -16.57 -22.38 29.44
C MET B 308 -15.71 -23.54 28.91
N TRP B 309 -15.95 -23.97 27.67
CA TRP B 309 -15.23 -25.12 27.11
C TRP B 309 -13.96 -24.76 26.33
N HIS B 310 -13.58 -23.48 26.28
CA HIS B 310 -12.35 -23.03 25.66
C HIS B 310 -11.17 -23.77 26.29
N LEU B 311 -10.19 -24.16 25.48
CA LEU B 311 -9.08 -25.00 25.95
C LEU B 311 -8.26 -24.32 27.05
N GLU B 312 -8.25 -23.00 27.04
CA GLU B 312 -7.48 -22.20 27.99
C GLU B 312 -8.31 -21.71 29.16
N VAL B 313 -9.57 -22.15 29.26
CA VAL B 313 -10.49 -21.67 30.31
C VAL B 313 -9.90 -21.63 31.73
N GLU B 314 -9.07 -22.62 32.10
CA GLU B 314 -8.52 -22.68 33.47
C GLU B 314 -7.53 -21.58 33.78
N SER B 315 -6.75 -21.18 32.77
CA SER B 315 -5.87 -20.01 32.85
C SER B 315 -6.69 -18.74 32.88
N LEU B 316 -7.75 -18.73 32.08
CA LEU B 316 -8.58 -17.56 31.89
C LEU B 316 -9.39 -17.24 33.14
N LEU B 317 -9.90 -18.27 33.81
CA LEU B 317 -10.68 -18.14 35.05
C LEU B 317 -9.96 -17.36 36.14
N VAL B 318 -8.63 -17.47 36.19
CA VAL B 318 -7.84 -16.91 37.30
C VAL B 318 -7.14 -15.59 36.97
N LEU B 319 -7.54 -14.95 35.87
CA LEU B 319 -6.86 -13.76 35.35
C LEU B 319 -6.90 -12.55 36.28
N LYS B 320 -7.93 -12.41 37.10
CA LYS B 320 -7.90 -11.28 38.05
C LYS B 320 -7.49 -11.63 39.47
N ASN B 321 -7.01 -12.85 39.65
CA ASN B 321 -6.47 -13.34 40.91
C ASN B 321 -5.24 -12.51 41.29
N ASN B 322 -5.30 -11.90 42.47
CA ASN B 322 -4.32 -10.89 42.93
C ASN B 322 -2.90 -11.40 43.14
N ARG B 323 -2.75 -12.68 43.43
CA ARG B 323 -1.44 -13.23 43.73
C ARG B 323 -1.03 -14.38 42.80
N GLY B 324 -0.72 -14.03 41.55
CA GLY B 324 -0.09 -14.97 40.63
C GLY B 324 1.12 -14.30 40.00
N VAL B 325 1.56 -14.83 38.85
CA VAL B 325 2.66 -14.21 38.09
C VAL B 325 2.11 -13.23 37.03
N GLU B 326 2.80 -12.11 36.85
CA GLU B 326 2.29 -10.97 36.08
C GLU B 326 1.92 -11.28 34.62
N GLY B 327 2.66 -12.20 34.01
CA GLY B 327 2.38 -12.61 32.63
C GLY B 327 1.17 -13.53 32.53
N ASN B 328 0.73 -14.08 33.66
CA ASN B 328 -0.46 -14.94 33.70
C ASN B 328 -1.71 -14.19 34.17
N ARG B 329 -1.63 -12.85 34.26
CA ARG B 329 -2.68 -12.05 34.89
C ARG B 329 -3.12 -10.84 34.07
N VAL B 330 -4.45 -10.64 34.01
CA VAL B 330 -5.08 -9.50 33.32
C VAL B 330 -6.23 -9.01 34.23
N ARG B 331 -5.87 -8.13 35.15
CA ARG B 331 -6.64 -7.87 36.37
C ARG B 331 -7.66 -6.74 36.28
N HIS B 332 -7.45 -5.80 35.36
CA HIS B 332 -8.25 -4.60 35.27
C HIS B 332 -9.26 -4.67 34.14
N MET B 333 -9.67 -5.90 33.85
CA MET B 333 -10.89 -6.14 33.11
C MET B 333 -11.71 -7.14 33.93
N ASP B 334 -13.00 -7.19 33.66
CA ASP B 334 -13.89 -8.19 34.23
C ASP B 334 -14.18 -9.24 33.17
N TYR B 335 -14.73 -10.38 33.59
CA TYR B 335 -14.94 -11.52 32.69
C TYR B 335 -16.31 -12.17 32.83
N GLY B 336 -16.86 -12.60 31.71
CA GLY B 336 -18.09 -13.37 31.69
C GLY B 336 -17.85 -14.74 31.07
N VAL B 337 -18.10 -15.79 31.84
CA VAL B 337 -17.95 -17.15 31.36
C VAL B 337 -19.29 -17.52 30.73
N GLN B 338 -19.24 -18.12 29.55
CA GLN B 338 -20.45 -18.44 28.79
C GLN B 338 -20.76 -19.92 28.92
N ILE B 339 -22.00 -20.20 29.31
CA ILE B 339 -22.43 -21.54 29.70
C ILE B 339 -23.75 -21.89 29.01
N ASN B 340 -24.01 -23.17 28.84
CA ASN B 340 -25.29 -23.65 28.31
C ASN B 340 -25.71 -24.93 29.05
N LYS B 341 -26.87 -25.46 28.70
CA LYS B 341 -27.45 -26.63 29.39
C LYS B 341 -26.53 -27.84 29.49
N LEU B 342 -25.81 -28.14 28.40
CA LEU B 342 -24.89 -29.27 28.36
C LEU B 342 -23.78 -29.19 29.42
N MET B 343 -23.22 -27.99 29.62
CA MET B 343 -22.19 -27.79 30.65
C MET B 343 -22.76 -28.11 32.03
N TYR B 344 -23.93 -27.56 32.34
CA TYR B 344 -24.59 -27.79 33.63
C TYR B 344 -24.93 -29.27 33.90
N THR B 345 -25.44 -29.95 32.88
CA THR B 345 -25.77 -31.38 32.96
C THR B 345 -24.54 -32.23 33.30
N ARG B 346 -23.38 -31.84 32.76
CA ARG B 346 -22.12 -32.48 33.10
C ARG B 346 -21.80 -32.31 34.58
N LEU B 347 -22.08 -31.11 35.12
CA LEU B 347 -21.90 -30.83 36.54
C LEU B 347 -22.81 -31.74 37.38
N LEU B 348 -24.11 -31.72 37.08
CA LEU B 348 -25.11 -32.52 37.81
C LEU B 348 -24.77 -34.00 37.80
N LYS B 349 -24.44 -34.52 36.62
CA LYS B 349 -24.09 -35.93 36.46
C LYS B 349 -22.70 -36.32 36.98
N GLY B 350 -21.91 -35.34 37.42
CA GLY B 350 -20.56 -35.60 37.94
C GLY B 350 -19.62 -36.12 36.86
N GLU B 351 -19.90 -35.70 35.62
CA GLU B 351 -19.15 -36.12 34.46
C GLU B 351 -17.99 -35.17 34.12
N ASP B 352 -17.28 -35.46 33.04
CA ASP B 352 -16.21 -34.59 32.55
C ASP B 352 -16.73 -33.53 31.58
N ILE B 353 -16.02 -32.41 31.51
CA ILE B 353 -16.19 -31.43 30.44
C ILE B 353 -14.93 -31.46 29.56
N THR B 354 -15.15 -31.46 28.25
CA THR B 354 -14.06 -31.49 27.29
C THR B 354 -13.81 -30.06 26.78
N LEU B 355 -12.55 -29.66 26.87
CA LEU B 355 -12.15 -28.34 26.41
C LEU B 355 -11.53 -28.42 25.02
N PHE B 356 -11.89 -27.47 24.16
CA PHE B 356 -11.39 -27.37 22.80
C PHE B 356 -10.93 -25.94 22.51
N SER B 357 -10.01 -25.78 21.57
CA SER B 357 -9.83 -24.49 20.95
C SER B 357 -10.93 -24.40 19.90
N PRO B 358 -11.65 -23.26 19.83
CA PRO B 358 -12.70 -23.13 18.80
C PRO B 358 -12.21 -23.34 17.35
N SER B 359 -10.91 -23.22 17.12
CA SER B 359 -10.36 -23.36 15.79
C SER B 359 -10.28 -24.84 15.34
N ASP B 360 -10.33 -25.77 16.29
CA ASP B 360 -10.18 -27.21 16.03
C ASP B 360 -11.50 -27.95 15.86
N VAL B 361 -12.61 -27.22 16.02
CA VAL B 361 -13.95 -27.83 16.12
C VAL B 361 -14.98 -27.10 15.24
N PRO B 362 -14.96 -27.38 13.92
CA PRO B 362 -15.79 -26.60 12.98
C PRO B 362 -17.28 -26.64 13.30
N GLY B 363 -17.89 -25.47 13.42
CA GLY B 363 -19.31 -25.36 13.70
C GLY B 363 -19.68 -25.36 15.18
N LEU B 364 -18.75 -25.74 16.05
CA LEU B 364 -19.06 -25.95 17.47
C LEU B 364 -19.32 -24.63 18.21
N TYR B 365 -18.51 -23.61 17.93
CA TYR B 365 -18.70 -22.28 18.49
C TYR B 365 -20.02 -21.64 18.10
N ASP B 366 -20.45 -21.79 16.86
CA ASP B 366 -21.71 -21.17 16.40
C ASP B 366 -22.92 -21.86 16.97
N ALA B 367 -22.82 -23.18 17.08
CA ALA B 367 -23.90 -24.00 17.60
C ALA B 367 -24.18 -23.65 19.07
N PHE B 368 -23.10 -23.44 19.83
CA PHE B 368 -23.10 -23.06 21.25
C PHE B 368 -24.07 -21.92 21.58
N PHE B 369 -24.11 -20.93 20.70
CA PHE B 369 -25.04 -19.83 20.83
C PHE B 369 -26.38 -20.10 20.11
N ALA B 370 -26.32 -20.58 18.87
CA ALA B 370 -27.51 -20.62 18.00
C ALA B 370 -28.39 -21.87 18.09
N ASP B 371 -27.83 -23.02 18.43
CA ASP B 371 -28.52 -24.32 18.22
C ASP B 371 -28.01 -25.41 19.16
N GLN B 372 -28.71 -25.61 20.28
CA GLN B 372 -28.26 -26.51 21.34
C GLN B 372 -28.19 -27.99 20.93
N GLU B 373 -29.07 -28.39 20.03
CA GLU B 373 -29.06 -29.76 19.46
C GLU B 373 -27.87 -30.01 18.57
N GLU B 374 -27.58 -29.04 17.70
CA GLU B 374 -26.39 -29.06 16.87
C GLU B 374 -25.13 -29.06 17.75
N PHE B 375 -25.12 -28.22 18.78
CA PHE B 375 -23.99 -28.18 19.72
C PHE B 375 -23.79 -29.55 20.36
N GLU B 376 -24.90 -30.15 20.80
CA GLU B 376 -24.90 -31.50 21.40
C GLU B 376 -24.22 -32.51 20.49
N ARG B 377 -24.61 -32.49 19.21
CA ARG B 377 -24.11 -33.44 18.22
C ARG B 377 -22.61 -33.26 17.96
N LEU B 378 -22.22 -32.03 17.63
CA LEU B 378 -20.82 -31.71 17.35
C LEU B 378 -19.91 -31.90 18.58
N TYR B 379 -20.41 -31.55 19.76
CA TYR B 379 -19.64 -31.69 20.99
C TYR B 379 -19.29 -33.16 21.25
N THR B 380 -20.31 -34.02 21.25
CA THR B 380 -20.12 -35.47 21.41
C THR B 380 -19.33 -36.10 20.24
N LYS B 381 -19.54 -35.61 19.03
CA LYS B 381 -18.74 -36.05 17.87
C LYS B 381 -17.25 -35.78 18.15
N TYR B 382 -16.92 -34.53 18.44
CA TYR B 382 -15.53 -34.12 18.64
C TYR B 382 -14.93 -34.66 19.93
N GLU B 383 -15.77 -34.96 20.91
CA GLU B 383 -15.33 -35.67 22.12
C GLU B 383 -14.88 -37.09 21.78
N LYS B 384 -15.55 -37.71 20.81
CA LYS B 384 -15.24 -39.08 20.35
C LYS B 384 -14.06 -39.14 19.38
N ASP B 385 -13.74 -38.00 18.76
CA ASP B 385 -12.71 -37.91 17.74
C ASP B 385 -11.30 -37.72 18.33
N ASP B 386 -10.45 -38.74 18.19
CA ASP B 386 -9.10 -38.72 18.81
C ASP B 386 -8.05 -37.91 18.03
N SER B 387 -8.38 -37.46 16.83
CA SER B 387 -7.46 -36.65 16.04
C SER B 387 -7.45 -35.18 16.48
N ILE B 388 -8.50 -34.80 17.21
CA ILE B 388 -8.74 -33.42 17.64
C ILE B 388 -8.09 -33.15 18.99
N ARG B 389 -7.26 -32.10 19.06
CA ARG B 389 -6.63 -31.70 20.33
C ARG B 389 -7.70 -31.27 21.33
N LYS B 390 -7.62 -31.80 22.54
CA LYS B 390 -8.63 -31.58 23.57
C LYS B 390 -8.07 -31.83 24.96
N GLN B 391 -8.84 -31.42 25.97
CA GLN B 391 -8.53 -31.73 27.35
C GLN B 391 -9.79 -32.04 28.16
N ARG B 392 -9.68 -33.00 29.07
CA ARG B 392 -10.76 -33.41 29.94
C ARG B 392 -10.57 -32.81 31.33
N VAL B 393 -11.64 -32.24 31.87
CA VAL B 393 -11.65 -31.78 33.26
C VAL B 393 -12.95 -32.24 33.91
N LYS B 394 -12.91 -32.57 35.20
CA LYS B 394 -14.14 -32.84 35.94
C LYS B 394 -14.98 -31.57 35.96
N ALA B 395 -16.24 -31.68 35.53
CA ALA B 395 -17.19 -30.55 35.60
C ALA B 395 -17.24 -29.87 36.99
N VAL B 396 -17.20 -30.67 38.05
CA VAL B 396 -17.27 -30.11 39.41
C VAL B 396 -16.11 -29.18 39.71
N GLU B 397 -14.93 -29.57 39.25
CA GLU B 397 -13.71 -28.82 39.47
C GLU B 397 -13.70 -27.51 38.69
N LEU B 398 -14.16 -27.57 37.45
CA LEU B 398 -14.21 -26.43 36.55
C LEU B 398 -15.20 -25.38 37.05
N PHE B 399 -16.41 -25.81 37.39
CA PHE B 399 -17.42 -24.96 38.05
C PHE B 399 -16.96 -24.41 39.41
N SER B 400 -16.25 -25.24 40.19
CA SER B 400 -15.73 -24.81 41.50
C SER B 400 -14.68 -23.72 41.38
N LEU B 401 -13.79 -23.87 40.41
CA LEU B 401 -12.74 -22.91 40.13
C LEU B 401 -13.38 -21.59 39.73
N MET B 402 -14.33 -21.66 38.79
CA MET B 402 -15.06 -20.48 38.35
C MET B 402 -15.78 -19.75 39.48
N MET B 403 -16.55 -20.50 40.28
CA MET B 403 -17.32 -19.90 41.37
C MET B 403 -16.41 -19.41 42.49
N GLN B 404 -15.30 -20.11 42.69
CA GLN B 404 -14.23 -19.64 43.57
C GLN B 404 -13.72 -18.26 43.10
N GLU B 405 -13.47 -18.11 41.80
CA GLU B 405 -12.94 -16.84 41.28
C GLU B 405 -14.00 -15.75 41.28
N ARG B 406 -15.23 -16.13 41.00
CA ARG B 406 -16.39 -15.27 41.15
C ARG B 406 -16.54 -14.78 42.59
N ALA B 407 -16.36 -15.68 43.57
CA ALA B 407 -16.56 -15.34 44.98
C ALA B 407 -15.50 -14.38 45.50
N SER B 408 -14.25 -14.59 45.09
CA SER B 408 -13.15 -13.81 45.64
C SER B 408 -13.05 -12.41 45.04
N THR B 409 -13.39 -12.26 43.76
CA THR B 409 -13.35 -10.94 43.14
C THR B 409 -14.75 -10.34 43.02
N GLY B 410 -15.77 -11.18 43.01
CA GLY B 410 -17.11 -10.75 42.66
C GLY B 410 -17.32 -10.35 41.22
N ARG B 411 -16.29 -10.48 40.38
CA ARG B 411 -16.30 -9.90 39.02
C ARG B 411 -16.04 -10.90 37.92
N ILE B 412 -16.30 -12.17 38.20
CA ILE B 412 -16.39 -13.19 37.18
C ILE B 412 -17.87 -13.45 37.00
N TYR B 413 -18.39 -13.09 35.82
CA TYR B 413 -19.79 -13.14 35.57
C TYR B 413 -20.17 -14.41 34.83
N ILE B 414 -21.48 -14.62 34.68
CA ILE B 414 -22.02 -15.79 34.03
C ILE B 414 -22.98 -15.32 32.94
N GLN B 415 -22.89 -15.96 31.77
CA GLN B 415 -23.90 -15.74 30.73
C GLN B 415 -24.42 -17.08 30.25
N ASN B 416 -25.73 -17.26 30.34
CA ASN B 416 -26.36 -18.48 29.86
C ASN B 416 -26.78 -18.26 28.41
N VAL B 417 -25.91 -18.71 27.50
CA VAL B 417 -26.03 -18.34 26.07
C VAL B 417 -27.21 -18.99 25.37
N ASP B 418 -27.63 -20.17 25.85
CA ASP B 418 -28.87 -20.79 25.35
C ASP B 418 -30.08 -19.94 25.68
N HIS B 419 -30.23 -19.55 26.95
CA HIS B 419 -31.33 -18.64 27.35
C HIS B 419 -31.32 -17.34 26.54
N CYS B 420 -30.13 -16.80 26.25
CA CYS B 420 -30.02 -15.54 25.49
C CYS B 420 -30.53 -15.67 24.06
N ASN B 421 -30.60 -16.91 23.59
CA ASN B 421 -30.93 -17.19 22.20
C ASN B 421 -32.25 -17.91 22.00
N THR B 422 -32.66 -18.72 22.96
CA THR B 422 -34.02 -19.35 22.96
C THR B 422 -35.12 -18.38 23.41
N HIS B 423 -34.77 -17.44 24.27
CA HIS B 423 -35.72 -16.42 24.72
C HIS B 423 -35.10 -15.09 24.37
N SER B 424 -35.42 -14.58 23.19
CA SER B 424 -34.68 -13.48 22.58
C SER B 424 -35.51 -12.83 21.49
N PRO B 425 -35.34 -11.50 21.32
CA PRO B 425 -35.97 -10.76 20.23
C PRO B 425 -35.28 -11.00 18.87
N PHE B 426 -34.23 -11.81 18.84
CA PHE B 426 -33.44 -12.06 17.63
C PHE B 426 -33.50 -13.53 17.21
N ASP B 427 -33.52 -13.75 15.90
CA ASP B 427 -33.47 -15.08 15.34
C ASP B 427 -32.02 -15.55 15.40
N PRO B 428 -31.72 -16.60 16.21
CA PRO B 428 -30.32 -16.94 16.41
C PRO B 428 -29.62 -17.52 15.18
N ALA B 429 -30.39 -17.97 14.19
CA ALA B 429 -29.81 -18.46 12.94
C ALA B 429 -29.21 -17.33 12.11
N ILE B 430 -29.76 -16.12 12.27
CA ILE B 430 -29.33 -14.95 11.50
C ILE B 430 -28.52 -13.94 12.32
N ALA B 431 -29.06 -13.57 13.48
CA ALA B 431 -28.45 -12.58 14.35
C ALA B 431 -28.32 -13.15 15.77
N PRO B 432 -27.34 -14.03 15.99
CA PRO B 432 -27.29 -14.60 17.34
C PRO B 432 -26.75 -13.58 18.35
N VAL B 433 -27.07 -13.79 19.62
CA VAL B 433 -26.55 -12.96 20.68
C VAL B 433 -25.40 -13.77 21.24
N ARG B 434 -24.21 -13.21 21.17
CA ARG B 434 -23.04 -13.98 21.53
C ARG B 434 -22.16 -13.38 22.62
N GLN B 435 -22.68 -12.34 23.28
CA GLN B 435 -21.95 -11.69 24.37
C GLN B 435 -22.88 -10.74 25.09
N SER B 436 -22.37 -10.06 26.11
CA SER B 436 -23.10 -8.98 26.72
C SER B 436 -22.21 -7.71 26.75
N ASN B 437 -22.50 -6.78 27.65
CA ASN B 437 -21.72 -5.56 27.79
C ASN B 437 -20.98 -5.56 29.12
N LEU B 438 -20.46 -4.38 29.51
CA LEU B 438 -19.83 -4.17 30.80
C LEU B 438 -20.64 -4.72 31.99
N CYS B 439 -21.90 -4.27 32.11
CA CYS B 439 -22.75 -4.55 33.28
C CYS B 439 -23.74 -5.70 33.13
N LEU B 440 -23.64 -6.45 32.02
CA LEU B 440 -24.34 -7.74 31.83
C LEU B 440 -25.86 -7.67 31.61
N GLU B 441 -26.38 -6.51 31.22
CA GLU B 441 -27.81 -6.40 30.94
C GLU B 441 -28.14 -6.26 29.42
N ILE B 442 -27.11 -6.00 28.60
CA ILE B 442 -27.31 -5.76 27.19
C ILE B 442 -27.01 -7.06 26.43
N ALA B 443 -27.88 -7.38 25.47
CA ALA B 443 -27.74 -8.62 24.73
C ALA B 443 -28.18 -8.39 23.28
N LEU B 444 -27.18 -8.24 22.41
CA LEU B 444 -27.36 -7.83 21.02
C LEU B 444 -26.44 -8.57 20.07
N PRO B 445 -26.84 -8.65 18.78
CA PRO B 445 -25.96 -9.21 17.74
C PRO B 445 -24.72 -8.35 17.45
N THR B 446 -23.65 -9.02 17.03
CA THR B 446 -22.38 -8.41 16.63
C THR B 446 -21.74 -9.21 15.48
N LYS B 447 -20.79 -8.59 14.76
CA LYS B 447 -19.99 -9.29 13.74
C LYS B 447 -18.57 -8.77 13.87
N PRO B 448 -17.56 -9.65 13.81
CA PRO B 448 -16.16 -9.22 13.87
C PRO B 448 -15.78 -8.25 12.74
N LEU B 449 -14.84 -7.34 13.04
CA LEU B 449 -14.31 -6.42 12.02
C LEU B 449 -13.00 -6.94 11.42
N ASN B 450 -12.76 -6.56 10.15
CA ASN B 450 -11.54 -6.83 9.37
C ASN B 450 -10.50 -5.79 9.62
N ASP B 451 -11.01 -4.61 9.98
CA ASP B 451 -10.32 -3.35 9.91
C ASP B 451 -11.23 -2.42 10.71
N VAL B 452 -10.67 -1.39 11.33
CA VAL B 452 -11.44 -0.43 12.14
C VAL B 452 -12.63 0.12 11.37
N ASN B 453 -12.45 0.27 10.07
CA ASN B 453 -13.42 0.91 9.20
C ASN B 453 -14.20 -0.07 8.35
N ASP B 454 -14.11 -1.34 8.73
CA ASP B 454 -14.84 -2.42 8.08
C ASP B 454 -16.36 -2.20 8.07
N GLU B 455 -16.92 -2.14 6.85
CA GLU B 455 -18.35 -1.84 6.63
C GLU B 455 -19.18 -3.10 6.80
N ASN B 456 -18.53 -4.25 6.78
CA ASN B 456 -19.24 -5.52 6.98
C ASN B 456 -19.28 -6.01 8.44
N GLY B 457 -18.59 -5.30 9.33
CA GLY B 457 -18.61 -5.65 10.74
C GLY B 457 -19.86 -5.09 11.42
N GLU B 458 -20.11 -5.54 12.64
CA GLU B 458 -21.17 -4.93 13.45
C GLU B 458 -20.77 -4.80 14.91
N ILE B 459 -20.77 -3.56 15.38
CA ILE B 459 -20.62 -3.26 16.80
C ILE B 459 -22.00 -2.87 17.31
N ALA B 460 -22.43 -3.53 18.36
CA ALA B 460 -23.73 -3.26 18.99
C ALA B 460 -23.60 -2.04 19.88
N LEU B 461 -24.56 -1.14 19.77
CA LEU B 461 -24.65 0.00 20.66
C LEU B 461 -26.04 -0.05 21.21
N CYS B 462 -26.21 0.40 22.46
CA CYS B 462 -27.53 0.48 23.02
C CYS B 462 -27.76 1.79 23.74
N THR B 463 -28.91 2.38 23.51
CA THR B 463 -29.24 3.66 24.11
C THR B 463 -30.20 3.40 25.26
N LEU B 464 -29.91 4.01 26.41
CA LEU B 464 -30.52 3.64 27.70
C LEU B 464 -31.40 4.71 28.34
N SER B 465 -32.29 4.21 29.21
CA SER B 465 -33.14 5.05 30.06
C SER B 465 -33.83 4.16 31.08
N ALA B 466 -34.54 4.77 32.02
CA ALA B 466 -35.33 4.00 33.00
C ALA B 466 -36.63 4.69 33.39
N PHE B 467 -37.60 3.87 33.81
CA PHE B 467 -38.84 4.37 34.41
C PHE B 467 -38.68 4.39 35.92
N ASN B 468 -39.11 5.47 36.57
CA ASN B 468 -39.12 5.55 38.00
C ASN B 468 -40.39 4.93 38.57
N LEU B 469 -40.29 3.67 39.01
CA LEU B 469 -41.44 2.93 39.58
C LEU B 469 -42.05 3.58 40.81
N GLY B 470 -41.33 4.51 41.42
CA GLY B 470 -41.83 5.21 42.60
C GLY B 470 -42.57 6.48 42.31
N ALA B 471 -42.43 7.02 41.10
CA ALA B 471 -43.06 8.31 40.72
C ALA B 471 -44.37 8.14 39.93
N ILE B 472 -44.68 6.90 39.55
CA ILE B 472 -45.95 6.61 38.91
C ILE B 472 -47.04 6.25 39.93
N ASN B 473 -48.29 6.62 39.65
CA ASN B 473 -49.41 6.28 40.55
C ASN B 473 -50.07 4.96 40.19
N ASN B 474 -50.06 4.62 38.91
CA ASN B 474 -50.47 3.30 38.47
C ASN B 474 -49.80 2.89 37.16
N LEU B 475 -49.93 1.61 36.83
CA LEU B 475 -49.17 1.01 35.74
C LEU B 475 -49.53 1.52 34.34
N ASP B 476 -50.72 2.11 34.19
CA ASP B 476 -51.18 2.63 32.90
C ASP B 476 -50.62 4.02 32.59
N GLU B 477 -49.97 4.65 33.58
CA GLU B 477 -49.14 5.84 33.33
C GLU B 477 -47.97 5.52 32.38
N LEU B 478 -47.56 4.26 32.37
CA LEU B 478 -46.44 3.79 31.55
C LEU B 478 -46.71 3.89 30.05
N GLU B 479 -47.98 4.01 29.64
CA GLU B 479 -48.35 4.11 28.21
C GLU B 479 -47.75 5.35 27.57
N GLU B 480 -48.00 6.49 28.21
CA GLU B 480 -47.50 7.78 27.78
C GLU B 480 -45.99 7.92 28.00
N LEU B 481 -45.49 7.40 29.14
CA LEU B 481 -44.07 7.45 29.46
C LEU B 481 -43.24 6.63 28.48
N ALA B 482 -43.74 5.46 28.12
CA ALA B 482 -43.14 4.62 27.08
C ALA B 482 -43.12 5.29 25.71
N ILE B 483 -44.21 5.96 25.36
CA ILE B 483 -44.28 6.72 24.11
C ILE B 483 -43.15 7.75 24.16
N LEU B 484 -43.08 8.46 25.28
CA LEU B 484 -42.09 9.52 25.46
C LEU B 484 -40.65 9.03 25.42
N ALA B 485 -40.35 7.95 26.13
CA ALA B 485 -39.01 7.40 26.25
C ALA B 485 -38.51 6.76 24.95
N VAL B 486 -39.32 5.91 24.33
CA VAL B 486 -39.00 5.32 23.03
C VAL B 486 -38.70 6.40 21.96
N ARG B 487 -39.54 7.44 21.86
CA ARG B 487 -39.39 8.45 20.82
C ARG B 487 -38.22 9.39 21.07
N ALA B 488 -37.96 9.70 22.35
CA ALA B 488 -36.79 10.53 22.67
C ALA B 488 -35.48 9.78 22.40
N LEU B 489 -35.45 8.49 22.72
CA LEU B 489 -34.24 7.71 22.51
C LEU B 489 -34.06 7.32 21.03
N ASP B 490 -35.17 7.11 20.31
CA ASP B 490 -35.08 6.82 18.90
C ASP B 490 -34.56 8.02 18.08
N ALA B 491 -34.99 9.21 18.47
CA ALA B 491 -34.50 10.45 17.88
C ALA B 491 -33.03 10.61 18.15
N LEU B 492 -32.60 10.29 19.37
CA LEU B 492 -31.17 10.37 19.74
C LEU B 492 -30.29 9.49 18.84
N LEU B 493 -30.81 8.33 18.43
CA LEU B 493 -30.04 7.47 17.53
C LEU B 493 -29.62 8.21 16.24
N ASP B 494 -30.48 9.10 15.74
CA ASP B 494 -30.19 9.88 14.53
C ASP B 494 -29.40 11.15 14.80
N TYR B 495 -29.26 11.49 16.07
CA TYR B 495 -28.68 12.75 16.47
C TYR B 495 -27.21 12.56 16.85
N GLN B 496 -26.88 11.40 17.40
CA GLN B 496 -25.54 11.14 17.96
C GLN B 496 -24.49 10.78 16.88
N ASP B 497 -23.21 11.08 17.15
CA ASP B 497 -22.12 10.72 16.24
C ASP B 497 -21.73 9.24 16.35
N TYR B 498 -21.20 8.69 15.27
CA TYR B 498 -20.70 7.32 15.27
C TYR B 498 -19.26 7.30 14.77
N PRO B 499 -18.28 7.15 15.69
CA PRO B 499 -16.87 7.20 15.30
C PRO B 499 -16.36 5.95 14.58
N ILE B 500 -17.12 4.86 14.59
CA ILE B 500 -16.77 3.61 13.93
C ILE B 500 -17.91 3.22 13.01
N PRO B 501 -17.64 2.97 11.71
CA PRO B 501 -18.68 2.52 10.76
C PRO B 501 -19.49 1.27 11.15
N ALA B 502 -18.84 0.22 11.65
CA ALA B 502 -19.57 -0.97 12.13
C ALA B 502 -20.57 -0.70 13.28
N ALA B 503 -20.41 0.42 14.00
CA ALA B 503 -21.28 0.76 15.12
C ALA B 503 -22.49 1.53 14.65
N LYS B 504 -22.28 2.41 13.67
CA LYS B 504 -23.37 3.06 12.96
C LYS B 504 -24.30 2.01 12.35
N ARG B 505 -23.72 0.91 11.88
CA ARG B 505 -24.47 -0.19 11.24
C ARG B 505 -25.45 -0.87 12.19
N GLY B 506 -24.92 -1.37 13.30
CA GLY B 506 -25.72 -1.91 14.39
C GLY B 506 -26.82 -0.96 14.83
N ALA B 507 -26.47 0.28 15.12
CA ALA B 507 -27.46 1.26 15.59
C ALA B 507 -28.54 1.63 14.56
N MET B 508 -28.15 1.89 13.31
CA MET B 508 -29.12 2.24 12.28
C MET B 508 -29.91 1.03 11.78
N GLY B 509 -29.27 -0.13 11.71
CA GLY B 509 -29.91 -1.35 11.28
C GLY B 509 -30.92 -1.95 12.26
N ARG B 510 -30.55 -1.95 13.55
CA ARG B 510 -31.39 -2.60 14.57
C ARG B 510 -32.19 -1.62 15.46
N ARG B 511 -31.70 -0.38 15.56
CA ARG B 511 -32.29 0.67 16.40
C ARG B 511 -32.61 0.26 17.87
N THR B 512 -31.68 -0.48 18.46
CA THR B 512 -31.84 -1.12 19.75
C THR B 512 -31.77 -0.14 20.92
N LEU B 513 -32.75 -0.27 21.83
CA LEU B 513 -32.80 0.55 23.06
C LEU B 513 -32.83 -0.36 24.29
N GLY B 514 -32.48 0.20 25.45
CA GLY B 514 -32.46 -0.55 26.69
C GLY B 514 -33.08 0.31 27.76
N ILE B 515 -34.40 0.20 27.92
CA ILE B 515 -35.12 1.01 28.90
C ILE B 515 -35.43 0.12 30.11
N GLY B 516 -34.97 0.55 31.29
CA GLY B 516 -35.08 -0.27 32.50
C GLY B 516 -35.89 0.41 33.61
N VAL B 517 -35.62 0.04 34.85
CA VAL B 517 -36.35 0.61 35.98
C VAL B 517 -35.42 1.05 37.10
N ILE B 518 -35.87 2.05 37.84
CA ILE B 518 -35.28 2.41 39.14
C ILE B 518 -36.40 2.44 40.20
N ASN B 519 -36.02 2.48 41.49
CA ASN B 519 -36.97 2.50 42.62
C ASN B 519 -37.77 1.20 42.80
N PHE B 520 -37.23 0.07 42.33
CA PHE B 520 -37.98 -1.17 42.49
C PHE B 520 -38.16 -1.59 43.97
N ALA B 521 -37.12 -1.40 44.79
CA ALA B 521 -37.20 -1.70 46.22
C ALA B 521 -38.28 -0.87 46.89
N TYR B 522 -38.29 0.42 46.58
CA TYR B 522 -39.24 1.33 47.16
C TYR B 522 -40.67 0.95 46.75
N TYR B 523 -40.84 0.65 45.46
CA TYR B 523 -42.10 0.18 44.89
C TYR B 523 -42.66 -1.07 45.59
N LEU B 524 -41.83 -2.07 45.85
CA LEU B 524 -42.28 -3.25 46.60
C LEU B 524 -42.67 -2.90 48.04
N ALA B 525 -41.85 -2.07 48.69
CA ALA B 525 -42.11 -1.60 50.04
C ALA B 525 -43.49 -0.93 50.16
N LYS B 526 -43.82 -0.03 49.24
CA LYS B 526 -45.07 0.72 49.28
C LYS B 526 -46.29 -0.18 48.97
N HIS B 527 -46.05 -1.31 48.33
CA HIS B 527 -47.07 -2.32 48.11
C HIS B 527 -47.06 -3.41 49.17
N GLY B 528 -46.18 -3.26 50.16
CA GLY B 528 -46.11 -4.21 51.28
C GLY B 528 -45.54 -5.56 50.89
N LYS B 529 -44.62 -5.58 49.91
CA LYS B 529 -44.03 -6.83 49.45
C LYS B 529 -42.54 -6.86 49.76
N ARG B 530 -41.95 -8.04 49.67
CA ARG B 530 -40.52 -8.21 49.93
C ARG B 530 -39.88 -9.00 48.81
N TYR B 531 -38.54 -9.07 48.83
CA TYR B 531 -37.75 -9.85 47.88
C TYR B 531 -37.63 -11.34 48.17
N SER B 532 -37.44 -11.66 49.45
CA SER B 532 -36.90 -12.97 49.81
C SER B 532 -37.93 -14.09 49.98
N ASP B 533 -39.22 -13.75 49.97
CA ASP B 533 -40.26 -14.69 50.42
C ASP B 533 -41.28 -15.14 49.36
N GLY B 534 -41.15 -14.61 48.13
CA GLY B 534 -42.09 -14.92 47.06
C GLY B 534 -43.31 -14.05 47.08
N SER B 535 -43.37 -13.07 47.98
CA SER B 535 -44.57 -12.24 48.12
C SER B 535 -44.76 -11.23 46.98
N ALA B 536 -43.67 -10.91 46.27
CA ALA B 536 -43.68 -9.89 45.19
C ALA B 536 -43.82 -10.47 43.78
N ASN B 537 -43.85 -11.80 43.69
CA ASN B 537 -43.91 -12.55 42.43
C ASN B 537 -44.99 -12.11 41.44
N ASN B 538 -46.24 -12.12 41.87
CA ASN B 538 -47.35 -11.77 40.98
C ASN B 538 -47.34 -10.28 40.68
N LEU B 539 -47.00 -9.47 41.67
CA LEU B 539 -46.85 -8.03 41.43
C LEU B 539 -45.73 -7.69 40.43
N THR B 540 -44.65 -8.48 40.46
CA THR B 540 -43.53 -8.29 39.56
C THR B 540 -43.95 -8.68 38.13
N HIS B 541 -44.57 -9.86 38.02
CA HIS B 541 -45.19 -10.30 36.77
C HIS B 541 -46.09 -9.21 36.16
N LYS B 542 -47.07 -8.74 36.94
CA LYS B 542 -47.93 -7.65 36.55
C LYS B 542 -47.17 -6.40 36.10
N THR B 543 -46.22 -5.95 36.92
CA THR B 543 -45.45 -4.73 36.66
C THR B 543 -44.63 -4.79 35.35
N PHE B 544 -43.92 -5.89 35.17
CA PHE B 544 -43.04 -6.06 34.03
C PHE B 544 -43.80 -6.54 32.78
N GLU B 545 -45.03 -7.02 32.96
CA GLU B 545 -45.95 -7.17 31.83
C GLU B 545 -46.32 -5.81 31.25
N ALA B 546 -46.70 -4.87 32.11
CA ALA B 546 -47.10 -3.53 31.69
C ALA B 546 -45.97 -2.79 30.95
N ILE B 547 -44.78 -2.81 31.55
CA ILE B 547 -43.59 -2.19 31.00
C ILE B 547 -43.35 -2.64 29.55
N GLN B 548 -43.18 -3.95 29.35
CA GLN B 548 -42.88 -4.49 28.04
C GLN B 548 -44.01 -4.29 27.03
N TYR B 549 -45.26 -4.49 27.47
CA TYR B 549 -46.45 -4.26 26.65
C TYR B 549 -46.48 -2.85 26.13
N TYR B 550 -46.32 -1.88 27.02
CA TYR B 550 -46.38 -0.49 26.59
C TYR B 550 -45.15 -0.04 25.79
N LEU B 551 -44.00 -0.64 26.06
CA LEU B 551 -42.78 -0.33 25.30
C LEU B 551 -42.95 -0.82 23.87
N LEU B 552 -43.40 -2.07 23.72
CA LEU B 552 -43.68 -2.65 22.42
C LEU B 552 -44.75 -1.85 21.66
N LYS B 553 -45.78 -1.42 22.36
CA LYS B 553 -46.87 -0.62 21.79
C LYS B 553 -46.37 0.75 21.30
N ALA B 554 -45.46 1.36 22.05
CA ALA B 554 -44.91 2.67 21.67
C ALA B 554 -44.07 2.56 20.39
N SER B 555 -43.27 1.49 20.29
CA SER B 555 -42.34 1.25 19.21
C SER B 555 -43.07 0.80 17.93
N ASN B 556 -44.12 0.02 18.12
CA ASN B 556 -44.99 -0.42 17.06
C ASN B 556 -45.73 0.77 16.46
N GLU B 557 -46.16 1.72 17.29
CA GLU B 557 -46.80 2.94 16.78
C GLU B 557 -45.78 3.85 16.12
N LEU B 558 -44.54 3.81 16.59
CA LEU B 558 -43.45 4.52 15.93
C LEU B 558 -43.13 3.93 14.55
N ALA B 559 -43.20 2.61 14.45
CA ALA B 559 -43.01 1.89 13.20
C ALA B 559 -44.14 2.17 12.18
N LYS B 560 -45.35 2.42 12.68
CA LYS B 560 -46.48 2.84 11.84
C LYS B 560 -46.30 4.28 11.34
N GLU B 561 -45.78 5.16 12.20
CA GLU B 561 -45.56 6.55 11.84
C GLU B 561 -44.29 6.80 11.01
N GLN B 562 -43.22 6.04 11.24
CA GLN B 562 -41.92 6.39 10.67
C GLN B 562 -41.18 5.22 10.00
N GLY B 563 -41.75 4.04 10.03
CA GLY B 563 -41.11 2.87 9.47
C GLY B 563 -40.42 2.01 10.51
N ALA B 564 -40.50 0.70 10.33
CA ALA B 564 -39.79 -0.26 11.16
C ALA B 564 -38.28 -0.16 10.92
N CYS B 565 -37.50 -0.72 11.84
CA CYS B 565 -36.04 -0.66 11.74
C CYS B 565 -35.58 -1.49 10.52
N PRO B 566 -34.59 -0.96 9.74
CA PRO B 566 -34.11 -1.63 8.54
C PRO B 566 -33.93 -3.15 8.67
N TRP B 567 -33.42 -3.63 9.80
CA TRP B 567 -33.20 -5.09 9.98
C TRP B 567 -34.28 -5.77 10.84
N PHE B 568 -35.49 -5.22 10.84
CA PHE B 568 -36.58 -5.78 11.62
C PHE B 568 -36.83 -7.27 11.31
N ASN B 569 -36.66 -7.65 10.05
CA ASN B 569 -36.86 -9.03 9.59
C ASN B 569 -35.93 -10.07 10.22
N GLU B 570 -34.88 -9.60 10.90
CA GLU B 570 -33.98 -10.53 11.61
C GLU B 570 -34.45 -10.85 13.05
N THR B 571 -35.51 -10.18 13.51
CA THR B 571 -36.05 -10.42 14.85
C THR B 571 -37.05 -11.59 14.93
N THR B 572 -37.25 -12.14 16.12
CA THR B 572 -38.33 -13.12 16.33
C THR B 572 -39.68 -12.40 16.27
N TYR B 573 -39.66 -11.11 16.60
CA TYR B 573 -40.82 -10.26 16.51
C TYR B 573 -41.43 -10.23 15.12
N ALA B 574 -40.58 -10.25 14.09
CA ALA B 574 -41.02 -10.20 12.70
C ALA B 574 -41.89 -11.41 12.36
N LYS B 575 -41.56 -12.54 12.97
CA LYS B 575 -42.26 -13.82 12.77
C LYS B 575 -43.52 -14.04 13.62
N GLY B 576 -44.02 -12.99 14.25
CA GLY B 576 -45.18 -13.10 15.15
C GLY B 576 -44.86 -13.81 16.46
N ILE B 577 -43.59 -13.88 16.82
CA ILE B 577 -43.16 -14.42 18.11
C ILE B 577 -43.06 -13.30 19.16
N LEU B 578 -43.42 -13.61 20.39
CA LEU B 578 -43.36 -12.64 21.49
C LEU B 578 -42.67 -13.28 22.68
N PRO B 579 -42.13 -12.46 23.62
CA PRO B 579 -41.50 -13.02 24.84
C PRO B 579 -42.43 -13.97 25.62
N ILE B 580 -43.72 -13.67 25.58
CA ILE B 580 -44.73 -14.53 26.21
C ILE B 580 -44.88 -15.90 25.55
N ASP B 581 -44.12 -16.16 24.49
CA ASP B 581 -44.11 -17.47 23.85
C ASP B 581 -42.87 -18.28 24.20
N THR B 582 -41.81 -17.59 24.61
CA THR B 582 -40.47 -18.19 24.61
C THR B 582 -39.78 -18.24 25.98
N TYR B 583 -40.45 -17.72 27.00
CA TYR B 583 -39.90 -17.66 28.34
C TYR B 583 -39.67 -19.05 28.93
N LYS B 584 -38.74 -19.16 29.89
CA LYS B 584 -38.45 -20.42 30.59
C LYS B 584 -39.70 -20.97 31.30
N LYS B 585 -40.06 -22.20 30.98
CA LYS B 585 -41.35 -22.79 31.40
C LYS B 585 -41.55 -22.89 32.92
N ASP B 586 -40.44 -23.03 33.64
CA ASP B 586 -40.47 -23.09 35.10
C ASP B 586 -41.07 -21.85 35.78
N LEU B 587 -41.16 -20.72 35.09
CA LEU B 587 -41.74 -19.54 35.72
C LEU B 587 -43.21 -19.77 36.08
N ASP B 588 -43.84 -20.69 35.36
CA ASP B 588 -45.23 -21.07 35.60
C ASP B 588 -45.47 -21.60 37.00
N THR B 589 -44.48 -22.33 37.53
CA THR B 589 -44.52 -22.87 38.89
C THR B 589 -44.37 -21.82 40.00
N ILE B 590 -44.00 -20.57 39.67
CA ILE B 590 -43.69 -19.57 40.72
C ILE B 590 -44.49 -18.27 40.66
N ALA B 591 -45.37 -18.16 39.67
CA ALA B 591 -46.27 -17.02 39.55
C ALA B 591 -47.53 -17.50 38.85
N ASN B 592 -48.67 -16.96 39.27
CA ASN B 592 -49.93 -17.35 38.66
C ASN B 592 -50.67 -16.11 38.18
N GLU B 593 -50.00 -14.95 38.23
CA GLU B 593 -50.56 -13.74 37.66
C GLU B 593 -50.89 -13.97 36.18
N PRO B 594 -52.12 -13.63 35.75
CA PRO B 594 -52.45 -13.71 34.34
C PRO B 594 -52.05 -12.44 33.57
N LEU B 595 -52.07 -12.53 32.24
CA LEU B 595 -51.80 -11.36 31.41
C LEU B 595 -53.00 -10.41 31.47
N HIS B 596 -52.72 -9.13 31.64
CA HIS B 596 -53.78 -8.13 31.71
C HIS B 596 -53.95 -7.36 30.39
N TYR B 597 -52.96 -7.48 29.50
CA TYR B 597 -52.99 -6.72 28.25
C TYR B 597 -53.20 -7.64 27.06
N ASP B 598 -53.65 -7.03 25.95
CA ASP B 598 -54.03 -7.78 24.78
C ASP B 598 -52.82 -8.01 23.89
N TRP B 599 -52.06 -9.05 24.23
CA TRP B 599 -50.84 -9.43 23.53
C TRP B 599 -51.12 -10.00 22.15
N GLU B 600 -52.33 -10.55 21.95
CA GLU B 600 -52.71 -11.17 20.66
C GLU B 600 -52.99 -10.12 19.60
N ALA B 601 -53.66 -9.04 19.99
CA ALA B 601 -53.87 -7.89 19.11
C ALA B 601 -52.54 -7.21 18.79
N LEU B 602 -51.67 -7.10 19.80
CA LEU B 602 -50.34 -6.53 19.63
C LEU B 602 -49.50 -7.40 18.72
N ARG B 603 -49.64 -8.72 18.85
CA ARG B 603 -48.92 -9.67 18.03
C ARG B 603 -49.15 -9.40 16.54
N GLU B 604 -50.42 -9.35 16.14
CA GLU B 604 -50.80 -9.15 14.74
C GLU B 604 -50.40 -7.76 14.24
N SER B 605 -50.49 -6.77 15.12
CA SER B 605 -50.12 -5.39 14.78
C SER B 605 -48.61 -5.21 14.62
N ILE B 606 -47.84 -6.08 15.27
CA ILE B 606 -46.37 -6.07 15.16
C ILE B 606 -45.96 -6.82 13.90
N LYS B 607 -46.62 -7.95 13.66
CA LYS B 607 -46.50 -8.69 12.40
C LYS B 607 -46.74 -7.80 11.17
N THR B 608 -47.71 -6.88 11.27
CA THR B 608 -48.13 -6.03 10.15
C THR B 608 -47.24 -4.81 9.99
N HIS B 609 -47.05 -4.05 11.06
CA HIS B 609 -46.35 -2.78 10.99
C HIS B 609 -44.94 -2.79 11.57
N GLY B 610 -44.54 -3.93 12.14
CA GLY B 610 -43.20 -4.07 12.76
C GLY B 610 -42.92 -3.22 14.01
N LEU B 611 -41.65 -3.15 14.38
CA LEU B 611 -41.21 -2.29 15.49
C LEU B 611 -40.16 -1.33 15.00
N ARG B 612 -40.18 -0.12 15.53
CA ARG B 612 -39.12 0.83 15.22
C ARG B 612 -37.76 0.38 15.79
N ASN B 613 -37.81 -0.40 16.88
CA ASN B 613 -36.61 -0.82 17.62
C ASN B 613 -36.62 -2.32 17.82
N SER B 614 -35.48 -2.98 17.57
CA SER B 614 -35.39 -4.45 17.70
C SER B 614 -35.42 -4.94 19.14
N THR B 615 -34.94 -4.08 20.05
CA THR B 615 -35.08 -4.30 21.48
C THR B 615 -35.56 -3.01 22.11
N LEU B 616 -36.20 -3.12 23.27
CA LEU B 616 -36.65 -1.94 23.99
C LEU B 616 -36.23 -1.92 25.45
N SER B 617 -36.13 -3.10 26.05
CA SER B 617 -35.99 -3.23 27.50
C SER B 617 -34.72 -4.00 27.94
N ALA B 618 -34.12 -3.48 29.01
CA ALA B 618 -32.93 -4.01 29.63
C ALA B 618 -32.86 -3.41 31.02
N LEU B 619 -32.50 -4.22 32.01
CA LEU B 619 -32.48 -3.74 33.40
C LEU B 619 -31.04 -3.54 33.89
N MET B 620 -30.61 -2.29 33.86
CA MET B 620 -29.25 -1.90 34.16
C MET B 620 -29.06 -1.50 35.63
N PRO B 621 -27.79 -1.45 36.12
CA PRO B 621 -27.56 -0.79 37.41
C PRO B 621 -27.78 0.70 37.21
N SER B 622 -28.17 1.39 38.25
CA SER B 622 -28.18 2.84 38.20
C SER B 622 -27.53 3.29 39.48
N GLU B 623 -27.04 4.51 39.50
CA GLU B 623 -26.50 5.06 40.72
C GLU B 623 -26.68 6.55 40.66
N THR B 624 -26.07 7.16 39.66
CA THR B 624 -26.16 8.60 39.46
C THR B 624 -27.61 9.04 39.28
N SER B 625 -28.31 8.39 38.36
CA SER B 625 -29.69 8.73 38.01
C SER B 625 -30.64 8.53 39.17
N SER B 626 -30.53 7.40 39.85
CA SER B 626 -31.44 7.17 40.96
C SER B 626 -31.09 8.06 42.15
N GLN B 627 -29.85 8.58 42.22
CA GLN B 627 -29.52 9.61 43.19
C GLN B 627 -30.28 10.90 42.92
N ILE B 628 -30.38 11.27 41.64
CA ILE B 628 -30.99 12.54 41.24
C ILE B 628 -32.46 12.60 41.68
N SER B 629 -33.13 11.45 41.60
CA SER B 629 -34.53 11.40 41.92
C SER B 629 -34.81 10.72 43.29
N ASN B 630 -33.76 10.56 44.12
CA ASN B 630 -33.83 9.85 45.41
C ASN B 630 -34.60 8.54 45.27
N ALA B 631 -34.12 7.70 44.35
CA ALA B 631 -34.68 6.42 44.11
C ALA B 631 -33.72 5.36 44.62
N THR B 632 -34.25 4.23 45.04
CA THR B 632 -33.39 3.09 45.27
C THR B 632 -32.84 2.65 43.88
N ASN B 633 -31.68 2.00 43.91
CA ASN B 633 -30.91 1.73 42.71
C ASN B 633 -31.47 0.57 41.92
N GLY B 634 -31.90 0.85 40.69
CA GLY B 634 -32.35 -0.16 39.75
C GLY B 634 -33.38 -1.07 40.38
N ILE B 635 -33.11 -2.36 40.35
CA ILE B 635 -33.98 -3.35 40.97
C ILE B 635 -33.40 -3.87 42.31
N GLU B 636 -32.38 -3.19 42.82
CA GLU B 636 -31.61 -3.70 43.96
C GLU B 636 -32.18 -3.25 45.31
N PRO B 637 -32.20 -4.15 46.31
CA PRO B 637 -32.53 -3.76 47.68
C PRO B 637 -31.46 -2.81 48.21
N PRO B 638 -31.84 -1.73 48.92
CA PRO B 638 -30.76 -0.92 49.54
C PRO B 638 -30.02 -1.72 50.60
N ARG B 639 -28.71 -1.46 50.76
CA ARG B 639 -27.90 -2.07 51.83
C ARG B 639 -28.28 -1.52 53.21
N GLY B 640 -28.66 -0.25 53.25
CA GLY B 640 -29.10 0.42 54.45
C GLY B 640 -30.07 1.56 54.16
N TYR B 641 -30.58 2.15 55.23
CA TYR B 641 -31.54 3.24 55.13
C TYR B 641 -30.91 4.55 54.69
N VAL B 642 -29.62 4.70 55.00
CA VAL B 642 -28.90 5.93 54.72
C VAL B 642 -27.65 5.60 53.90
N SER B 643 -27.52 6.23 52.74
CA SER B 643 -26.36 6.06 51.88
C SER B 643 -25.33 7.16 52.18
N ILE B 644 -24.05 6.78 52.22
CA ILE B 644 -22.97 7.72 52.52
C ILE B 644 -22.02 7.85 51.34
N LYS B 645 -21.69 9.08 50.95
CA LYS B 645 -20.68 9.34 49.94
C LYS B 645 -19.66 10.38 50.40
N ALA B 646 -18.38 10.10 50.15
CA ALA B 646 -17.32 11.09 50.34
C ALA B 646 -17.27 12.05 49.15
N SER B 647 -16.93 13.31 49.41
CA SER B 647 -16.69 14.32 48.39
C SER B 647 -15.87 15.43 49.06
N LYS B 648 -15.34 16.37 48.28
CA LYS B 648 -14.56 17.47 48.88
C LYS B 648 -15.44 18.39 49.72
N ASP B 649 -16.74 18.34 49.46
CA ASP B 649 -17.73 19.22 50.11
C ASP B 649 -18.24 18.71 51.46
N GLY B 650 -17.77 17.54 51.88
CA GLY B 650 -18.21 16.93 53.13
C GLY B 650 -18.77 15.54 52.87
N ILE B 651 -19.26 14.91 53.94
CA ILE B 651 -19.94 13.63 53.85
C ILE B 651 -21.36 13.84 53.27
N LEU B 652 -21.64 13.27 52.11
CA LEU B 652 -22.94 13.38 51.47
C LEU B 652 -23.83 12.20 51.85
N ARG B 653 -24.95 12.49 52.52
CA ARG B 653 -25.86 11.44 52.97
C ARG B 653 -27.18 11.49 52.20
N GLN B 654 -27.72 10.31 51.88
CA GLN B 654 -29.05 10.22 51.29
C GLN B 654 -29.89 9.19 52.04
N VAL B 655 -31.11 9.57 52.43
CA VAL B 655 -32.04 8.64 53.08
C VAL B 655 -33.00 7.98 52.06
N VAL B 656 -33.24 6.67 52.20
CA VAL B 656 -34.18 5.96 51.34
C VAL B 656 -35.54 6.68 51.32
N PRO B 657 -36.19 6.74 50.14
CA PRO B 657 -37.46 7.48 50.03
C PRO B 657 -38.56 7.00 50.99
N ASP B 658 -39.21 7.96 51.63
CA ASP B 658 -40.28 7.69 52.60
C ASP B 658 -39.87 6.70 53.70
N TYR B 659 -38.66 6.88 54.23
CA TYR B 659 -38.18 6.11 55.38
C TYR B 659 -39.18 6.20 56.56
N GLU B 660 -39.65 7.41 56.82
CA GLU B 660 -40.67 7.68 57.83
C GLU B 660 -41.82 6.67 57.83
N HIS B 661 -42.46 6.46 56.69
CA HIS B 661 -43.61 5.58 56.66
C HIS B 661 -43.28 4.14 56.32
N LEU B 662 -42.12 3.90 55.71
CA LEU B 662 -41.82 2.55 55.16
C LEU B 662 -40.64 1.78 55.73
N HIS B 663 -39.98 2.30 56.76
CA HIS B 663 -38.78 1.66 57.28
C HIS B 663 -38.92 0.17 57.62
N ASP B 664 -40.09 -0.24 58.12
CA ASP B 664 -40.33 -1.68 58.39
C ASP B 664 -40.75 -2.43 57.13
N ALA B 665 -41.28 -1.70 56.15
CA ALA B 665 -41.74 -2.26 54.89
C ALA B 665 -40.56 -2.64 53.99
N TYR B 666 -39.48 -1.84 54.04
CA TYR B 666 -38.22 -2.18 53.33
C TYR B 666 -37.64 -3.48 53.84
N GLU B 667 -37.05 -4.24 52.91
CA GLU B 667 -36.19 -5.35 53.24
C GLU B 667 -34.80 -4.95 52.74
N LEU B 668 -33.90 -4.65 53.66
CA LEU B 668 -32.54 -4.29 53.27
C LEU B 668 -31.81 -5.53 52.76
N LEU B 669 -30.81 -5.30 51.91
CA LEU B 669 -30.03 -6.39 51.29
C LEU B 669 -29.69 -7.56 52.21
N TRP B 670 -29.07 -7.26 53.35
CA TRP B 670 -28.56 -8.29 54.24
C TRP B 670 -29.63 -8.88 55.17
N GLU B 671 -30.85 -8.33 55.11
CA GLU B 671 -31.97 -8.94 55.78
C GLU B 671 -32.49 -10.17 55.03
N MET B 672 -32.11 -10.31 53.76
CA MET B 672 -32.57 -11.47 52.96
C MET B 672 -31.86 -12.74 53.44
N PRO B 673 -32.62 -13.78 53.81
CA PRO B 673 -31.99 -15.03 54.25
C PRO B 673 -31.22 -15.78 53.16
N GLY B 674 -31.45 -15.43 51.90
CA GLY B 674 -30.79 -16.09 50.76
C GLY B 674 -31.15 -15.42 49.44
N ASN B 675 -30.67 -16.03 48.37
CA ASN B 675 -30.82 -15.47 47.00
C ASN B 675 -32.08 -15.87 46.26
N ASP B 676 -32.73 -16.93 46.74
CA ASP B 676 -33.84 -17.59 46.05
C ASP B 676 -34.95 -16.64 45.66
N GLY B 677 -35.38 -15.83 46.60
CA GLY B 677 -36.50 -14.92 46.38
C GLY B 677 -36.17 -13.93 45.28
N TYR B 678 -35.04 -13.28 45.44
CA TYR B 678 -34.52 -12.32 44.48
C TYR B 678 -34.36 -12.94 43.08
N LEU B 679 -33.78 -14.13 42.98
CA LEU B 679 -33.62 -14.77 41.66
C LEU B 679 -34.95 -15.14 40.99
N GLN B 680 -35.97 -15.45 41.80
CA GLN B 680 -37.32 -15.65 41.31
C GLN B 680 -37.89 -14.38 40.67
N LEU B 681 -37.64 -13.23 41.30
CA LEU B 681 -38.06 -11.96 40.73
C LEU B 681 -37.32 -11.63 39.42
N VAL B 682 -36.00 -11.82 39.40
CA VAL B 682 -35.22 -11.67 38.18
C VAL B 682 -35.78 -12.60 37.06
N GLY B 683 -35.99 -13.88 37.35
CA GLY B 683 -36.60 -14.79 36.38
C GLY B 683 -37.94 -14.28 35.86
N ILE B 684 -38.79 -13.78 36.75
CA ILE B 684 -40.10 -13.26 36.36
C ILE B 684 -39.97 -11.99 35.51
N MET B 685 -39.12 -11.06 35.91
CA MET B 685 -38.78 -9.90 35.08
C MET B 685 -38.34 -10.34 33.66
N GLN B 686 -37.45 -11.33 33.59
CA GLN B 686 -36.82 -11.76 32.35
C GLN B 686 -37.83 -12.39 31.35
N LYS B 687 -39.00 -12.81 31.86
CA LYS B 687 -40.11 -13.25 31.03
C LYS B 687 -40.43 -12.20 29.96
N PHE B 688 -40.38 -10.92 30.35
CA PHE B 688 -40.81 -9.81 29.50
C PHE B 688 -39.67 -8.98 28.92
N ILE B 689 -38.50 -9.01 29.56
CA ILE B 689 -37.38 -8.17 29.15
C ILE B 689 -36.72 -8.71 27.88
N ASP B 690 -36.55 -7.83 26.90
CA ASP B 690 -35.90 -8.12 25.61
C ASP B 690 -34.46 -8.54 25.77
N GLN B 691 -33.73 -7.77 26.56
CA GLN B 691 -32.32 -8.07 26.70
C GLN B 691 -32.12 -8.88 27.95
N SER B 692 -31.30 -8.38 28.87
CA SER B 692 -31.06 -9.07 30.11
C SER B 692 -31.12 -8.08 31.28
N ILE B 693 -30.59 -8.53 32.41
CA ILE B 693 -30.74 -7.83 33.70
C ILE B 693 -29.44 -7.96 34.48
N SER B 694 -28.97 -6.87 35.04
CA SER B 694 -27.76 -6.92 35.88
C SER B 694 -27.97 -7.58 37.26
N ALA B 695 -28.29 -8.87 37.27
CA ALA B 695 -28.64 -9.59 38.51
C ALA B 695 -27.42 -9.84 39.40
N ASN B 696 -27.49 -9.38 40.65
CA ASN B 696 -26.44 -9.70 41.65
C ASN B 696 -26.74 -10.99 42.42
N THR B 697 -25.71 -11.68 42.89
CA THR B 697 -25.89 -12.64 43.99
C THR B 697 -25.18 -12.08 45.21
N ASN B 698 -25.67 -12.44 46.40
CA ASN B 698 -25.23 -11.86 47.67
C ASN B 698 -25.03 -12.91 48.76
N TYR B 699 -23.92 -12.80 49.47
CA TYR B 699 -23.63 -13.74 50.56
C TYR B 699 -23.07 -13.05 51.78
N ASP B 700 -23.70 -13.32 52.93
CA ASP B 700 -23.25 -12.88 54.24
C ASP B 700 -22.59 -14.05 54.94
N PRO B 701 -21.24 -14.02 55.07
CA PRO B 701 -20.48 -15.10 55.73
C PRO B 701 -20.99 -15.50 57.12
N SER B 702 -21.64 -14.58 57.84
CA SER B 702 -22.06 -14.84 59.21
C SER B 702 -23.36 -15.64 59.29
N ARG B 703 -23.94 -15.96 58.13
CA ARG B 703 -25.10 -16.82 58.07
C ARG B 703 -24.72 -18.28 57.88
N PHE B 704 -23.41 -18.53 57.79
CA PHE B 704 -22.91 -19.88 57.52
C PHE B 704 -21.96 -20.34 58.61
N PRO B 705 -21.89 -21.66 58.86
CA PRO B 705 -20.99 -22.19 59.88
C PRO B 705 -19.55 -21.77 59.64
N SER B 706 -18.82 -21.50 60.71
CA SER B 706 -17.41 -21.04 60.60
C SER B 706 -17.21 -19.90 59.61
N GLY B 707 -18.28 -19.15 59.32
CA GLY B 707 -18.25 -18.01 58.40
C GLY B 707 -17.82 -18.36 56.99
N LYS B 708 -18.00 -19.62 56.60
CA LYS B 708 -17.53 -20.09 55.29
C LYS B 708 -18.70 -20.31 54.36
N VAL B 709 -18.77 -19.50 53.29
CA VAL B 709 -19.82 -19.66 52.30
C VAL B 709 -19.60 -20.96 51.53
N PRO B 710 -20.54 -21.92 51.65
CA PRO B 710 -20.36 -23.20 50.98
C PRO B 710 -20.51 -23.12 49.44
N MET B 711 -19.66 -23.88 48.75
CA MET B 711 -19.68 -24.02 47.31
C MET B 711 -21.00 -24.64 46.85
N GLN B 712 -21.47 -25.61 47.64
CA GLN B 712 -22.77 -26.22 47.42
C GLN B 712 -23.85 -25.15 47.24
N GLN B 713 -23.85 -24.14 48.13
CA GLN B 713 -24.80 -23.04 48.02
C GLN B 713 -24.53 -22.16 46.79
N LEU B 714 -23.26 -21.90 46.51
CA LEU B 714 -22.87 -21.16 45.29
C LEU B 714 -23.37 -21.83 44.03
N LEU B 715 -23.18 -23.15 43.93
CA LEU B 715 -23.65 -23.91 42.78
C LEU B 715 -25.17 -24.03 42.76
N LYS B 716 -25.79 -24.22 43.92
CA LYS B 716 -27.25 -24.27 44.00
C LYS B 716 -27.90 -22.97 43.47
N ASP B 717 -27.39 -21.79 43.86
CA ASP B 717 -27.95 -20.53 43.38
C ASP B 717 -27.70 -20.27 41.86
N LEU B 718 -26.54 -20.69 41.36
CA LEU B 718 -26.25 -20.71 39.92
C LEU B 718 -27.28 -21.55 39.15
N LEU B 719 -27.54 -22.77 39.61
CA LEU B 719 -28.55 -23.66 39.00
C LEU B 719 -29.98 -23.14 39.12
N THR B 720 -30.30 -22.50 40.24
CA THR B 720 -31.60 -21.85 40.43
C THR B 720 -31.81 -20.77 39.40
N ALA B 721 -30.79 -19.93 39.22
CA ALA B 721 -30.79 -18.87 38.22
C ALA B 721 -31.05 -19.46 36.83
N TYR B 722 -30.32 -20.52 36.50
CA TYR B 722 -30.53 -21.21 35.25
C TYR B 722 -31.97 -21.72 35.11
N LYS B 723 -32.44 -22.41 36.14
CA LYS B 723 -33.78 -23.00 36.16
C LYS B 723 -34.90 -22.01 35.88
N PHE B 724 -34.76 -20.76 36.30
CA PHE B 724 -35.81 -19.77 36.08
C PHE B 724 -35.58 -18.85 34.87
N GLY B 725 -34.72 -19.30 33.96
CA GLY B 725 -34.42 -18.57 32.71
C GLY B 725 -33.55 -17.32 32.84
N VAL B 726 -32.77 -17.22 33.91
CA VAL B 726 -31.91 -16.05 34.13
C VAL B 726 -30.76 -16.07 33.10
N LYS B 727 -30.61 -14.98 32.35
CA LYS B 727 -29.66 -14.95 31.22
C LYS B 727 -28.21 -14.66 31.63
N THR B 728 -28.04 -13.77 32.61
CA THR B 728 -26.73 -13.37 33.08
C THR B 728 -26.73 -13.21 34.61
N LEU B 729 -25.56 -13.41 35.20
CA LEU B 729 -25.31 -13.02 36.58
C LEU B 729 -24.17 -12.00 36.59
N TYR B 730 -24.44 -10.85 37.20
CA TYR B 730 -23.48 -9.77 37.37
C TYR B 730 -22.75 -9.93 38.71
N TYR B 731 -22.54 -8.85 39.44
CA TYR B 731 -21.80 -8.88 40.72
C TYR B 731 -22.22 -9.99 41.69
N GLN B 732 -21.23 -10.61 42.34
CA GLN B 732 -21.44 -11.28 43.60
C GLN B 732 -20.91 -10.37 44.71
N ASN B 733 -21.80 -9.91 45.57
CA ASN B 733 -21.41 -9.14 46.74
C ASN B 733 -21.27 -10.06 47.96
N THR B 734 -20.11 -10.00 48.61
CA THR B 734 -19.90 -10.69 49.88
C THR B 734 -19.86 -9.64 50.99
N ARG B 735 -20.72 -9.76 51.98
CA ARG B 735 -20.68 -8.83 53.11
C ARG B 735 -19.33 -8.90 53.85
N ASP B 736 -18.76 -7.76 54.18
CA ASP B 736 -17.73 -7.76 55.23
C ASP B 736 -18.47 -7.62 56.58
N GLY B 737 -18.74 -8.76 57.21
CA GLY B 737 -19.70 -8.83 58.33
C GLY B 737 -20.70 -9.97 58.18
N ASN C 4 36.48 47.05 -34.15
CA ASN C 4 36.55 45.89 -33.21
C ASN C 4 35.48 44.84 -33.50
N LEU C 5 34.21 45.16 -33.18
CA LEU C 5 33.03 44.26 -33.34
C LEU C 5 32.94 43.11 -32.32
N LEU C 6 31.90 43.17 -31.50
CA LEU C 6 31.72 42.26 -30.36
C LEU C 6 30.62 41.22 -30.56
N VAL C 7 30.73 40.12 -29.83
CA VAL C 7 29.80 38.99 -29.90
C VAL C 7 29.27 38.66 -28.51
N THR C 8 27.97 38.48 -28.39
CA THR C 8 27.36 38.02 -27.14
C THR C 8 27.44 36.50 -27.03
N LYS C 9 28.34 36.03 -26.15
CA LYS C 9 28.54 34.59 -25.90
C LYS C 9 27.28 33.86 -25.45
N ARG C 10 27.32 32.55 -25.63
CA ARG C 10 26.18 31.63 -25.51
C ARG C 10 25.30 31.73 -24.24
N ASP C 11 25.63 32.68 -23.36
CA ASP C 11 24.96 32.81 -22.05
C ASP C 11 24.68 34.26 -21.66
N GLY C 12 25.72 35.11 -21.68
CA GLY C 12 25.61 36.52 -21.30
C GLY C 12 26.91 37.27 -21.51
N SER C 13 28.03 36.54 -21.40
CA SER C 13 29.39 37.09 -21.59
C SER C 13 29.61 37.68 -23.00
N THR C 14 30.63 38.53 -23.15
CA THR C 14 30.98 39.08 -24.47
C THR C 14 32.49 39.03 -24.82
N GLU C 15 32.82 38.64 -26.04
CA GLU C 15 34.20 38.61 -26.54
C GLU C 15 34.27 39.27 -27.92
N ARG C 16 35.47 39.70 -28.34
CA ARG C 16 35.65 40.19 -29.70
C ARG C 16 35.36 39.05 -30.70
N ILE C 17 34.83 39.41 -31.86
CA ILE C 17 34.51 38.41 -32.88
C ILE C 17 35.78 37.68 -33.34
N ASN C 18 35.65 36.39 -33.62
CA ASN C 18 36.77 35.62 -34.13
C ASN C 18 36.54 35.23 -35.58
N LEU C 19 37.03 36.09 -36.49
CA LEU C 19 36.78 35.92 -37.92
C LEU C 19 37.61 34.76 -38.49
N ASP C 20 38.78 34.55 -37.92
CA ASP C 20 39.62 33.39 -38.23
C ASP C 20 38.92 32.08 -37.88
N LYS C 21 38.26 32.03 -36.73
CA LYS C 21 37.52 30.82 -36.34
C LYS C 21 36.38 30.52 -37.31
N ILE C 22 35.65 31.56 -37.74
CA ILE C 22 34.56 31.41 -38.73
C ILE C 22 35.14 30.89 -40.05
N HIS C 23 36.21 31.51 -40.52
CA HIS C 23 36.88 31.07 -41.74
C HIS C 23 37.28 29.58 -41.66
N ARG C 24 37.83 29.18 -40.52
CA ARG C 24 38.28 27.80 -40.35
C ARG C 24 37.15 26.77 -40.38
N VAL C 25 36.00 27.09 -39.81
CA VAL C 25 34.84 26.22 -39.86
C VAL C 25 34.28 26.13 -41.28
N LEU C 26 34.24 27.25 -42.00
CA LEU C 26 33.84 27.23 -43.41
C LEU C 26 34.81 26.40 -44.26
N ASP C 27 36.10 26.59 -44.02
CA ASP C 27 37.11 25.79 -44.71
C ASP C 27 36.94 24.27 -44.44
N TRP C 28 36.72 23.92 -43.16
CA TRP C 28 36.37 22.55 -42.78
C TRP C 28 35.14 22.05 -43.56
N ALA C 29 34.06 22.83 -43.58
CA ALA C 29 32.81 22.42 -44.21
C ALA C 29 32.93 22.26 -45.74
N ALA C 30 33.85 23.01 -46.35
CA ALA C 30 33.99 23.04 -47.80
C ALA C 30 34.87 21.91 -48.32
N GLU C 31 35.51 21.18 -47.40
CA GLU C 31 36.49 20.17 -47.79
C GLU C 31 35.84 19.10 -48.67
N GLY C 32 36.51 18.80 -49.79
CA GLY C 32 36.04 17.83 -50.77
C GLY C 32 34.98 18.35 -51.71
N LEU C 33 34.51 19.58 -51.50
CA LEU C 33 33.41 20.12 -52.31
C LEU C 33 33.92 20.90 -53.52
N HIS C 34 33.05 21.09 -54.51
CA HIS C 34 33.44 21.80 -55.72
C HIS C 34 32.48 22.93 -56.07
N ASN C 35 33.03 24.00 -56.67
CA ASN C 35 32.27 25.16 -57.13
C ASN C 35 31.56 25.92 -55.98
N VAL C 36 32.16 25.87 -54.80
CA VAL C 36 31.68 26.66 -53.66
C VAL C 36 32.71 27.71 -53.31
N SER C 37 32.22 28.88 -52.90
CA SER C 37 33.11 29.97 -52.55
C SER C 37 32.90 30.36 -51.08
N ILE C 38 33.84 29.95 -50.24
CA ILE C 38 33.89 30.38 -48.84
C ILE C 38 33.84 31.89 -48.72
N SER C 39 34.57 32.58 -49.58
CA SER C 39 34.62 34.02 -49.49
C SER C 39 33.28 34.66 -49.82
N GLN C 40 32.53 34.11 -50.78
CA GLN C 40 31.16 34.58 -51.04
C GLN C 40 30.24 34.43 -49.82
N VAL C 41 30.33 33.27 -49.15
CA VAL C 41 29.55 33.01 -47.95
C VAL C 41 29.91 33.98 -46.84
N GLU C 42 31.21 34.21 -46.67
CA GLU C 42 31.72 35.22 -45.73
C GLU C 42 31.22 36.63 -46.00
N LEU C 43 31.20 37.03 -47.26
CA LEU C 43 30.74 38.37 -47.64
C LEU C 43 29.27 38.60 -47.32
N ARG C 44 28.44 37.63 -47.71
CA ARG C 44 26.99 37.68 -47.53
C ARG C 44 26.53 37.61 -46.08
N SER C 45 27.27 36.89 -45.25
CA SER C 45 26.89 36.73 -43.87
C SER C 45 27.47 37.85 -43.01
N HIS C 46 28.71 38.23 -43.28
CA HIS C 46 29.41 39.17 -42.38
C HIS C 46 28.79 40.58 -42.43
N ILE C 47 28.20 40.94 -43.58
CA ILE C 47 27.51 42.23 -43.75
C ILE C 47 26.27 42.34 -42.86
N GLN C 48 25.79 41.21 -42.35
CA GLN C 48 24.61 41.15 -41.51
C GLN C 48 24.95 41.14 -40.02
N PHE C 49 26.24 41.07 -39.69
CA PHE C 49 26.68 41.08 -38.27
C PHE C 49 26.62 42.49 -37.71
N TYR C 50 26.29 42.58 -36.44
CA TYR C 50 26.28 43.86 -35.75
C TYR C 50 26.92 43.69 -34.38
N ASP C 51 27.48 44.78 -33.86
CA ASP C 51 28.12 44.79 -32.56
C ASP C 51 27.16 44.28 -31.50
N GLY C 52 27.48 43.13 -30.91
CA GLY C 52 26.64 42.53 -29.86
C GLY C 52 25.86 41.29 -30.29
N ILE C 53 26.12 40.82 -31.51
CA ILE C 53 25.37 39.69 -32.10
C ILE C 53 25.59 38.37 -31.34
N LYS C 54 24.47 37.72 -31.00
CA LYS C 54 24.48 36.43 -30.34
C LYS C 54 25.24 35.42 -31.22
N THR C 55 25.99 34.54 -30.58
CA THR C 55 26.81 33.50 -31.22
C THR C 55 26.01 32.56 -32.13
N SER C 56 24.79 32.23 -31.72
CA SER C 56 23.96 31.29 -32.44
C SER C 56 23.36 31.97 -33.64
N ASP C 57 23.23 33.30 -33.56
CA ASP C 57 22.78 34.12 -34.67
C ASP C 57 23.85 34.27 -35.74
N ILE C 58 25.13 34.28 -35.34
CA ILE C 58 26.21 34.24 -36.30
C ILE C 58 26.09 32.95 -37.10
N HIS C 59 25.86 31.84 -36.39
CA HIS C 59 25.80 30.49 -36.99
C HIS C 59 24.68 30.36 -38.00
N GLU C 60 23.48 30.79 -37.60
CA GLU C 60 22.29 30.74 -38.46
C GLU C 60 22.50 31.58 -39.71
N THR C 61 23.16 32.73 -39.53
CA THR C 61 23.47 33.64 -40.61
C THR C 61 24.37 33.01 -41.66
N ILE C 62 25.45 32.36 -41.23
CA ILE C 62 26.37 31.73 -42.19
C ILE C 62 25.74 30.48 -42.84
N ILE C 63 24.97 29.72 -42.06
CA ILE C 63 24.27 28.55 -42.58
C ILE C 63 23.36 28.99 -43.72
N LYS C 64 22.55 30.02 -43.44
CA LYS C 64 21.59 30.51 -44.43
C LYS C 64 22.29 31.11 -45.66
N ALA C 65 23.44 31.75 -45.44
CA ALA C 65 24.21 32.35 -46.56
C ALA C 65 24.67 31.27 -47.52
N ALA C 66 25.12 30.13 -46.98
CA ALA C 66 25.50 28.99 -47.79
C ALA C 66 24.28 28.39 -48.47
N ALA C 67 23.21 28.21 -47.71
CA ALA C 67 21.95 27.63 -48.20
C ALA C 67 21.32 28.44 -49.34
N ASP C 68 21.36 29.77 -49.24
CA ASP C 68 20.83 30.67 -50.29
C ASP C 68 21.58 30.59 -51.61
N LEU C 69 22.74 29.94 -51.59
CA LEU C 69 23.55 29.79 -52.81
C LEU C 69 23.42 28.42 -53.47
N ILE C 70 22.55 27.58 -52.92
CA ILE C 70 22.31 26.28 -53.52
C ILE C 70 21.65 26.51 -54.87
N SER C 71 22.21 25.90 -55.91
CA SER C 71 21.59 25.92 -57.24
C SER C 71 22.10 24.69 -57.99
N ARG C 72 21.59 24.47 -59.20
CA ARG C 72 22.01 23.31 -59.99
C ARG C 72 23.43 23.49 -60.55
N ASP C 73 23.88 24.74 -60.71
CA ASP C 73 25.25 24.99 -61.12
C ASP C 73 26.27 24.85 -59.99
N ALA C 74 25.84 25.12 -58.77
CA ALA C 74 26.67 24.86 -57.59
C ALA C 74 25.92 23.98 -56.56
N PRO C 75 25.73 22.68 -56.88
CA PRO C 75 24.90 21.80 -56.02
C PRO C 75 25.54 21.55 -54.65
N ASP C 76 26.87 21.57 -54.59
CA ASP C 76 27.65 21.34 -53.38
C ASP C 76 27.44 22.33 -52.23
N TYR C 77 26.80 23.47 -52.48
CA TYR C 77 26.34 24.33 -51.39
C TYR C 77 25.34 23.60 -50.49
N GLN C 78 24.66 22.60 -51.04
CA GLN C 78 23.78 21.70 -50.26
C GLN C 78 24.51 21.05 -49.12
N TYR C 79 25.76 20.67 -49.40
CA TYR C 79 26.61 19.99 -48.47
C TYR C 79 27.36 20.97 -47.55
N LEU C 80 27.79 22.12 -48.09
CA LEU C 80 28.40 23.18 -47.28
C LEU C 80 27.42 23.63 -46.18
N ALA C 81 26.21 23.98 -46.58
CA ALA C 81 25.20 24.45 -45.63
C ALA C 81 24.85 23.37 -44.60
N ALA C 82 24.68 22.14 -45.07
CA ALA C 82 24.41 20.98 -44.21
C ALA C 82 25.44 20.81 -43.09
N ARG C 83 26.71 20.85 -43.46
CA ARG C 83 27.80 20.63 -42.51
C ARG C 83 27.95 21.76 -41.50
N LEU C 84 27.69 22.98 -41.96
CA LEU C 84 27.56 24.12 -41.06
C LEU C 84 26.40 23.94 -40.07
N ALA C 85 25.24 23.51 -40.58
CA ALA C 85 24.10 23.21 -39.72
C ALA C 85 24.44 22.08 -38.72
N ILE C 86 25.09 21.01 -39.20
CA ILE C 86 25.50 19.92 -38.33
C ILE C 86 26.38 20.47 -37.20
N PHE C 87 27.38 21.26 -37.56
CA PHE C 87 28.34 21.85 -36.62
C PHE C 87 27.60 22.61 -35.53
N HIS C 88 26.72 23.52 -35.96
CA HIS C 88 25.86 24.30 -35.06
C HIS C 88 25.01 23.42 -34.11
N LEU C 89 24.44 22.34 -34.63
CA LEU C 89 23.60 21.42 -33.89
C LEU C 89 24.39 20.58 -32.90
N ARG C 90 25.65 20.29 -33.22
CA ARG C 90 26.54 19.63 -32.28
C ARG C 90 26.77 20.52 -31.07
N LYS C 91 27.03 21.82 -31.32
CA LYS C 91 27.28 22.81 -30.28
C LYS C 91 26.04 22.97 -29.42
N LYS C 92 24.87 23.05 -30.05
CA LYS C 92 23.58 23.13 -29.36
C LYS C 92 23.26 21.93 -28.48
N ALA C 93 23.57 20.73 -28.95
CA ALA C 93 23.32 19.50 -28.18
C ALA C 93 24.38 19.22 -27.13
N TYR C 94 25.64 19.51 -27.46
CA TYR C 94 26.76 19.03 -26.66
C TYR C 94 27.67 20.12 -26.12
N GLY C 95 27.46 21.37 -26.53
CA GLY C 95 28.37 22.45 -26.15
C GLY C 95 29.76 22.30 -26.75
N GLN C 96 29.91 21.38 -27.71
CA GLN C 96 31.17 21.14 -28.41
C GLN C 96 30.87 20.31 -29.68
N PHE C 97 31.88 20.09 -30.53
CA PHE C 97 31.65 19.41 -31.82
C PHE C 97 31.60 17.89 -31.66
N GLU C 98 32.59 17.36 -30.94
CA GLU C 98 32.66 15.94 -30.63
C GLU C 98 31.49 15.52 -29.75
N PRO C 99 30.69 14.55 -30.21
CA PRO C 99 29.65 13.99 -29.33
C PRO C 99 30.28 13.22 -28.16
N PRO C 100 29.57 13.16 -27.02
CA PRO C 100 30.00 12.37 -25.88
C PRO C 100 29.98 10.89 -26.19
N ALA C 101 30.60 10.09 -25.33
CA ALA C 101 30.43 8.65 -25.38
C ALA C 101 28.96 8.28 -25.31
N LEU C 102 28.61 7.22 -26.01
CA LEU C 102 27.24 6.79 -26.16
C LEU C 102 26.55 6.49 -24.80
N TYR C 103 27.22 5.70 -23.93
CA TYR C 103 26.71 5.45 -22.58
C TYR C 103 26.40 6.75 -21.81
N ASP C 104 27.34 7.69 -21.80
CA ASP C 104 27.14 8.93 -21.07
C ASP C 104 25.93 9.72 -21.56
N HIS C 105 25.77 9.75 -22.89
CA HIS C 105 24.65 10.43 -23.57
C HIS C 105 23.33 9.78 -23.17
N VAL C 106 23.27 8.47 -23.26
CA VAL C 106 22.05 7.74 -22.90
C VAL C 106 21.64 7.92 -21.43
N VAL C 107 22.62 7.77 -20.51
CA VAL C 107 22.41 8.02 -19.07
C VAL C 107 21.81 9.40 -18.85
N LYS C 108 22.43 10.42 -19.45
CA LYS C 108 21.90 11.78 -19.35
C LYS C 108 20.47 11.92 -19.88
N MET C 109 20.21 11.33 -21.04
CA MET C 109 18.90 11.46 -21.68
C MET C 109 17.81 10.72 -20.91
N VAL C 110 18.15 9.55 -20.36
CA VAL C 110 17.26 8.81 -19.47
C VAL C 110 16.94 9.66 -18.22
N GLU C 111 17.96 10.26 -17.61
CA GLU C 111 17.75 11.21 -16.51
C GLU C 111 16.78 12.37 -16.82
N MET C 112 16.94 12.97 -17.99
CA MET C 112 16.04 14.05 -18.43
C MET C 112 14.68 13.53 -18.88
N GLY C 113 14.51 12.21 -18.93
CA GLY C 113 13.24 11.61 -19.38
C GLY C 113 13.01 11.67 -20.90
N LYS C 114 14.08 11.82 -21.67
CA LYS C 114 13.99 11.94 -23.11
C LYS C 114 14.15 10.60 -23.82
N TYR C 115 14.95 9.70 -23.24
CA TYR C 115 15.09 8.34 -23.75
C TYR C 115 14.37 7.40 -22.78
N ASP C 116 13.88 6.29 -23.31
CA ASP C 116 13.29 5.23 -22.50
C ASP C 116 14.39 4.55 -21.64
N ASN C 117 14.12 4.39 -20.35
CA ASN C 117 15.08 3.71 -19.46
C ASN C 117 15.22 2.21 -19.70
N HIS C 118 14.31 1.60 -20.46
CA HIS C 118 14.48 0.21 -20.93
C HIS C 118 15.82 -0.01 -21.66
N LEU C 119 16.34 1.03 -22.31
CA LEU C 119 17.62 0.95 -22.98
C LEU C 119 18.76 0.61 -22.03
N LEU C 120 18.74 1.21 -20.85
CA LEU C 120 19.77 0.98 -19.84
C LEU C 120 19.58 -0.37 -19.09
N GLU C 121 18.34 -0.83 -19.02
CA GLU C 121 18.04 -2.19 -18.58
C GLU C 121 18.49 -3.28 -19.55
N ASP C 122 18.30 -3.07 -20.86
CA ASP C 122 18.48 -4.14 -21.84
C ASP C 122 19.92 -4.27 -22.33
N TYR C 123 20.71 -3.22 -22.13
CA TYR C 123 22.11 -3.22 -22.52
C TYR C 123 22.97 -2.76 -21.36
N THR C 124 24.12 -3.41 -21.19
CA THR C 124 25.08 -3.05 -20.15
C THR C 124 25.94 -1.89 -20.61
N GLU C 125 26.59 -1.20 -19.69
CA GLU C 125 27.58 -0.18 -20.07
C GLU C 125 28.58 -0.68 -21.11
N GLU C 126 29.03 -1.92 -20.91
CA GLU C 126 30.00 -2.57 -21.78
C GLU C 126 29.41 -2.69 -23.17
N GLU C 127 28.12 -3.00 -23.25
CA GLU C 127 27.45 -3.12 -24.53
C GLU C 127 27.29 -1.77 -25.26
N PHE C 128 27.08 -0.69 -24.51
CA PHE C 128 27.06 0.68 -25.06
C PHE C 128 28.41 1.13 -25.59
N LYS C 129 29.48 0.82 -24.86
CA LYS C 129 30.86 1.04 -25.32
C LYS C 129 31.13 0.34 -26.65
N GLN C 130 30.65 -0.88 -26.74
CA GLN C 130 30.75 -1.67 -27.94
C GLN C 130 30.00 -1.00 -29.12
N MET C 131 28.72 -0.66 -28.89
CA MET C 131 27.91 0.05 -29.88
C MET C 131 28.56 1.36 -30.31
N ASP C 132 29.19 2.08 -29.37
CA ASP C 132 29.90 3.33 -29.68
C ASP C 132 31.03 3.10 -30.70
N THR C 133 31.68 1.93 -30.67
CA THR C 133 32.70 1.58 -31.66
C THR C 133 32.10 1.41 -33.08
N PHE C 134 30.82 1.09 -33.17
CA PHE C 134 30.13 0.95 -34.47
C PHE C 134 29.89 2.32 -35.11
N ILE C 135 29.65 3.31 -34.26
CA ILE C 135 29.24 4.65 -34.67
C ILE C 135 30.29 5.34 -35.48
N ASP C 136 29.87 6.04 -36.53
CA ASP C 136 30.74 6.95 -37.23
C ASP C 136 30.07 8.30 -37.33
N HIS C 137 30.41 9.20 -36.42
CA HIS C 137 29.83 10.52 -36.35
C HIS C 137 30.05 11.36 -37.61
N ASP C 138 31.10 11.03 -38.38
CA ASP C 138 31.38 11.70 -39.65
C ASP C 138 30.37 11.38 -40.75
N ARG C 139 29.56 10.32 -40.58
CA ARG C 139 28.43 10.11 -41.51
C ARG C 139 27.40 11.27 -41.47
N ASP C 140 27.43 12.09 -40.42
CA ASP C 140 26.65 13.36 -40.42
C ASP C 140 27.08 14.34 -41.51
N MET C 141 28.31 14.20 -41.99
CA MET C 141 28.85 15.03 -43.07
C MET C 141 28.28 14.63 -44.44
N THR C 142 27.53 13.53 -44.50
CA THR C 142 26.98 13.04 -45.74
C THR C 142 25.55 13.52 -46.03
N PHE C 143 24.90 14.18 -45.06
CA PHE C 143 23.55 14.76 -45.27
C PHE C 143 23.60 16.01 -46.12
N SER C 144 22.56 16.23 -46.92
CA SER C 144 22.36 17.47 -47.64
C SER C 144 21.62 18.45 -46.74
N TYR C 145 21.54 19.72 -47.15
CA TYR C 145 20.93 20.73 -46.30
C TYR C 145 19.47 20.45 -45.96
N ALA C 146 18.64 20.14 -46.96
CA ALA C 146 17.26 19.80 -46.71
C ALA C 146 17.09 18.56 -45.80
N ALA C 147 18.03 17.62 -45.86
CA ALA C 147 18.05 16.46 -44.95
C ALA C 147 18.20 16.93 -43.50
N VAL C 148 19.19 17.78 -43.26
CA VAL C 148 19.44 18.32 -41.93
C VAL C 148 18.24 19.10 -41.39
N LYS C 149 17.58 19.88 -42.24
CA LYS C 149 16.37 20.59 -41.84
C LYS C 149 15.22 19.63 -41.50
N GLN C 150 15.08 18.54 -42.26
CA GLN C 150 14.14 17.51 -41.87
C GLN C 150 14.52 16.83 -40.55
N LEU C 151 15.80 16.55 -40.34
CA LEU C 151 16.24 15.95 -39.08
C LEU C 151 15.91 16.83 -37.88
N GLU C 152 16.30 18.09 -37.97
CA GLU C 152 16.13 19.06 -36.91
C GLU C 152 14.65 19.41 -36.65
N GLY C 153 13.83 19.43 -37.70
CA GLY C 153 12.41 19.70 -37.56
C GLY C 153 11.57 18.51 -37.07
N LYS C 154 11.94 17.29 -37.44
CA LYS C 154 11.10 16.20 -37.02
C LYS C 154 11.71 14.91 -36.42
N TYR C 155 13.00 14.69 -36.58
CA TYR C 155 13.61 13.43 -36.23
C TYR C 155 14.26 13.53 -34.86
N LEU C 156 15.12 14.53 -34.67
CA LEU C 156 15.98 14.61 -33.50
C LEU C 156 15.19 14.95 -32.26
N VAL C 157 15.50 14.24 -31.19
CA VAL C 157 14.87 14.43 -29.90
C VAL C 157 15.23 15.83 -29.44
N GLN C 158 14.22 16.58 -29.00
CA GLN C 158 14.33 18.01 -28.76
C GLN C 158 13.23 18.51 -27.85
N ASN C 159 13.43 19.70 -27.29
CA ASN C 159 12.38 20.43 -26.59
C ASN C 159 11.61 21.34 -27.58
N ARG C 160 10.38 20.95 -27.92
CA ARG C 160 9.56 21.78 -28.81
C ARG C 160 9.02 23.07 -28.15
N VAL C 161 9.08 23.12 -26.82
CA VAL C 161 8.81 24.36 -26.09
C VAL C 161 9.99 25.33 -26.23
N THR C 162 11.16 24.91 -25.75
CA THR C 162 12.29 25.82 -25.58
C THR C 162 13.24 25.93 -26.79
N GLY C 163 13.05 25.09 -27.81
CA GLY C 163 13.97 25.05 -28.97
C GLY C 163 15.25 24.19 -28.84
N GLU C 164 15.57 23.71 -27.64
CA GLU C 164 16.74 22.84 -27.41
C GLU C 164 16.73 21.52 -28.24
N ILE C 165 17.85 21.21 -28.89
CA ILE C 165 18.06 19.88 -29.52
C ILE C 165 19.00 19.06 -28.64
N TYR C 166 18.65 17.80 -28.45
CA TYR C 166 19.36 16.97 -27.46
C TYR C 166 20.27 15.87 -28.04
N GLU C 167 20.07 15.48 -29.30
CA GLU C 167 20.84 14.41 -29.88
C GLU C 167 21.34 14.76 -31.29
N SER C 168 22.15 13.88 -31.86
CA SER C 168 22.62 14.04 -33.21
C SER C 168 22.22 12.77 -33.96
N ALA C 169 22.36 12.80 -35.28
CA ALA C 169 21.77 11.77 -36.14
C ALA C 169 22.29 10.37 -35.89
N GLN C 170 23.58 10.22 -35.59
CA GLN C 170 24.14 8.88 -35.39
C GLN C 170 23.65 8.26 -34.07
N PHE C 171 23.38 9.07 -33.06
CA PHE C 171 22.71 8.56 -31.85
C PHE C 171 21.28 8.08 -32.14
N LEU C 172 20.54 8.85 -32.94
CA LEU C 172 19.22 8.38 -33.37
C LEU C 172 19.33 7.03 -34.04
N TYR C 173 20.29 6.89 -34.96
CA TYR C 173 20.36 5.66 -35.76
C TYR C 173 20.80 4.46 -34.92
N ILE C 174 21.81 4.65 -34.06
CA ILE C 174 22.32 3.53 -33.27
C ILE C 174 21.24 3.08 -32.28
N LEU C 175 20.49 4.05 -31.74
CA LEU C 175 19.48 3.74 -30.73
C LEU C 175 18.19 3.20 -31.30
N VAL C 176 17.84 3.61 -32.52
CA VAL C 176 16.72 2.93 -33.21
C VAL C 176 17.06 1.45 -33.37
N ALA C 177 18.28 1.15 -33.86
CA ALA C 177 18.79 -0.21 -34.01
C ALA C 177 18.82 -0.98 -32.66
N ALA C 178 19.39 -0.38 -31.62
CA ALA C 178 19.45 -0.98 -30.29
C ALA C 178 18.09 -1.34 -29.73
N CYS C 179 17.09 -0.46 -29.90
CA CYS C 179 15.73 -0.74 -29.41
C CYS C 179 15.04 -1.86 -30.14
N LEU C 180 15.11 -1.83 -31.47
CA LEU C 180 14.41 -2.83 -32.28
C LEU C 180 14.96 -4.26 -32.17
N PHE C 181 16.26 -4.38 -31.89
CA PHE C 181 16.91 -5.66 -31.78
C PHE C 181 17.17 -6.05 -30.31
N SER C 182 16.58 -5.29 -29.36
CA SER C 182 16.86 -5.44 -27.91
C SER C 182 16.57 -6.82 -27.34
N ASN C 183 15.58 -7.52 -27.87
CA ASN C 183 15.22 -8.86 -27.42
C ASN C 183 16.00 -10.01 -28.04
N TYR C 184 16.91 -9.70 -28.95
CA TYR C 184 17.68 -10.73 -29.62
C TYR C 184 18.67 -11.38 -28.64
N PRO C 185 18.95 -12.69 -28.82
CA PRO C 185 19.93 -13.35 -27.93
C PRO C 185 21.30 -12.65 -28.05
N ARG C 186 22.03 -12.54 -26.93
CA ARG C 186 23.32 -11.86 -26.93
C ARG C 186 24.31 -12.47 -27.93
N GLU C 187 24.01 -13.66 -28.42
CA GLU C 187 24.90 -14.30 -29.38
C GLU C 187 24.87 -13.54 -30.73
N THR C 188 23.70 -13.04 -31.12
CA THR C 188 23.56 -12.34 -32.41
C THR C 188 23.22 -10.83 -32.29
N ARG C 189 22.74 -10.41 -31.12
CA ARG C 189 22.16 -9.08 -30.93
C ARG C 189 22.97 -7.89 -31.44
N LEU C 190 24.23 -7.78 -30.99
CA LEU C 190 25.03 -6.62 -31.33
C LEU C 190 25.49 -6.61 -32.78
N GLN C 191 25.46 -7.80 -33.40
CA GLN C 191 25.78 -7.95 -34.81
C GLN C 191 24.65 -7.41 -35.68
N TYR C 192 23.40 -7.70 -35.27
CA TYR C 192 22.23 -7.15 -35.93
C TYR C 192 22.18 -5.64 -35.77
N VAL C 193 22.50 -5.16 -34.58
CA VAL C 193 22.49 -3.75 -34.25
C VAL C 193 23.48 -3.01 -35.17
N LYS C 194 24.72 -3.47 -35.20
CA LYS C 194 25.76 -2.88 -36.04
C LYS C 194 25.33 -2.86 -37.50
N ARG C 195 24.85 -3.99 -37.99
CA ARG C 195 24.44 -4.13 -39.37
C ARG C 195 23.24 -3.24 -39.72
N PHE C 196 22.19 -3.24 -38.89
CA PHE C 196 21.09 -2.33 -39.10
C PHE C 196 21.53 -0.87 -39.00
N TYR C 197 22.39 -0.55 -38.03
CA TYR C 197 22.91 0.81 -37.92
C TYR C 197 23.62 1.27 -39.21
N ASP C 198 24.45 0.37 -39.78
CA ASP C 198 25.20 0.67 -41.00
C ASP C 198 24.27 0.86 -42.17
N ALA C 199 23.21 0.05 -42.26
CA ALA C 199 22.23 0.15 -43.34
C ALA C 199 21.46 1.46 -43.36
N VAL C 200 21.02 1.93 -42.18
CA VAL C 200 20.24 3.17 -42.11
C VAL C 200 21.12 4.42 -42.19
N SER C 201 22.26 4.44 -41.52
CA SER C 201 23.10 5.63 -41.51
C SER C 201 23.85 5.85 -42.84
N THR C 202 23.91 4.82 -43.68
CA THR C 202 24.41 4.95 -45.04
C THR C 202 23.29 4.97 -46.08
N PHE C 203 22.04 5.08 -45.60
CA PHE C 203 20.85 5.40 -46.41
C PHE C 203 20.36 4.27 -47.27
N LYS C 204 20.76 3.03 -46.98
CA LYS C 204 20.32 1.88 -47.77
C LYS C 204 18.88 1.50 -47.47
N ILE C 205 18.47 1.74 -46.24
CA ILE C 205 17.13 1.48 -45.76
C ILE C 205 16.61 2.78 -45.15
N SER C 206 15.34 3.08 -45.44
CA SER C 206 14.64 4.28 -44.93
C SER C 206 13.48 3.88 -44.07
N LEU C 207 13.27 4.60 -42.97
CA LEU C 207 12.13 4.30 -42.11
C LEU C 207 11.17 5.47 -42.01
N PRO C 208 9.90 5.21 -41.62
CA PRO C 208 8.92 6.27 -41.47
C PRO C 208 9.24 7.20 -40.31
N THR C 209 8.66 8.38 -40.37
CA THR C 209 8.86 9.41 -39.35
C THR C 209 8.51 9.01 -37.90
N PRO C 210 7.39 8.30 -37.67
CA PRO C 210 7.09 7.90 -36.28
C PRO C 210 8.18 7.02 -35.66
N ILE C 211 8.80 6.17 -36.47
CA ILE C 211 9.92 5.33 -36.00
C ILE C 211 11.17 6.14 -35.73
N MET C 212 11.53 6.99 -36.70
CA MET C 212 12.68 7.86 -36.59
C MET C 212 12.60 8.87 -35.47
N SER C 213 11.42 9.46 -35.24
CA SER C 213 11.27 10.40 -34.14
C SER C 213 11.12 9.68 -32.77
N GLY C 214 10.47 8.53 -32.77
CA GLY C 214 10.05 7.89 -31.52
C GLY C 214 10.76 6.68 -30.92
N VAL C 215 11.30 5.79 -31.74
CA VAL C 215 11.97 4.57 -31.24
C VAL C 215 13.29 4.90 -30.55
N ARG C 216 13.31 4.76 -29.21
CA ARG C 216 14.40 5.22 -28.30
C ARG C 216 13.80 6.08 -27.18
N THR C 217 12.66 6.70 -27.45
CA THR C 217 11.94 7.54 -26.50
C THR C 217 10.83 6.75 -25.77
N PRO C 218 10.23 7.34 -24.70
CA PRO C 218 9.15 6.67 -23.93
C PRO C 218 7.84 6.32 -24.65
N THR C 219 7.60 6.89 -25.81
CA THR C 219 6.39 6.60 -26.55
C THR C 219 6.36 5.16 -27.09
N ARG C 220 5.16 4.64 -27.33
CA ARG C 220 5.00 3.40 -28.06
C ARG C 220 4.03 3.58 -29.22
N GLN C 221 3.80 4.84 -29.60
CA GLN C 221 2.90 5.13 -30.70
C GLN C 221 3.68 5.18 -32.02
N PHE C 222 3.56 4.15 -32.84
CA PHE C 222 4.32 4.07 -34.09
C PHE C 222 3.43 3.70 -35.29
N SER C 223 2.16 3.48 -35.03
CA SER C 223 1.20 3.15 -36.11
C SER C 223 0.72 4.38 -36.86
N SER C 224 1.00 4.42 -38.16
CA SER C 224 0.69 5.60 -38.99
C SER C 224 -0.29 5.31 -40.13
N CYS C 225 -0.75 4.07 -40.19
CA CYS C 225 -1.46 3.60 -41.35
C CYS C 225 -2.49 2.58 -40.89
N VAL C 226 -3.77 2.99 -40.81
CA VAL C 226 -4.82 2.09 -40.34
C VAL C 226 -5.96 1.96 -41.36
N LEU C 227 -6.48 0.74 -41.48
CA LEU C 227 -7.59 0.43 -42.37
C LEU C 227 -8.77 -0.12 -41.54
N ILE C 228 -9.93 0.54 -41.64
CA ILE C 228 -11.12 0.23 -40.83
C ILE C 228 -12.28 0.03 -41.80
N GLU C 229 -12.95 -1.10 -41.66
CA GLU C 229 -14.12 -1.41 -42.46
C GLU C 229 -15.37 -1.19 -41.60
N CYS C 230 -16.30 -0.42 -42.12
CA CYS C 230 -17.54 -0.14 -41.42
C CYS C 230 -18.66 -1.10 -41.88
N GLY C 231 -19.40 -1.68 -40.92
CA GLY C 231 -20.58 -2.48 -41.26
C GLY C 231 -21.83 -1.62 -41.35
N ASP C 232 -22.90 -2.19 -41.89
CA ASP C 232 -24.16 -1.47 -42.09
C ASP C 232 -25.06 -1.38 -40.83
N SER C 233 -24.54 -0.84 -39.75
CA SER C 233 -25.32 -0.70 -38.53
C SER C 233 -24.79 0.49 -37.78
N LEU C 234 -25.65 1.06 -36.92
CA LEU C 234 -25.30 2.20 -36.06
C LEU C 234 -24.19 1.83 -35.11
N ASP C 235 -24.23 0.63 -34.55
CA ASP C 235 -23.18 0.16 -33.67
C ASP C 235 -21.80 0.13 -34.35
N SER C 236 -21.76 -0.31 -35.60
CA SER C 236 -20.51 -0.38 -36.36
C SER C 236 -20.07 1.00 -36.83
N ILE C 237 -21.02 1.82 -37.29
CA ILE C 237 -20.76 3.22 -37.57
C ILE C 237 -20.13 3.92 -36.37
N ASN C 238 -20.72 3.73 -35.19
CA ASN C 238 -20.15 4.31 -33.96
C ASN C 238 -18.75 3.81 -33.60
N ALA C 239 -18.56 2.49 -33.60
CA ALA C 239 -17.26 1.86 -33.34
C ALA C 239 -16.20 2.38 -34.29
N THR C 240 -16.53 2.44 -35.59
CA THR C 240 -15.63 2.97 -36.66
C THR C 240 -15.21 4.42 -36.36
N SER C 241 -16.19 5.27 -36.06
CA SER C 241 -15.95 6.65 -35.68
C SER C 241 -15.04 6.71 -34.45
N SER C 242 -15.32 5.87 -33.46
CA SER C 242 -14.52 5.90 -32.25
C SER C 242 -13.05 5.53 -32.49
N ALA C 243 -12.83 4.46 -33.24
CA ALA C 243 -11.51 3.98 -33.65
C ALA C 243 -10.74 5.02 -34.49
N ILE C 244 -11.42 5.72 -35.41
CA ILE C 244 -10.82 6.82 -36.16
C ILE C 244 -10.27 7.90 -35.22
N VAL C 245 -11.12 8.42 -34.35
CA VAL C 245 -10.74 9.45 -33.37
C VAL C 245 -9.52 9.04 -32.58
N LYS C 246 -9.49 7.78 -32.13
CA LYS C 246 -8.39 7.29 -31.33
C LYS C 246 -7.10 7.31 -32.13
N TYR C 247 -7.18 6.82 -33.36
CA TYR C 247 -6.00 6.74 -34.23
C TYR C 247 -5.55 8.07 -34.82
N VAL C 248 -6.47 8.97 -35.17
CA VAL C 248 -6.03 10.30 -35.63
C VAL C 248 -5.43 11.15 -34.51
N SER C 249 -5.74 10.86 -33.25
CA SER C 249 -5.07 11.60 -32.20
C SER C 249 -3.62 11.18 -32.09
N GLN C 250 -3.29 10.03 -32.68
CA GLN C 250 -1.92 9.54 -32.75
C GLN C 250 -1.33 9.82 -34.13
N ARG C 251 -2.03 10.66 -34.89
CA ARG C 251 -1.57 11.14 -36.21
C ARG C 251 -1.50 10.11 -37.36
N ALA C 252 -2.25 9.01 -37.23
CA ALA C 252 -2.36 8.02 -38.30
C ALA C 252 -3.25 8.49 -39.46
N GLY C 253 -2.89 8.06 -40.66
CA GLY C 253 -3.74 8.20 -41.83
C GLY C 253 -4.69 7.02 -41.84
N ILE C 254 -5.90 7.25 -42.33
CA ILE C 254 -6.95 6.24 -42.27
C ILE C 254 -7.45 5.89 -43.67
N GLY C 255 -7.66 4.60 -43.91
CA GLY C 255 -8.47 4.15 -45.02
C GLY C 255 -9.77 3.62 -44.44
N ILE C 256 -10.88 4.15 -44.94
CA ILE C 256 -12.21 3.80 -44.41
C ILE C 256 -13.02 3.12 -45.51
N ASN C 257 -13.47 1.90 -45.27
CA ASN C 257 -14.40 1.27 -46.18
C ASN C 257 -15.81 1.51 -45.61
N ALA C 258 -16.62 2.30 -46.32
CA ALA C 258 -17.98 2.61 -45.92
C ALA C 258 -19.01 2.23 -47.00
N GLY C 259 -18.57 1.39 -47.93
CA GLY C 259 -19.41 0.99 -49.07
C GLY C 259 -20.55 0.05 -48.76
N ARG C 260 -20.57 -0.51 -47.54
CA ARG C 260 -21.65 -1.41 -47.08
C ARG C 260 -22.81 -0.64 -46.51
N ILE C 261 -22.62 0.64 -46.20
CA ILE C 261 -23.73 1.41 -45.65
C ILE C 261 -24.81 1.54 -46.73
N ARG C 262 -26.06 1.25 -46.33
CA ARG C 262 -27.14 1.15 -47.31
C ARG C 262 -27.54 2.51 -47.83
N ALA C 263 -28.15 2.52 -49.01
CA ALA C 263 -28.44 3.78 -49.66
C ALA C 263 -29.62 4.54 -49.01
N LEU C 264 -29.64 5.84 -49.26
CA LEU C 264 -30.78 6.70 -48.98
C LEU C 264 -32.08 6.08 -49.51
N GLY C 265 -33.11 6.07 -48.67
CA GLY C 265 -34.43 5.61 -49.07
C GLY C 265 -34.73 4.17 -48.70
N SER C 266 -33.74 3.47 -48.15
CA SER C 266 -33.85 2.05 -47.78
C SER C 266 -34.71 1.80 -46.54
N PRO C 267 -35.55 0.73 -46.54
CA PRO C 267 -36.45 0.34 -45.45
C PRO C 267 -35.86 0.51 -44.05
N PHE C 274 -29.94 4.70 -41.90
CA PHE C 274 -29.59 4.54 -43.32
C PHE C 274 -30.81 4.57 -44.23
N HIS C 275 -31.96 4.95 -43.67
CA HIS C 275 -33.07 5.51 -44.43
C HIS C 275 -32.57 6.84 -45.02
N THR C 276 -31.80 7.60 -44.22
CA THR C 276 -31.36 8.94 -44.63
C THR C 276 -30.05 9.00 -45.45
N GLY C 277 -29.39 7.86 -45.62
CA GLY C 277 -28.30 7.76 -46.57
C GLY C 277 -26.88 7.69 -46.06
N CYS C 278 -25.95 7.51 -47.01
CA CYS C 278 -24.51 7.45 -46.73
C CYS C 278 -23.93 8.77 -46.28
N ILE C 279 -24.31 9.84 -46.96
CA ILE C 279 -23.61 11.12 -46.81
C ILE C 279 -23.52 11.64 -45.37
N PRO C 280 -24.63 11.63 -44.61
CA PRO C 280 -24.51 12.14 -43.23
C PRO C 280 -23.59 11.32 -42.34
N PHE C 281 -23.50 10.02 -42.60
CA PHE C 281 -22.45 9.19 -41.99
C PHE C 281 -21.02 9.49 -42.49
N TYR C 282 -20.86 9.76 -43.78
CA TYR C 282 -19.56 10.21 -44.31
C TYR C 282 -19.08 11.50 -43.63
N LYS C 283 -20.03 12.43 -43.39
CA LYS C 283 -19.74 13.71 -42.78
C LYS C 283 -19.26 13.50 -41.36
N HIS C 284 -19.84 12.50 -40.72
CA HIS C 284 -19.49 12.12 -39.37
C HIS C 284 -18.14 11.44 -39.32
N PHE C 285 -17.79 10.68 -40.35
CA PHE C 285 -16.44 10.11 -40.42
C PHE C 285 -15.39 11.22 -40.59
N GLN C 286 -15.72 12.22 -41.40
CA GLN C 286 -14.84 13.38 -41.62
C GLN C 286 -14.53 14.14 -40.33
N THR C 287 -15.56 14.43 -39.52
CA THR C 287 -15.31 15.15 -38.26
C THR C 287 -14.56 14.29 -37.29
N ALA C 288 -14.72 12.97 -37.39
CA ALA C 288 -13.92 12.03 -36.61
C ALA C 288 -12.46 12.15 -37.03
N VAL C 289 -12.21 12.19 -38.33
CA VAL C 289 -10.84 12.32 -38.88
C VAL C 289 -10.19 13.67 -38.52
N LYS C 290 -11.01 14.72 -38.47
CA LYS C 290 -10.56 16.08 -38.25
C LYS C 290 -10.65 16.48 -36.78
N SER C 291 -11.08 15.55 -35.92
CA SER C 291 -11.34 15.81 -34.50
C SER C 291 -10.11 16.27 -33.72
N CYS C 292 -8.92 15.91 -34.18
CA CYS C 292 -7.70 16.29 -33.50
C CYS C 292 -6.82 17.21 -34.37
N SER C 293 -7.49 18.01 -35.21
CA SER C 293 -6.81 18.88 -36.17
C SER C 293 -6.98 20.36 -35.80
N GLN C 294 -5.85 21.08 -35.85
CA GLN C 294 -5.67 22.52 -35.53
C GLN C 294 -6.92 23.38 -35.36
N GLY C 295 -7.60 23.65 -36.48
CA GLY C 295 -8.88 24.34 -36.50
C GLY C 295 -9.89 23.48 -37.24
N GLY C 296 -9.85 22.17 -36.94
CA GLY C 296 -10.69 21.14 -37.58
C GLY C 296 -10.46 20.96 -39.07
N VAL C 297 -9.24 21.23 -39.54
CA VAL C 297 -8.88 21.08 -40.96
C VAL C 297 -7.42 20.67 -41.20
N ARG C 298 -6.47 21.44 -40.65
CA ARG C 298 -5.04 21.16 -40.84
C ARG C 298 -4.57 19.92 -40.07
N GLY C 299 -4.20 18.87 -40.80
CA GLY C 299 -3.89 17.56 -40.25
C GLY C 299 -5.11 16.65 -40.32
N GLY C 300 -4.93 15.36 -40.04
CA GLY C 300 -6.04 14.40 -40.05
C GLY C 300 -6.40 14.05 -41.47
N ALA C 301 -6.09 12.82 -41.89
CA ALA C 301 -6.31 12.49 -43.31
C ALA C 301 -6.88 11.12 -43.53
N ALA C 302 -7.83 11.02 -44.45
CA ALA C 302 -8.52 9.77 -44.74
C ALA C 302 -8.91 9.67 -46.19
N THR C 303 -8.97 8.42 -46.66
CA THR C 303 -9.54 8.07 -47.94
C THR C 303 -10.64 7.08 -47.63
N LEU C 304 -11.81 7.36 -48.17
CA LEU C 304 -12.98 6.52 -47.96
C LEU C 304 -13.37 5.78 -49.26
N PHE C 305 -13.73 4.50 -49.13
CA PHE C 305 -13.93 3.57 -50.25
C PHE C 305 -15.36 3.11 -50.38
N TYR C 306 -15.83 3.01 -51.62
CA TYR C 306 -17.15 2.50 -51.93
C TYR C 306 -17.18 1.91 -53.37
N PRO C 307 -18.11 0.97 -53.64
CA PRO C 307 -18.24 0.38 -54.97
C PRO C 307 -18.82 1.33 -56.02
N MET C 308 -18.38 1.19 -57.26
CA MET C 308 -18.93 2.02 -58.35
C MET C 308 -20.44 1.79 -58.59
N TRP C 309 -20.95 0.62 -58.21
CA TRP C 309 -22.35 0.27 -58.43
C TRP C 309 -23.28 0.64 -57.26
N HIS C 310 -22.74 1.31 -56.26
CA HIS C 310 -23.52 1.77 -55.14
C HIS C 310 -24.61 2.69 -55.64
N LEU C 311 -25.82 2.46 -55.16
CA LEU C 311 -26.99 3.25 -55.56
C LEU C 311 -26.77 4.76 -55.49
N GLU C 312 -26.06 5.24 -54.45
CA GLU C 312 -25.80 6.69 -54.28
C GLU C 312 -24.56 7.24 -55.04
N VAL C 313 -23.91 6.42 -55.86
CA VAL C 313 -22.57 6.71 -56.43
C VAL C 313 -22.40 8.07 -57.11
N GLU C 314 -23.43 8.56 -57.79
CA GLU C 314 -23.36 9.83 -58.49
C GLU C 314 -23.27 10.98 -57.51
N SER C 315 -23.94 10.83 -56.35
CA SER C 315 -23.80 11.79 -55.23
C SER C 315 -22.44 11.69 -54.55
N LEU C 316 -21.96 10.47 -54.37
CA LEU C 316 -20.68 10.20 -53.73
C LEU C 316 -19.50 10.75 -54.56
N LEU C 317 -19.56 10.51 -55.87
CA LEU C 317 -18.54 10.97 -56.80
C LEU C 317 -18.25 12.48 -56.75
N VAL C 318 -19.27 13.27 -56.42
CA VAL C 318 -19.16 14.74 -56.45
C VAL C 318 -18.95 15.38 -55.07
N LEU C 319 -18.70 14.55 -54.05
CA LEU C 319 -18.49 15.04 -52.67
C LEU C 319 -17.38 16.07 -52.45
N LYS C 320 -16.31 16.09 -53.26
CA LYS C 320 -15.31 17.16 -53.08
C LYS C 320 -15.42 18.38 -54.01
N ASN C 321 -16.38 18.33 -54.93
CA ASN C 321 -16.71 19.45 -55.83
C ASN C 321 -17.00 20.73 -55.04
N ASN C 322 -16.30 21.82 -55.42
CA ASN C 322 -16.38 23.10 -54.72
C ASN C 322 -17.77 23.71 -54.66
N ARG C 323 -18.46 23.74 -55.80
CA ARG C 323 -19.83 24.25 -55.85
C ARG C 323 -20.83 23.20 -55.33
N GLY C 324 -22.00 23.65 -54.94
CA GLY C 324 -23.04 22.75 -54.43
C GLY C 324 -23.45 23.06 -53.01
N VAL C 325 -24.52 22.42 -52.56
CA VAL C 325 -25.05 22.60 -51.21
C VAL C 325 -24.14 21.88 -50.20
N GLU C 326 -23.89 22.54 -49.07
CA GLU C 326 -23.03 22.02 -48.00
C GLU C 326 -23.49 20.65 -47.53
N GLY C 327 -24.81 20.43 -47.55
CA GLY C 327 -25.39 19.14 -47.20
C GLY C 327 -25.01 18.02 -48.15
N ASN C 328 -24.67 18.38 -49.39
CA ASN C 328 -24.28 17.39 -50.41
C ASN C 328 -22.76 17.27 -50.60
N ARG C 329 -21.98 17.79 -49.64
CA ARG C 329 -20.53 17.86 -49.81
C ARG C 329 -19.76 17.39 -48.58
N VAL C 330 -18.73 16.60 -48.83
CA VAL C 330 -17.83 16.07 -47.77
C VAL C 330 -16.43 16.19 -48.37
N ARG C 331 -15.83 17.36 -48.19
CA ARG C 331 -14.68 17.80 -49.03
C ARG C 331 -13.30 17.46 -48.49
N HIS C 332 -13.18 17.15 -47.21
CA HIS C 332 -11.88 17.04 -46.57
C HIS C 332 -11.52 15.58 -46.25
N MET C 333 -12.07 14.67 -47.04
CA MET C 333 -11.56 13.32 -47.17
C MET C 333 -11.37 13.07 -48.66
N ASP C 334 -10.49 12.14 -49.00
CA ASP C 334 -10.40 11.62 -50.37
C ASP C 334 -11.22 10.33 -50.51
N TYR C 335 -11.38 9.88 -51.76
CA TYR C 335 -12.28 8.77 -52.07
C TYR C 335 -11.62 7.76 -53.01
N GLY C 336 -11.89 6.48 -52.81
CA GLY C 336 -11.44 5.44 -53.73
C GLY C 336 -12.68 4.74 -54.30
N VAL C 337 -12.87 4.82 -55.61
CA VAL C 337 -14.00 4.13 -56.28
C VAL C 337 -13.55 2.71 -56.66
N GLN C 338 -14.33 1.72 -56.25
CA GLN C 338 -13.94 0.31 -56.44
C GLN C 338 -14.60 -0.24 -57.68
N ILE C 339 -13.79 -0.87 -58.53
CA ILE C 339 -14.18 -1.25 -59.88
C ILE C 339 -13.66 -2.65 -60.16
N ASN C 340 -14.41 -3.42 -60.95
CA ASN C 340 -13.99 -4.76 -61.40
C ASN C 340 -14.18 -4.88 -62.92
N LYS C 341 -13.79 -6.02 -63.49
CA LYS C 341 -13.83 -6.23 -64.94
C LYS C 341 -15.21 -5.97 -65.57
N LEU C 342 -16.27 -6.42 -64.88
CA LEU C 342 -17.63 -6.28 -65.40
C LEU C 342 -18.01 -4.81 -65.64
N MET C 343 -17.69 -3.94 -64.69
CA MET C 343 -17.91 -2.50 -64.84
C MET C 343 -17.23 -1.96 -66.08
N TYR C 344 -15.94 -2.27 -66.25
CA TYR C 344 -15.16 -1.89 -67.44
C TYR C 344 -15.73 -2.44 -68.76
N THR C 345 -16.16 -3.71 -68.74
CA THR C 345 -16.83 -4.34 -69.89
C THR C 345 -18.10 -3.59 -70.32
N ARG C 346 -18.89 -3.13 -69.36
CA ARG C 346 -20.06 -2.32 -69.67
C ARG C 346 -19.63 -1.04 -70.39
N LEU C 347 -18.57 -0.39 -69.90
CA LEU C 347 -18.02 0.79 -70.57
C LEU C 347 -17.61 0.49 -72.03
N LEU C 348 -16.77 -0.52 -72.22
CA LEU C 348 -16.28 -0.89 -73.56
C LEU C 348 -17.40 -1.26 -74.53
N LYS C 349 -18.44 -1.93 -74.03
CA LYS C 349 -19.59 -2.35 -74.82
C LYS C 349 -20.65 -1.25 -74.98
N GLY C 350 -20.40 -0.08 -74.39
CA GLY C 350 -21.38 1.03 -74.42
C GLY C 350 -22.71 0.71 -73.74
N GLU C 351 -22.66 -0.19 -72.76
CA GLU C 351 -23.85 -0.67 -72.07
C GLU C 351 -24.15 0.12 -70.80
N ASP C 352 -25.13 -0.36 -70.03
CA ASP C 352 -25.60 0.28 -68.81
C ASP C 352 -24.92 -0.39 -67.64
N ILE C 353 -24.68 0.41 -66.59
CA ILE C 353 -24.34 -0.13 -65.26
C ILE C 353 -25.61 0.00 -64.40
N THR C 354 -25.93 -1.05 -63.65
CA THR C 354 -27.05 -1.00 -62.69
C THR C 354 -26.55 -0.74 -61.27
N LEU C 355 -27.16 0.25 -60.62
CA LEU C 355 -26.80 0.66 -59.29
C LEU C 355 -27.74 -0.02 -58.29
N PHE C 356 -27.17 -0.54 -57.21
CA PHE C 356 -27.90 -1.23 -56.14
C PHE C 356 -27.41 -0.72 -54.78
N SER C 357 -28.33 -0.65 -53.81
CA SER C 357 -27.95 -0.61 -52.41
C SER C 357 -27.45 -2.00 -51.98
N PRO C 358 -26.29 -2.06 -51.29
CA PRO C 358 -25.74 -3.34 -50.80
C PRO C 358 -26.68 -4.13 -49.87
N SER C 359 -27.66 -3.45 -49.28
CA SER C 359 -28.65 -4.09 -48.42
C SER C 359 -29.69 -4.92 -49.18
N ASP C 360 -29.94 -4.58 -50.45
CA ASP C 360 -30.97 -5.22 -51.29
C ASP C 360 -30.51 -6.39 -52.16
N VAL C 361 -29.20 -6.68 -52.15
CA VAL C 361 -28.63 -7.63 -53.10
C VAL C 361 -27.77 -8.68 -52.41
N PRO C 362 -28.40 -9.75 -51.87
CA PRO C 362 -27.71 -10.78 -51.11
C PRO C 362 -26.47 -11.35 -51.82
N GLY C 363 -25.34 -11.39 -51.12
CA GLY C 363 -24.09 -11.96 -51.64
C GLY C 363 -23.29 -11.17 -52.67
N LEU C 364 -23.86 -10.09 -53.22
CA LEU C 364 -23.25 -9.29 -54.30
C LEU C 364 -22.03 -8.49 -53.83
N TYR C 365 -22.14 -7.83 -52.66
CA TYR C 365 -21.00 -7.10 -52.10
C TYR C 365 -19.81 -8.04 -51.88
N ASP C 366 -20.04 -9.15 -51.19
CA ASP C 366 -19.01 -10.16 -50.94
C ASP C 366 -18.37 -10.65 -52.23
N ALA C 367 -19.20 -10.96 -53.22
CA ALA C 367 -18.76 -11.50 -54.49
C ALA C 367 -17.91 -10.52 -55.33
N PHE C 368 -18.23 -9.23 -55.20
CA PHE C 368 -17.53 -8.12 -55.86
C PHE C 368 -16.02 -8.24 -55.65
N PHE C 369 -15.63 -8.57 -54.42
CA PHE C 369 -14.24 -8.66 -54.05
C PHE C 369 -13.69 -10.08 -54.24
N ALA C 370 -14.48 -11.07 -53.88
CA ALA C 370 -13.98 -12.45 -53.71
C ALA C 370 -14.07 -13.41 -54.91
N ASP C 371 -14.99 -13.14 -55.85
CA ASP C 371 -15.37 -14.18 -56.82
C ASP C 371 -16.09 -13.55 -58.00
N GLN C 372 -15.34 -13.24 -59.06
CA GLN C 372 -15.91 -12.48 -60.20
C GLN C 372 -17.03 -13.20 -60.96
N GLU C 373 -16.92 -14.52 -61.07
CA GLU C 373 -17.98 -15.30 -61.76
C GLU C 373 -19.28 -15.34 -60.94
N GLU C 374 -19.16 -15.49 -59.62
CA GLU C 374 -20.31 -15.35 -58.73
C GLU C 374 -20.87 -13.92 -58.78
N PHE C 375 -20.01 -12.91 -58.85
CA PHE C 375 -20.47 -11.53 -58.95
C PHE C 375 -21.28 -11.35 -60.23
N GLU C 376 -20.78 -11.89 -61.32
CA GLU C 376 -21.46 -11.77 -62.60
C GLU C 376 -22.83 -12.42 -62.57
N ARG C 377 -22.89 -13.60 -61.95
CA ARG C 377 -24.13 -14.38 -61.83
C ARG C 377 -25.17 -13.70 -60.96
N LEU C 378 -24.75 -13.26 -59.77
CA LEU C 378 -25.60 -12.46 -58.88
C LEU C 378 -26.01 -11.13 -59.48
N TYR C 379 -25.09 -10.47 -60.18
CA TYR C 379 -25.33 -9.13 -60.70
C TYR C 379 -26.37 -9.14 -61.84
N THR C 380 -26.23 -10.08 -62.77
CA THR C 380 -27.15 -10.15 -63.91
C THR C 380 -28.52 -10.64 -63.47
N LYS C 381 -28.53 -11.60 -62.54
CA LYS C 381 -29.74 -12.04 -61.87
C LYS C 381 -30.50 -10.83 -61.31
N TYR C 382 -29.90 -10.13 -60.35
CA TYR C 382 -30.53 -8.97 -59.69
C TYR C 382 -30.94 -7.85 -60.64
N GLU C 383 -30.17 -7.66 -61.72
CA GLU C 383 -30.53 -6.71 -62.78
C GLU C 383 -31.88 -7.06 -63.43
N LYS C 384 -32.22 -8.35 -63.46
CA LYS C 384 -33.44 -8.83 -64.12
C LYS C 384 -34.65 -8.91 -63.20
N ASP C 385 -34.39 -9.01 -61.90
CA ASP C 385 -35.41 -9.09 -60.88
C ASP C 385 -35.99 -7.71 -60.63
N ASP C 386 -37.20 -7.46 -61.15
CA ASP C 386 -37.83 -6.15 -61.01
C ASP C 386 -38.40 -5.88 -59.62
N SER C 387 -38.31 -6.85 -58.73
CA SER C 387 -38.66 -6.62 -57.33
C SER C 387 -37.55 -5.87 -56.55
N ILE C 388 -36.31 -5.95 -57.03
CA ILE C 388 -35.14 -5.27 -56.42
C ILE C 388 -35.10 -3.77 -56.77
N ARG C 389 -34.96 -2.90 -55.75
CA ARG C 389 -34.70 -1.48 -56.01
C ARG C 389 -33.35 -1.30 -56.76
N LYS C 390 -33.37 -0.48 -57.80
CA LYS C 390 -32.22 -0.36 -58.68
C LYS C 390 -32.31 0.91 -59.52
N GLN C 391 -31.18 1.31 -60.10
CA GLN C 391 -31.17 2.36 -61.09
C GLN C 391 -30.15 2.08 -62.20
N ARG C 392 -30.50 2.40 -63.44
CA ARG C 392 -29.62 2.22 -64.60
C ARG C 392 -28.98 3.54 -64.96
N VAL C 393 -27.69 3.50 -65.24
CA VAL C 393 -26.97 4.65 -65.78
C VAL C 393 -26.08 4.17 -66.91
N LYS C 394 -25.85 5.04 -67.90
CA LYS C 394 -24.86 4.77 -68.95
C LYS C 394 -23.47 4.63 -68.34
N ALA C 395 -22.79 3.52 -68.66
CA ALA C 395 -21.41 3.30 -68.19
C ALA C 395 -20.49 4.44 -68.60
N VAL C 396 -20.67 4.95 -69.82
CA VAL C 396 -19.90 6.10 -70.32
C VAL C 396 -20.09 7.30 -69.40
N GLU C 397 -21.34 7.57 -69.02
CA GLU C 397 -21.68 8.76 -68.23
C GLU C 397 -21.15 8.64 -66.80
N LEU C 398 -21.32 7.46 -66.21
CA LEU C 398 -20.79 7.16 -64.88
C LEU C 398 -19.24 7.25 -64.82
N PHE C 399 -18.57 6.58 -65.76
CA PHE C 399 -17.12 6.62 -65.83
C PHE C 399 -16.61 8.04 -66.08
N SER C 400 -17.30 8.76 -66.95
CA SER C 400 -16.95 10.15 -67.29
C SER C 400 -17.05 11.07 -66.10
N LEU C 401 -18.10 10.88 -65.32
CA LEU C 401 -18.33 11.68 -64.12
C LEU C 401 -17.21 11.45 -63.11
N MET C 402 -16.89 10.18 -62.88
CA MET C 402 -15.79 9.78 -61.99
C MET C 402 -14.47 10.38 -62.45
N MET C 403 -14.16 10.25 -63.74
CA MET C 403 -12.91 10.79 -64.28
C MET C 403 -12.85 12.32 -64.27
N GLN C 404 -14.00 12.96 -64.42
CA GLN C 404 -14.08 14.42 -64.35
C GLN C 404 -13.76 14.91 -62.92
N GLU C 405 -14.31 14.22 -61.91
CA GLU C 405 -14.03 14.51 -60.52
C GLU C 405 -12.60 14.16 -60.12
N ARG C 406 -12.09 13.02 -60.58
CA ARG C 406 -10.67 12.71 -60.44
C ARG C 406 -9.78 13.84 -61.02
N ALA C 407 -10.09 14.29 -62.24
CA ALA C 407 -9.29 15.33 -62.90
C ALA C 407 -9.32 16.69 -62.18
N SER C 408 -10.49 17.13 -61.74
CA SER C 408 -10.58 18.46 -61.15
C SER C 408 -10.04 18.53 -59.72
N THR C 409 -10.13 17.44 -58.97
CA THR C 409 -9.58 17.42 -57.60
C THR C 409 -8.22 16.70 -57.50
N GLY C 410 -7.96 15.78 -58.43
CA GLY C 410 -6.77 14.92 -58.34
C GLY C 410 -6.93 13.82 -57.31
N ARG C 411 -8.10 13.79 -56.64
CA ARG C 411 -8.24 12.99 -55.42
C ARG C 411 -9.46 12.08 -55.36
N ILE C 412 -9.98 11.70 -56.52
CA ILE C 412 -10.90 10.58 -56.61
C ILE C 412 -10.03 9.46 -57.15
N TYR C 413 -9.84 8.42 -56.34
CA TYR C 413 -8.90 7.32 -56.63
C TYR C 413 -9.64 6.10 -57.13
N ILE C 414 -8.87 5.15 -57.65
CA ILE C 414 -9.44 3.91 -58.21
C ILE C 414 -8.81 2.70 -57.55
N GLN C 415 -9.64 1.71 -57.21
CA GLN C 415 -9.18 0.40 -56.79
C GLN C 415 -9.81 -0.68 -57.68
N ASN C 416 -8.96 -1.40 -58.39
CA ASN C 416 -9.41 -2.56 -59.14
C ASN C 416 -9.45 -3.77 -58.19
N VAL C 417 -10.64 -4.01 -57.62
CA VAL C 417 -10.84 -4.95 -56.53
C VAL C 417 -10.69 -6.41 -56.96
N ASP C 418 -10.94 -6.71 -58.24
CA ASP C 418 -10.65 -8.05 -58.78
C ASP C 418 -9.13 -8.30 -58.78
N HIS C 419 -8.36 -7.37 -59.32
CA HIS C 419 -6.88 -7.46 -59.26
C HIS C 419 -6.33 -7.57 -57.83
N CYS C 420 -6.92 -6.82 -56.90
CA CYS C 420 -6.54 -6.89 -55.50
C CYS C 420 -6.78 -8.25 -54.87
N ASN C 421 -7.59 -9.07 -55.53
CA ASN C 421 -7.94 -10.38 -54.97
C ASN C 421 -7.51 -11.59 -55.80
N THR C 422 -7.33 -11.43 -57.11
CA THR C 422 -6.82 -12.54 -57.95
C THR C 422 -5.30 -12.65 -57.86
N HIS C 423 -4.65 -11.54 -57.52
CA HIS C 423 -3.20 -11.45 -57.45
C HIS C 423 -2.87 -10.85 -56.08
N SER C 424 -2.71 -11.73 -55.08
CA SER C 424 -2.81 -11.34 -53.69
C SER C 424 -2.19 -12.40 -52.76
N PRO C 425 -1.57 -11.95 -51.66
CA PRO C 425 -1.06 -12.85 -50.61
C PRO C 425 -2.17 -13.59 -49.86
N PHE C 426 -3.42 -13.19 -50.07
CA PHE C 426 -4.54 -13.65 -49.26
C PHE C 426 -5.57 -14.44 -50.08
N ASP C 427 -6.07 -15.51 -49.51
CA ASP C 427 -7.19 -16.24 -50.08
C ASP C 427 -8.47 -15.42 -49.89
N PRO C 428 -9.12 -15.01 -50.99
CA PRO C 428 -10.29 -14.13 -50.90
C PRO C 428 -11.59 -14.76 -50.39
N ALA C 429 -11.67 -16.10 -50.41
CA ALA C 429 -12.77 -16.80 -49.78
C ALA C 429 -12.69 -16.67 -48.25
N ILE C 430 -11.49 -16.47 -47.72
CA ILE C 430 -11.28 -16.34 -46.27
C ILE C 430 -10.99 -14.90 -45.83
N ALA C 431 -10.02 -14.28 -46.47
CA ALA C 431 -9.49 -13.01 -46.02
C ALA C 431 -9.43 -12.04 -47.22
N PRO C 432 -10.59 -11.61 -47.73
CA PRO C 432 -10.55 -10.74 -48.91
C PRO C 432 -9.95 -9.35 -48.62
N VAL C 433 -9.37 -8.73 -49.64
CA VAL C 433 -8.95 -7.33 -49.61
C VAL C 433 -10.09 -6.46 -50.16
N ARG C 434 -10.68 -5.63 -49.31
CA ARG C 434 -11.87 -4.88 -49.73
C ARG C 434 -11.73 -3.37 -49.66
N GLN C 435 -10.52 -2.91 -49.45
CA GLN C 435 -10.24 -1.48 -49.38
C GLN C 435 -8.73 -1.27 -49.47
N SER C 436 -8.31 -0.01 -49.36
CA SER C 436 -6.91 0.32 -49.27
C SER C 436 -6.76 1.35 -48.13
N ASN C 437 -5.62 2.03 -48.07
CA ASN C 437 -5.33 3.02 -47.04
C ASN C 437 -5.44 4.44 -47.60
N LEU C 438 -4.92 5.41 -46.86
CA LEU C 438 -4.90 6.81 -47.30
C LEU C 438 -4.29 6.98 -48.70
N CYS C 439 -3.12 6.36 -48.90
CA CYS C 439 -2.29 6.59 -50.07
C CYS C 439 -2.36 5.52 -51.16
N LEU C 440 -3.27 4.57 -51.00
CA LEU C 440 -3.59 3.59 -52.07
C LEU C 440 -2.51 2.54 -52.39
N GLU C 441 -1.57 2.31 -51.47
CA GLU C 441 -0.59 1.26 -51.68
C GLU C 441 -0.81 0.03 -50.75
N ILE C 442 -1.64 0.19 -49.72
CA ILE C 442 -1.81 -0.86 -48.74
C ILE C 442 -3.05 -1.65 -49.08
N ALA C 443 -2.95 -2.97 -49.06
CA ALA C 443 -4.10 -3.81 -49.40
C ALA C 443 -4.16 -5.02 -48.47
N LEU C 444 -4.98 -4.90 -47.43
CA LEU C 444 -5.04 -5.90 -46.35
C LEU C 444 -6.48 -6.25 -45.99
N PRO C 445 -6.70 -7.42 -45.38
CA PRO C 445 -8.06 -7.78 -44.94
C PRO C 445 -8.51 -7.00 -43.71
N THR C 446 -9.81 -6.89 -43.56
CA THR C 446 -10.45 -6.18 -42.44
C THR C 446 -11.76 -6.88 -42.08
N LYS C 447 -12.28 -6.61 -40.87
CA LYS C 447 -13.64 -7.03 -40.48
C LYS C 447 -14.27 -5.88 -39.69
N PRO C 448 -15.54 -5.59 -39.96
CA PRO C 448 -16.28 -4.56 -39.22
C PRO C 448 -16.32 -4.79 -37.70
N LEU C 449 -16.25 -3.70 -36.93
CA LEU C 449 -16.42 -3.70 -35.48
C LEU C 449 -17.89 -3.46 -35.09
N ASN C 450 -18.30 -4.03 -33.96
CA ASN C 450 -19.62 -3.86 -33.31
C ASN C 450 -19.59 -2.82 -32.22
N ASP C 451 -18.37 -2.48 -31.83
CA ASP C 451 -18.08 -1.73 -30.60
C ASP C 451 -16.60 -1.41 -30.74
N VAL C 452 -16.11 -0.26 -30.24
CA VAL C 452 -14.67 0.05 -30.33
C VAL C 452 -13.81 -1.09 -29.83
N ASN C 453 -14.32 -1.84 -28.87
CA ASN C 453 -13.53 -2.88 -28.21
C ASN C 453 -13.92 -4.30 -28.62
N ASP C 454 -14.66 -4.40 -29.72
CA ASP C 454 -15.01 -5.69 -30.29
C ASP C 454 -13.74 -6.50 -30.64
N GLU C 455 -13.58 -7.66 -30.00
CA GLU C 455 -12.46 -8.58 -30.25
C GLU C 455 -12.64 -9.43 -31.48
N ASN C 456 -13.79 -9.35 -32.13
CA ASN C 456 -14.03 -10.08 -33.38
C ASN C 456 -13.87 -9.20 -34.62
N GLY C 457 -13.66 -7.90 -34.42
CA GLY C 457 -13.36 -7.02 -35.54
C GLY C 457 -11.91 -7.18 -35.97
N GLU C 458 -11.59 -6.73 -37.17
CA GLU C 458 -10.19 -6.64 -37.59
C GLU C 458 -9.91 -5.30 -38.24
N ILE C 459 -9.03 -4.55 -37.61
CA ILE C 459 -8.47 -3.35 -38.24
C ILE C 459 -7.06 -3.72 -38.73
N ALA C 460 -6.77 -3.41 -39.98
CA ALA C 460 -5.47 -3.67 -40.56
C ALA C 460 -4.51 -2.53 -40.27
N LEU C 461 -3.29 -2.91 -39.92
CA LEU C 461 -2.20 -1.98 -39.75
C LEU C 461 -1.04 -2.49 -40.59
N CYS C 462 -0.16 -1.58 -40.94
CA CYS C 462 1.00 -1.98 -41.68
C CYS C 462 2.17 -1.12 -41.28
N THR C 463 3.29 -1.78 -41.03
CA THR C 463 4.54 -1.13 -40.72
C THR C 463 5.37 -1.02 -42.00
N LEU C 464 5.88 0.17 -42.25
CA LEU C 464 6.51 0.53 -43.52
C LEU C 464 8.02 0.73 -43.43
N SER C 465 8.68 0.53 -44.57
CA SER C 465 10.06 0.97 -44.77
C SER C 465 10.33 0.98 -46.26
N ALA C 466 11.53 1.38 -46.64
CA ALA C 466 11.90 1.35 -48.05
C ALA C 466 13.38 1.04 -48.25
N PHE C 467 13.69 0.43 -49.38
CA PHE C 467 15.08 0.28 -49.86
C PHE C 467 15.43 1.46 -50.75
N ASN C 468 16.62 2.00 -50.54
CA ASN C 468 17.11 3.07 -51.35
C ASN C 468 17.87 2.50 -52.56
N LEU C 469 17.18 2.42 -53.70
CA LEU C 469 17.75 1.86 -54.93
C LEU C 469 19.00 2.55 -55.43
N GLY C 470 19.22 3.78 -55.00
CA GLY C 470 20.40 4.53 -55.39
C GLY C 470 21.61 4.30 -54.51
N ALA C 471 21.42 3.69 -53.34
CA ALA C 471 22.55 3.45 -52.42
C ALA C 471 23.10 2.03 -52.46
N ILE C 472 22.50 1.15 -53.26
CA ILE C 472 23.03 -0.19 -53.43
C ILE C 472 23.85 -0.31 -54.73
N ASN C 473 25.03 -0.94 -54.65
CA ASN C 473 25.87 -1.19 -55.84
C ASN C 473 25.35 -2.35 -56.68
N ASN C 474 24.68 -3.29 -56.03
CA ASN C 474 23.98 -4.33 -56.78
C ASN C 474 22.88 -5.01 -56.01
N LEU C 475 22.10 -5.81 -56.74
CA LEU C 475 20.81 -6.30 -56.32
C LEU C 475 20.92 -7.38 -55.25
N ASP C 476 22.07 -8.04 -55.19
CA ASP C 476 22.30 -9.09 -54.22
C ASP C 476 22.59 -8.54 -52.82
N GLU C 477 22.86 -7.24 -52.76
CA GLU C 477 22.90 -6.51 -51.49
C GLU C 477 21.53 -6.54 -50.80
N LEU C 478 20.46 -6.71 -51.56
CA LEU C 478 19.10 -6.76 -51.01
C LEU C 478 18.88 -7.98 -50.09
N GLU C 479 19.74 -8.98 -50.19
CA GLU C 479 19.58 -10.17 -49.35
C GLU C 479 19.73 -9.81 -47.89
N GLU C 480 20.81 -9.10 -47.59
CA GLU C 480 21.12 -8.64 -46.26
C GLU C 480 20.20 -7.49 -45.81
N LEU C 481 19.85 -6.59 -46.72
CA LEU C 481 18.96 -5.48 -46.41
C LEU C 481 17.56 -5.98 -46.10
N ALA C 482 17.11 -6.97 -46.87
CA ALA C 482 15.83 -7.59 -46.63
C ALA C 482 15.77 -8.27 -45.26
N ILE C 483 16.85 -8.96 -44.87
CA ILE C 483 16.94 -9.61 -43.56
C ILE C 483 16.81 -8.57 -42.44
N LEU C 484 17.55 -7.49 -42.61
CA LEU C 484 17.60 -6.43 -41.64
C LEU C 484 16.22 -5.71 -41.51
N ALA C 485 15.60 -5.37 -42.64
CA ALA C 485 14.40 -4.58 -42.65
C ALA C 485 13.20 -5.38 -42.16
N VAL C 486 13.08 -6.62 -42.63
CA VAL C 486 12.04 -7.53 -42.17
C VAL C 486 12.14 -7.79 -40.65
N ARG C 487 13.35 -8.03 -40.17
CA ARG C 487 13.54 -8.30 -38.75
C ARG C 487 13.31 -7.11 -37.84
N ALA C 488 13.82 -5.95 -38.25
CA ALA C 488 13.58 -4.69 -37.51
C ALA C 488 12.07 -4.37 -37.38
N LEU C 489 11.31 -4.48 -38.47
CA LEU C 489 9.89 -4.14 -38.48
C LEU C 489 9.04 -5.19 -37.78
N ASP C 490 9.41 -6.46 -37.97
CA ASP C 490 8.74 -7.53 -37.25
C ASP C 490 8.90 -7.38 -35.73
N ALA C 491 10.07 -6.96 -35.28
CA ALA C 491 10.26 -6.71 -33.84
C ALA C 491 9.40 -5.53 -33.35
N LEU C 492 9.23 -4.52 -34.20
CA LEU C 492 8.45 -3.33 -33.87
C LEU C 492 6.99 -3.66 -33.64
N LEU C 493 6.46 -4.63 -34.41
CA LEU C 493 5.11 -5.13 -34.19
C LEU C 493 4.85 -5.56 -32.72
N ASP C 494 5.85 -6.16 -32.07
CA ASP C 494 5.69 -6.60 -30.67
C ASP C 494 5.93 -5.47 -29.65
N TYR C 495 6.69 -4.47 -30.08
CA TYR C 495 7.09 -3.33 -29.26
C TYR C 495 6.02 -2.22 -29.16
N GLN C 496 5.34 -1.91 -30.26
CA GLN C 496 4.41 -0.77 -30.34
C GLN C 496 3.10 -1.00 -29.58
N ASP C 497 2.41 0.07 -29.23
CA ASP C 497 1.09 -0.04 -28.58
C ASP C 497 -0.06 -0.26 -29.55
N TYR C 498 -1.14 -0.81 -29.02
CA TYR C 498 -2.38 -1.00 -29.78
C TYR C 498 -3.58 -0.42 -29.01
N PRO C 499 -4.03 0.80 -29.40
CA PRO C 499 -5.17 1.42 -28.68
C PRO C 499 -6.53 0.74 -28.91
N ILE C 500 -6.67 -0.02 -30.00
CA ILE C 500 -7.90 -0.73 -30.35
C ILE C 500 -7.58 -2.24 -30.45
N PRO C 501 -8.29 -3.10 -29.68
CA PRO C 501 -8.08 -4.57 -29.73
C PRO C 501 -8.10 -5.19 -31.13
N ALA C 502 -9.05 -4.77 -31.98
CA ALA C 502 -9.19 -5.23 -33.36
C ALA C 502 -7.99 -4.89 -34.25
N ALA C 503 -7.25 -3.84 -33.90
CA ALA C 503 -6.00 -3.50 -34.60
C ALA C 503 -4.86 -4.39 -34.15
N LYS C 504 -4.77 -4.65 -32.84
CA LYS C 504 -3.82 -5.63 -32.32
C LYS C 504 -4.06 -7.01 -32.97
N ARG C 505 -5.31 -7.40 -33.15
CA ARG C 505 -5.64 -8.66 -33.82
C ARG C 505 -5.07 -8.78 -35.24
N GLY C 506 -5.24 -7.73 -36.05
CA GLY C 506 -4.71 -7.70 -37.42
C GLY C 506 -3.20 -7.81 -37.42
N ALA C 507 -2.55 -7.03 -36.58
CA ALA C 507 -1.12 -6.97 -36.52
C ALA C 507 -0.48 -8.27 -36.00
N MET C 508 -1.05 -8.82 -34.92
CA MET C 508 -0.51 -10.05 -34.34
C MET C 508 -0.87 -11.28 -35.18
N GLY C 509 -2.07 -11.31 -35.74
CA GLY C 509 -2.51 -12.37 -36.64
C GLY C 509 -1.75 -12.48 -37.96
N ARG C 510 -1.57 -11.33 -38.63
CA ARG C 510 -1.01 -11.32 -39.99
C ARG C 510 0.42 -10.80 -40.07
N ARG C 511 0.84 -10.00 -39.10
CA ARG C 511 2.20 -9.43 -39.04
C ARG C 511 2.62 -8.81 -40.41
N THR C 512 1.73 -7.99 -40.93
CA THR C 512 1.87 -7.41 -42.26
C THR C 512 2.88 -6.24 -42.30
N LEU C 513 3.79 -6.30 -43.28
CA LEU C 513 4.80 -5.28 -43.52
C LEU C 513 4.59 -4.69 -44.90
N GLY C 514 5.09 -3.48 -45.10
CA GLY C 514 4.97 -2.84 -46.41
C GLY C 514 6.30 -2.16 -46.68
N ILE C 515 7.22 -2.89 -47.30
CA ILE C 515 8.54 -2.38 -47.63
C ILE C 515 8.55 -2.00 -49.12
N GLY C 516 8.89 -0.74 -49.40
CA GLY C 516 8.91 -0.22 -50.77
C GLY C 516 10.27 0.25 -51.22
N VAL C 517 10.29 1.25 -52.08
CA VAL C 517 11.56 1.79 -52.60
C VAL C 517 11.51 3.31 -52.68
N ILE C 518 12.69 3.89 -52.68
CA ILE C 518 12.90 5.30 -53.00
C ILE C 518 14.07 5.33 -53.98
N ASN C 519 14.26 6.51 -54.59
CA ASN C 519 15.36 6.73 -55.53
C ASN C 519 15.25 5.90 -56.82
N PHE C 520 14.03 5.55 -57.23
CA PHE C 520 13.81 4.78 -58.46
C PHE C 520 14.18 5.58 -59.73
N ALA C 521 13.77 6.85 -59.81
CA ALA C 521 14.15 7.73 -60.94
C ALA C 521 15.66 7.84 -61.13
N TYR C 522 16.34 8.11 -60.02
CA TYR C 522 17.79 8.18 -60.01
C TYR C 522 18.46 6.87 -60.50
N TYR C 523 18.00 5.75 -59.96
CA TYR C 523 18.42 4.40 -60.35
C TYR C 523 18.26 4.16 -61.86
N LEU C 524 17.10 4.47 -62.40
CA LEU C 524 16.91 4.41 -63.87
C LEU C 524 17.90 5.27 -64.62
N ALA C 525 18.06 6.52 -64.18
CA ALA C 525 18.97 7.46 -64.81
C ALA C 525 20.39 6.93 -64.85
N LYS C 526 20.90 6.42 -63.72
CA LYS C 526 22.28 5.89 -63.70
C LYS C 526 22.46 4.60 -64.47
N HIS C 527 21.34 3.93 -64.79
CA HIS C 527 21.35 2.77 -65.69
C HIS C 527 21.01 3.14 -67.12
N GLY C 528 20.85 4.45 -67.38
CA GLY C 528 20.56 4.97 -68.71
C GLY C 528 19.17 4.66 -69.26
N LYS C 529 18.20 4.41 -68.39
CA LYS C 529 16.82 4.09 -68.82
C LYS C 529 15.92 5.27 -68.55
N ARG C 530 14.70 5.21 -69.09
CA ARG C 530 13.69 6.28 -68.92
C ARG C 530 12.37 5.65 -68.54
N TYR C 531 11.42 6.47 -68.12
CA TYR C 531 10.08 5.98 -67.82
C TYR C 531 9.23 5.81 -69.07
N SER C 532 9.38 6.73 -70.03
CA SER C 532 8.30 6.92 -71.00
C SER C 532 8.30 6.02 -72.22
N ASP C 533 9.37 5.28 -72.46
CA ASP C 533 9.62 4.63 -73.76
C ASP C 533 9.78 3.11 -73.73
N GLY C 534 9.62 2.50 -72.56
CA GLY C 534 9.75 1.05 -72.41
C GLY C 534 11.17 0.55 -72.21
N SER C 535 12.13 1.46 -72.23
CA SER C 535 13.53 1.07 -72.06
C SER C 535 13.84 0.49 -70.66
N ALA C 536 12.96 0.71 -69.69
CA ALA C 536 13.21 0.30 -68.30
C ALA C 536 12.48 -0.98 -67.92
N ASN C 537 11.68 -1.53 -68.81
CA ASN C 537 10.84 -2.68 -68.52
C ASN C 537 11.56 -3.90 -67.95
N ASN C 538 12.63 -4.33 -68.60
CA ASN C 538 13.33 -5.55 -68.17
C ASN C 538 14.15 -5.30 -66.93
N LEU C 539 14.75 -4.13 -66.86
CA LEU C 539 15.46 -3.74 -65.65
C LEU C 539 14.57 -3.70 -64.40
N THR C 540 13.34 -3.22 -64.57
CA THR C 540 12.36 -3.11 -63.48
C THR C 540 11.90 -4.51 -63.07
N HIS C 541 11.69 -5.38 -64.07
CA HIS C 541 11.34 -6.78 -63.81
C HIS C 541 12.41 -7.43 -62.95
N LYS C 542 13.66 -7.28 -63.39
CA LYS C 542 14.81 -7.79 -62.68
C LYS C 542 14.94 -7.23 -61.26
N THR C 543 14.83 -5.91 -61.14
CA THR C 543 14.92 -5.24 -59.86
C THR C 543 13.85 -5.69 -58.85
N PHE C 544 12.61 -5.70 -59.29
CA PHE C 544 11.48 -6.03 -58.42
C PHE C 544 11.36 -7.52 -58.08
N GLU C 545 11.84 -8.38 -58.98
CA GLU C 545 12.07 -9.80 -58.65
C GLU C 545 13.00 -9.95 -57.46
N ALA C 546 14.15 -9.30 -57.53
CA ALA C 546 15.13 -9.38 -56.46
C ALA C 546 14.55 -8.89 -55.12
N ILE C 547 13.81 -7.78 -55.14
CA ILE C 547 13.22 -7.23 -53.93
C ILE C 547 12.29 -8.26 -53.27
N GLN C 548 11.31 -8.73 -54.03
CA GLN C 548 10.31 -9.65 -53.52
C GLN C 548 10.92 -11.00 -53.07
N TYR C 549 11.80 -11.58 -53.91
CA TYR C 549 12.48 -12.83 -53.61
C TYR C 549 13.19 -12.79 -52.29
N TYR C 550 14.02 -11.76 -52.12
CA TYR C 550 14.80 -11.57 -50.91
C TYR C 550 13.96 -11.20 -49.68
N LEU C 551 12.89 -10.43 -49.88
CA LEU C 551 11.92 -10.15 -48.80
C LEU C 551 11.28 -11.45 -48.33
N LEU C 552 10.80 -12.24 -49.29
CA LEU C 552 10.16 -13.50 -49.00
C LEU C 552 11.13 -14.46 -48.31
N LYS C 553 12.36 -14.48 -48.80
CA LYS C 553 13.43 -15.29 -48.22
C LYS C 553 13.74 -14.92 -46.79
N ALA C 554 13.86 -13.62 -46.51
CA ALA C 554 14.10 -13.14 -45.14
C ALA C 554 12.95 -13.52 -44.20
N SER C 555 11.71 -13.38 -44.65
CA SER C 555 10.54 -13.67 -43.81
C SER C 555 10.33 -15.18 -43.58
N ASN C 556 10.61 -15.96 -44.62
CA ASN C 556 10.67 -17.41 -44.52
C ASN C 556 11.71 -17.87 -43.49
N GLU C 557 12.92 -17.29 -43.52
CA GLU C 557 13.95 -17.62 -42.52
C GLU C 557 13.53 -17.23 -41.12
N LEU C 558 12.92 -16.05 -40.99
CA LEU C 558 12.39 -15.59 -39.72
C LEU C 558 11.31 -16.52 -39.19
N ALA C 559 10.45 -17.03 -40.08
CA ALA C 559 9.46 -18.05 -39.71
C ALA C 559 10.11 -19.36 -39.16
N LYS C 560 11.14 -19.86 -39.84
CA LYS C 560 11.90 -21.03 -39.37
C LYS C 560 12.44 -20.80 -37.96
N GLU C 561 12.91 -19.58 -37.72
CA GLU C 561 13.54 -19.24 -36.45
C GLU C 561 12.52 -18.92 -35.35
N GLN C 562 11.39 -18.29 -35.69
CA GLN C 562 10.50 -17.71 -34.68
C GLN C 562 9.05 -18.12 -34.78
N GLY C 563 8.68 -18.81 -35.85
CA GLY C 563 7.29 -19.14 -36.11
C GLY C 563 6.63 -18.31 -37.22
N ALA C 564 5.85 -18.97 -38.06
CA ALA C 564 5.00 -18.31 -39.01
C ALA C 564 3.96 -17.47 -38.26
N CYS C 565 3.37 -16.50 -38.93
CA CYS C 565 2.36 -15.64 -38.29
C CYS C 565 1.13 -16.51 -38.00
N PRO C 566 0.44 -16.25 -36.87
CA PRO C 566 -0.72 -17.05 -36.47
C PRO C 566 -1.71 -17.34 -37.60
N TRP C 567 -2.00 -16.37 -38.46
CA TRP C 567 -3.01 -16.57 -39.52
C TRP C 567 -2.39 -16.84 -40.88
N PHE C 568 -1.17 -17.37 -40.86
CA PHE C 568 -0.47 -17.71 -42.10
C PHE C 568 -1.29 -18.59 -43.02
N ASN C 569 -2.07 -19.52 -42.44
CA ASN C 569 -2.92 -20.43 -43.21
C ASN C 569 -3.98 -19.76 -44.07
N GLU C 570 -4.20 -18.45 -43.90
CA GLU C 570 -5.20 -17.72 -44.70
C GLU C 570 -4.61 -17.09 -45.96
N THR C 571 -3.29 -17.22 -46.09
CA THR C 571 -2.60 -16.67 -47.25
C THR C 571 -2.55 -17.66 -48.42
N THR C 572 -2.53 -17.14 -49.65
CA THR C 572 -2.27 -17.95 -50.85
C THR C 572 -0.87 -18.57 -50.75
N TYR C 573 0.03 -17.89 -50.06
CA TYR C 573 1.37 -18.42 -49.74
C TYR C 573 1.36 -19.81 -49.08
N ALA C 574 0.35 -20.04 -48.22
CA ALA C 574 0.25 -21.29 -47.47
C ALA C 574 -0.03 -22.49 -48.38
N LYS C 575 -0.78 -22.22 -49.45
CA LYS C 575 -1.15 -23.19 -50.46
C LYS C 575 -0.06 -23.35 -51.54
N GLY C 576 1.14 -22.85 -51.27
CA GLY C 576 2.24 -22.88 -52.23
C GLY C 576 2.03 -22.02 -53.48
N ILE C 577 1.16 -21.01 -53.39
CA ILE C 577 0.96 -20.02 -54.46
C ILE C 577 1.88 -18.80 -54.27
N LEU C 578 2.55 -18.38 -55.35
CA LEU C 578 3.48 -17.26 -55.33
C LEU C 578 3.00 -16.10 -56.23
N PRO C 579 3.53 -14.88 -56.03
CA PRO C 579 3.16 -13.79 -56.96
C PRO C 579 3.43 -14.10 -58.44
N ILE C 580 4.48 -14.88 -58.72
CA ILE C 580 4.85 -15.28 -60.10
C ILE C 580 3.85 -16.25 -60.75
N ASP C 581 2.91 -16.77 -59.94
CA ASP C 581 1.88 -17.67 -60.44
C ASP C 581 0.59 -16.93 -60.84
N THR C 582 0.32 -15.76 -60.24
CA THR C 582 -1.02 -15.14 -60.35
C THR C 582 -1.09 -13.77 -61.02
N TYR C 583 0.04 -13.29 -61.55
CA TYR C 583 0.13 -11.95 -62.10
C TYR C 583 -0.68 -11.86 -63.40
N LYS C 584 -1.13 -10.65 -63.74
CA LYS C 584 -1.78 -10.37 -65.02
C LYS C 584 -0.90 -10.78 -66.22
N LYS C 585 -1.39 -11.73 -67.02
CA LYS C 585 -0.63 -12.37 -68.12
C LYS C 585 -0.11 -11.41 -69.18
N ASP C 586 -0.91 -10.38 -69.49
CA ASP C 586 -0.51 -9.31 -70.41
C ASP C 586 0.87 -8.73 -70.14
N LEU C 587 1.39 -8.90 -68.92
CA LEU C 587 2.74 -8.45 -68.61
C LEU C 587 3.79 -9.15 -69.47
N ASP C 588 3.46 -10.36 -69.93
CA ASP C 588 4.37 -11.13 -70.79
C ASP C 588 4.65 -10.42 -72.11
N THR C 589 3.69 -9.62 -72.58
CA THR C 589 3.86 -8.87 -73.82
C THR C 589 4.77 -7.64 -73.75
N ILE C 590 5.17 -7.21 -72.54
CA ILE C 590 5.92 -5.94 -72.39
C ILE C 590 7.24 -6.06 -71.66
N ALA C 591 7.57 -7.27 -71.23
CA ALA C 591 8.89 -7.57 -70.72
C ALA C 591 9.16 -9.05 -71.00
N ASN C 592 10.42 -9.40 -71.20
CA ASN C 592 10.81 -10.78 -71.39
C ASN C 592 12.00 -11.13 -70.51
N GLU C 593 12.22 -10.36 -69.46
CA GLU C 593 13.27 -10.69 -68.51
C GLU C 593 12.94 -12.04 -67.88
N PRO C 594 13.94 -12.96 -67.83
CA PRO C 594 13.70 -14.21 -67.13
C PRO C 594 13.84 -14.01 -65.60
N LEU C 595 13.33 -14.97 -64.84
CA LEU C 595 13.56 -15.02 -63.41
C LEU C 595 14.99 -15.44 -63.20
N HIS C 596 15.71 -14.74 -62.35
CA HIS C 596 17.09 -15.09 -62.07
C HIS C 596 17.20 -15.86 -60.75
N TYR C 597 16.16 -15.83 -59.93
CA TYR C 597 16.24 -16.51 -58.63
C TYR C 597 15.42 -17.79 -58.59
N ASP C 598 15.77 -18.65 -57.64
CA ASP C 598 15.17 -19.99 -57.50
C ASP C 598 13.87 -19.92 -56.73
N TRP C 599 12.80 -19.54 -57.41
CA TRP C 599 11.48 -19.44 -56.83
C TRP C 599 10.86 -20.80 -56.48
N GLU C 600 11.30 -21.85 -57.17
CA GLU C 600 10.74 -23.20 -56.90
C GLU C 600 11.21 -23.73 -55.57
N ALA C 601 12.48 -23.49 -55.25
CA ALA C 601 13.02 -23.81 -53.94
C ALA C 601 12.37 -22.97 -52.83
N LEU C 602 12.08 -21.69 -53.11
CA LEU C 602 11.47 -20.81 -52.16
C LEU C 602 10.04 -21.27 -51.88
N ARG C 603 9.33 -21.63 -52.94
CA ARG C 603 7.98 -22.16 -52.85
C ARG C 603 7.82 -23.34 -51.86
N GLU C 604 8.81 -24.24 -51.85
CA GLU C 604 8.73 -25.42 -51.00
C GLU C 604 9.04 -25.04 -49.57
N SER C 605 10.00 -24.15 -49.42
CA SER C 605 10.36 -23.65 -48.12
C SER C 605 9.23 -22.85 -47.45
N ILE C 606 8.46 -22.11 -48.24
CA ILE C 606 7.31 -21.37 -47.71
C ILE C 606 6.17 -22.34 -47.36
N LYS C 607 5.82 -23.22 -48.28
CA LYS C 607 4.90 -24.34 -48.00
C LYS C 607 5.21 -25.03 -46.66
N THR C 608 6.49 -25.24 -46.38
CA THR C 608 6.92 -26.01 -45.21
C THR C 608 7.06 -25.20 -43.94
N HIS C 609 7.78 -24.08 -44.01
CA HIS C 609 8.04 -23.28 -42.81
C HIS C 609 7.17 -22.03 -42.69
N GLY C 610 6.47 -21.68 -43.77
CA GLY C 610 5.64 -20.48 -43.81
C GLY C 610 6.39 -19.15 -43.84
N LEU C 611 5.64 -18.07 -43.65
CA LEU C 611 6.22 -16.72 -43.54
C LEU C 611 5.92 -16.14 -42.17
N ARG C 612 6.88 -15.41 -41.64
CA ARG C 612 6.63 -14.62 -40.46
C ARG C 612 5.58 -13.53 -40.69
N ASN C 613 5.42 -13.11 -41.94
CA ASN C 613 4.63 -11.93 -42.28
C ASN C 613 3.79 -12.23 -43.48
N SER C 614 2.49 -11.93 -43.44
CA SER C 614 1.58 -12.25 -44.54
C SER C 614 1.80 -11.39 -45.78
N THR C 615 2.39 -10.20 -45.58
CA THR C 615 2.76 -9.30 -46.70
C THR C 615 4.09 -8.72 -46.38
N LEU C 616 4.87 -8.43 -47.43
CA LEU C 616 6.15 -7.78 -47.24
C LEU C 616 6.31 -6.48 -47.99
N SER C 617 5.67 -6.38 -49.14
CA SER C 617 5.99 -5.30 -50.07
C SER C 617 4.78 -4.43 -50.40
N ALA C 618 5.03 -3.13 -50.49
CA ALA C 618 4.08 -2.08 -50.87
C ALA C 618 4.90 -0.87 -51.28
N LEU C 619 4.48 -0.20 -52.35
CA LEU C 619 5.19 0.96 -52.88
C LEU C 619 4.47 2.29 -52.57
N MET C 620 4.94 2.89 -51.49
CA MET C 620 4.32 4.05 -50.89
C MET C 620 4.93 5.33 -51.44
N PRO C 621 4.24 6.49 -51.25
CA PRO C 621 4.93 7.72 -51.60
C PRO C 621 5.95 8.02 -50.51
N SER C 622 6.96 8.80 -50.82
CA SER C 622 7.80 9.30 -49.74
C SER C 622 8.00 10.79 -49.99
N GLU C 623 8.34 11.53 -48.95
CA GLU C 623 8.72 12.92 -49.14
C GLU C 623 9.82 13.13 -48.13
N THR C 624 9.48 12.89 -46.86
CA THR C 624 10.40 13.17 -45.77
C THR C 624 11.64 12.28 -45.79
N SER C 625 11.46 10.96 -45.97
CA SER C 625 12.56 9.99 -45.92
C SER C 625 13.42 10.09 -47.17
N SER C 626 12.78 10.34 -48.30
CA SER C 626 13.52 10.63 -49.52
C SER C 626 14.43 11.84 -49.34
N GLN C 627 13.94 12.87 -48.65
CA GLN C 627 14.72 14.10 -48.45
C GLN C 627 15.97 13.89 -47.60
N ILE C 628 15.86 13.04 -46.59
CA ILE C 628 16.98 12.68 -45.69
C ILE C 628 18.15 12.05 -46.46
N SER C 629 17.82 11.20 -47.43
CA SER C 629 18.78 10.50 -48.28
C SER C 629 19.19 11.30 -49.52
N ASN C 630 18.57 12.46 -49.74
CA ASN C 630 18.61 13.16 -51.03
C ASN C 630 18.29 12.18 -52.17
N ALA C 631 17.16 11.51 -52.03
CA ALA C 631 16.67 10.55 -52.98
C ALA C 631 15.49 11.16 -53.72
N THR C 632 15.29 10.73 -54.95
CA THR C 632 14.03 11.02 -55.64
C THR C 632 12.94 10.24 -54.92
N ASN C 633 11.72 10.78 -54.89
CA ASN C 633 10.66 10.22 -54.06
C ASN C 633 10.06 8.96 -54.64
N GLY C 634 10.02 7.89 -53.84
CA GLY C 634 9.35 6.67 -54.24
C GLY C 634 9.72 6.23 -55.63
N ILE C 635 8.71 5.92 -56.44
CA ILE C 635 8.94 5.51 -57.81
C ILE C 635 8.74 6.66 -58.82
N GLU C 636 8.49 7.87 -58.32
CA GLU C 636 8.12 9.00 -59.13
C GLU C 636 9.30 9.71 -59.84
N PRO C 637 9.10 10.12 -61.09
CA PRO C 637 10.04 11.06 -61.72
C PRO C 637 10.01 12.41 -60.99
N PRO C 638 11.18 13.06 -60.82
CA PRO C 638 11.11 14.41 -60.24
C PRO C 638 10.42 15.43 -61.18
N ARG C 639 9.66 16.38 -60.62
CA ARG C 639 9.07 17.49 -61.42
C ARG C 639 10.17 18.35 -62.03
N GLY C 640 11.23 18.60 -61.27
CA GLY C 640 12.38 19.36 -61.74
C GLY C 640 13.66 18.93 -61.09
N TYR C 641 14.76 19.56 -61.46
CA TYR C 641 16.09 19.26 -60.94
C TYR C 641 16.34 19.80 -59.54
N VAL C 642 15.59 20.85 -59.19
CA VAL C 642 15.71 21.52 -57.90
C VAL C 642 14.30 21.56 -57.29
N SER C 643 14.19 20.98 -56.10
CA SER C 643 12.97 21.03 -55.36
C SER C 643 13.06 22.21 -54.40
N ILE C 644 11.92 22.83 -54.10
CA ILE C 644 11.85 24.02 -53.27
C ILE C 644 10.79 23.90 -52.17
N LYS C 645 11.19 24.21 -50.94
CA LYS C 645 10.32 24.18 -49.77
C LYS C 645 10.39 25.51 -49.01
N ALA C 646 9.24 26.04 -48.62
CA ALA C 646 9.18 27.17 -47.70
C ALA C 646 9.48 26.72 -46.25
N SER C 647 10.13 27.60 -45.48
CA SER C 647 10.31 27.35 -44.05
C SER C 647 10.55 28.65 -43.28
N LYS C 648 10.45 28.59 -41.94
CA LYS C 648 10.78 29.76 -41.13
C LYS C 648 12.26 30.13 -41.24
N ASP C 649 13.08 29.15 -41.64
CA ASP C 649 14.53 29.35 -41.76
C ASP C 649 15.00 29.79 -43.15
N GLY C 650 14.07 30.07 -44.06
CA GLY C 650 14.41 30.46 -45.44
C GLY C 650 13.87 29.50 -46.50
N ILE C 651 14.22 29.76 -47.75
CA ILE C 651 13.88 28.88 -48.86
C ILE C 651 14.82 27.67 -48.85
N LEU C 652 14.25 26.46 -48.76
CA LEU C 652 15.03 25.23 -48.73
C LEU C 652 15.11 24.59 -50.10
N ARG C 653 16.32 24.48 -50.64
CA ARG C 653 16.51 23.88 -51.94
C ARG C 653 17.19 22.51 -51.83
N GLN C 654 16.78 21.61 -52.70
CA GLN C 654 17.41 20.32 -52.83
C GLN C 654 17.58 19.96 -54.29
N VAL C 655 18.82 19.70 -54.71
CA VAL C 655 19.12 19.29 -56.06
C VAL C 655 19.07 17.75 -56.19
N VAL C 656 18.49 17.25 -57.26
CA VAL C 656 18.47 15.80 -57.52
C VAL C 656 19.88 15.19 -57.45
N PRO C 657 20.00 13.93 -56.95
CA PRO C 657 21.32 13.34 -56.80
C PRO C 657 22.09 13.22 -58.12
N ASP C 658 23.34 13.66 -58.09
CA ASP C 658 24.25 13.57 -59.23
C ASP C 658 23.69 14.26 -60.46
N TYR C 659 23.06 15.42 -60.25
CA TYR C 659 22.67 16.31 -61.32
C TYR C 659 23.86 16.57 -62.27
N GLU C 660 25.03 16.82 -61.69
CA GLU C 660 26.26 17.10 -62.44
C GLU C 660 26.51 16.12 -63.58
N HIS C 661 26.52 14.82 -63.28
CA HIS C 661 26.75 13.81 -64.30
C HIS C 661 25.48 13.27 -64.91
N LEU C 662 24.31 13.50 -64.31
CA LEU C 662 23.12 12.81 -64.80
C LEU C 662 21.99 13.66 -65.39
N HIS C 663 22.18 14.97 -65.50
CA HIS C 663 21.07 15.86 -65.86
C HIS C 663 20.32 15.44 -67.14
N ASP C 664 21.05 14.95 -68.15
CA ASP C 664 20.43 14.49 -69.41
C ASP C 664 19.85 13.09 -69.30
N ALA C 665 20.38 12.29 -68.38
CA ALA C 665 19.90 10.93 -68.14
C ALA C 665 18.54 10.90 -67.44
N TYR C 666 18.27 11.90 -66.60
CA TYR C 666 16.97 12.05 -65.94
C TYR C 666 15.90 12.34 -66.94
N GLU C 667 14.70 11.86 -66.65
CA GLU C 667 13.52 12.21 -67.39
C GLU C 667 12.59 12.85 -66.38
N LEU C 668 12.38 14.15 -66.53
CA LEU C 668 11.55 14.91 -65.60
C LEU C 668 10.09 14.60 -65.85
N LEU C 669 9.26 14.65 -64.81
CA LEU C 669 7.84 14.31 -64.91
C LEU C 669 7.16 14.84 -66.20
N TRP C 670 7.28 16.15 -66.46
CA TRP C 670 6.61 16.75 -67.61
C TRP C 670 7.32 16.54 -68.94
N GLU C 671 8.47 15.88 -68.92
CA GLU C 671 9.13 15.46 -70.16
C GLU C 671 8.51 14.16 -70.74
N MET C 672 7.82 13.37 -69.92
CA MET C 672 7.15 12.16 -70.40
C MET C 672 6.06 12.53 -71.43
N PRO C 673 6.14 11.98 -72.67
CA PRO C 673 5.07 12.28 -73.65
C PRO C 673 3.67 11.84 -73.21
N GLY C 674 3.61 10.93 -72.24
CA GLY C 674 2.34 10.34 -71.80
C GLY C 674 2.55 9.39 -70.64
N ASN C 675 1.47 8.73 -70.23
CA ASN C 675 1.45 7.84 -69.06
C ASN C 675 1.78 6.38 -69.30
N ASP C 676 1.77 5.95 -70.56
CA ASP C 676 1.93 4.52 -70.89
C ASP C 676 3.15 3.84 -70.33
N GLY C 677 4.33 4.45 -70.50
CA GLY C 677 5.56 3.79 -70.11
C GLY C 677 5.61 3.62 -68.60
N TYR C 678 5.22 4.68 -67.89
CA TYR C 678 5.17 4.66 -66.43
C TYR C 678 4.19 3.61 -65.90
N LEU C 679 3.01 3.51 -66.52
CA LEU C 679 2.03 2.50 -66.12
C LEU C 679 2.48 1.05 -66.40
N GLN C 680 3.27 0.87 -67.46
CA GLN C 680 3.89 -0.42 -67.74
C GLN C 680 4.88 -0.76 -66.67
N LEU C 681 5.65 0.21 -66.19
CA LEU C 681 6.57 -0.05 -65.08
C LEU C 681 5.83 -0.41 -63.81
N VAL C 682 4.80 0.36 -63.46
CA VAL C 682 3.91 0.03 -62.36
C VAL C 682 3.35 -1.41 -62.46
N GLY C 683 2.78 -1.77 -63.62
CA GLY C 683 2.34 -3.14 -63.88
C GLY C 683 3.43 -4.18 -63.64
N ILE C 684 4.62 -3.92 -64.17
CA ILE C 684 5.77 -4.82 -63.95
C ILE C 684 6.16 -4.95 -62.47
N MET C 685 6.27 -3.81 -61.78
CA MET C 685 6.45 -3.83 -60.33
C MET C 685 5.35 -4.65 -59.64
N GLN C 686 4.09 -4.45 -60.06
CA GLN C 686 2.97 -5.11 -59.41
C GLN C 686 2.98 -6.66 -59.58
N LYS C 687 3.66 -7.14 -60.63
CA LYS C 687 3.87 -8.57 -60.78
C LYS C 687 4.38 -9.20 -59.46
N PHE C 688 5.27 -8.49 -58.79
CA PHE C 688 5.98 -8.98 -57.61
C PHE C 688 5.52 -8.43 -56.25
N ILE C 689 5.01 -7.20 -56.22
CA ILE C 689 4.56 -6.55 -55.01
C ILE C 689 3.33 -7.25 -54.39
N ASP C 690 3.40 -7.49 -53.08
CA ASP C 690 2.32 -8.14 -52.31
C ASP C 690 1.07 -7.28 -52.20
N GLN C 691 1.27 -6.00 -51.87
CA GLN C 691 0.12 -5.12 -51.70
C GLN C 691 -0.07 -4.36 -53.01
N SER C 692 -0.01 -3.04 -52.94
CA SER C 692 -0.20 -2.22 -54.12
C SER C 692 0.82 -1.12 -54.19
N ILE C 693 0.57 -0.15 -55.06
CA ILE C 693 1.53 0.86 -55.44
C ILE C 693 0.78 2.17 -55.57
N SER C 694 1.31 3.22 -54.97
CA SER C 694 0.69 4.56 -55.05
C SER C 694 0.90 5.22 -56.43
N ALA C 695 0.32 4.63 -57.47
CA ALA C 695 0.60 5.08 -58.83
C ALA C 695 -0.14 6.37 -59.17
N ASN C 696 0.61 7.36 -59.65
CA ASN C 696 0.05 8.62 -60.16
C ASN C 696 -0.27 8.55 -61.67
N THR C 697 -1.26 9.35 -62.12
CA THR C 697 -1.35 9.72 -63.54
C THR C 697 -1.10 11.24 -63.68
N ASN C 698 -0.57 11.63 -64.84
CA ASN C 698 -0.12 13.00 -65.04
C ASN C 698 -0.58 13.48 -66.40
N TYR C 699 -1.01 14.74 -66.47
CA TYR C 699 -1.46 15.35 -67.72
C TYR C 699 -1.02 16.81 -67.76
N ASP C 700 -0.35 17.16 -68.84
CA ASP C 700 0.00 18.54 -69.17
C ASP C 700 -1.00 19.05 -70.23
N PRO C 701 -1.92 19.95 -69.85
CA PRO C 701 -2.88 20.52 -70.78
C PRO C 701 -2.25 21.05 -72.08
N SER C 702 -1.05 21.60 -72.00
CA SER C 702 -0.43 22.20 -73.18
C SER C 702 0.06 21.20 -74.21
N ARG C 703 -0.07 19.90 -73.92
CA ARG C 703 0.19 18.86 -74.91
C ARG C 703 -1.08 18.53 -75.71
N PHE C 704 -2.19 19.16 -75.38
CA PHE C 704 -3.46 18.81 -75.98
C PHE C 704 -4.10 19.99 -76.68
N PRO C 705 -4.82 19.73 -77.79
CA PRO C 705 -5.51 20.76 -78.59
C PRO C 705 -6.40 21.62 -77.71
N SER C 706 -6.24 22.94 -77.83
CA SER C 706 -7.00 23.91 -77.02
C SER C 706 -6.77 23.73 -75.52
N GLY C 707 -5.62 23.18 -75.14
CA GLY C 707 -5.26 22.99 -73.74
C GLY C 707 -6.23 22.18 -72.89
N LYS C 708 -7.07 21.37 -73.52
CA LYS C 708 -7.94 20.51 -72.74
C LYS C 708 -7.64 19.04 -72.88
N VAL C 709 -7.50 18.39 -71.73
CA VAL C 709 -7.23 16.97 -71.61
C VAL C 709 -8.49 16.22 -72.02
N PRO C 710 -8.40 15.38 -73.06
CA PRO C 710 -9.64 14.74 -73.47
C PRO C 710 -10.01 13.54 -72.59
N MET C 711 -11.31 13.34 -72.41
CA MET C 711 -11.86 12.24 -71.63
C MET C 711 -11.45 10.90 -72.20
N GLN C 712 -11.43 10.81 -73.53
CA GLN C 712 -10.90 9.67 -74.25
C GLN C 712 -9.53 9.20 -73.74
N GLN C 713 -8.62 10.15 -73.53
CA GLN C 713 -7.28 9.83 -73.03
C GLN C 713 -7.31 9.47 -71.54
N LEU C 714 -8.19 10.10 -70.78
CA LEU C 714 -8.36 9.77 -69.35
C LEU C 714 -8.81 8.32 -69.16
N LEU C 715 -9.76 7.90 -70.00
CA LEU C 715 -10.31 6.54 -69.98
C LEU C 715 -9.37 5.48 -70.55
N LYS C 716 -8.68 5.82 -71.64
CA LYS C 716 -7.67 4.92 -72.22
C LYS C 716 -6.54 4.61 -71.22
N ASP C 717 -6.04 5.63 -70.52
CA ASP C 717 -5.03 5.39 -69.48
C ASP C 717 -5.57 4.50 -68.34
N LEU C 718 -6.82 4.72 -67.95
CA LEU C 718 -7.50 3.92 -66.93
C LEU C 718 -7.56 2.48 -67.41
N LEU C 719 -7.94 2.29 -68.66
CA LEU C 719 -8.01 0.95 -69.24
C LEU C 719 -6.64 0.28 -69.37
N THR C 720 -5.63 1.06 -69.74
CA THR C 720 -4.24 0.57 -69.80
C THR C 720 -3.75 0.05 -68.45
N ALA C 721 -4.04 0.82 -67.40
CA ALA C 721 -3.73 0.45 -66.02
C ALA C 721 -4.35 -0.90 -65.70
N TYR C 722 -5.66 -1.04 -65.97
CA TYR C 722 -6.37 -2.27 -65.72
C TYR C 722 -5.77 -3.46 -66.48
N LYS C 723 -5.55 -3.28 -67.78
CA LYS C 723 -4.98 -4.31 -68.65
C LYS C 723 -3.61 -4.83 -68.19
N PHE C 724 -2.79 -3.96 -67.61
CA PHE C 724 -1.50 -4.42 -67.10
C PHE C 724 -1.52 -4.83 -65.62
N GLY C 725 -2.73 -4.99 -65.07
CA GLY C 725 -2.92 -5.49 -63.71
C GLY C 725 -2.66 -4.50 -62.59
N VAL C 726 -2.69 -3.20 -62.91
CA VAL C 726 -2.52 -2.16 -61.89
C VAL C 726 -3.69 -2.22 -60.87
N LYS C 727 -3.35 -2.32 -59.58
CA LYS C 727 -4.38 -2.53 -58.54
C LYS C 727 -5.09 -1.23 -58.15
N THR C 728 -4.37 -0.11 -58.15
CA THR C 728 -4.93 1.15 -57.65
C THR C 728 -4.36 2.33 -58.41
N LEU C 729 -5.11 3.43 -58.42
CA LEU C 729 -4.56 4.67 -58.93
C LEU C 729 -4.77 5.73 -57.87
N TYR C 730 -3.67 6.36 -57.50
CA TYR C 730 -3.63 7.40 -56.54
C TYR C 730 -3.76 8.76 -57.29
N TYR C 731 -3.03 9.79 -56.87
CA TYR C 731 -3.16 11.15 -57.40
C TYR C 731 -3.20 11.24 -58.93
N GLN C 732 -4.09 12.07 -59.45
CA GLN C 732 -3.92 12.59 -60.81
C GLN C 732 -3.34 13.99 -60.70
N ASN C 733 -2.14 14.18 -61.24
CA ASN C 733 -1.51 15.50 -61.30
C ASN C 733 -1.76 16.14 -62.67
N THR C 734 -2.25 17.38 -62.65
CA THR C 734 -2.44 18.16 -63.84
C THR C 734 -1.45 19.31 -63.74
N ARG C 735 -0.58 19.46 -64.73
CA ARG C 735 0.33 20.58 -64.71
C ARG C 735 -0.45 21.89 -64.79
N ASP C 736 -0.17 22.84 -63.92
CA ASP C 736 -0.68 24.17 -64.20
C ASP C 736 0.43 25.03 -64.83
N GLY C 737 0.18 25.41 -66.08
CA GLY C 737 1.23 25.79 -67.05
C GLY C 737 1.00 25.14 -68.42
N GLN D 5 25.58 2.11 44.75
CA GLN D 5 25.99 1.66 43.38
C GLN D 5 26.66 2.78 42.56
N ILE D 6 26.08 3.98 42.58
CA ILE D 6 26.68 5.16 41.92
C ILE D 6 26.85 6.36 42.87
N ASP D 7 27.91 7.13 42.65
CA ASP D 7 28.14 8.36 43.40
C ASP D 7 27.53 9.56 42.67
N SER D 8 26.46 10.11 43.25
CA SER D 8 25.65 11.17 42.62
C SER D 8 26.33 12.55 42.56
N GLU D 9 27.51 12.66 43.17
CA GLU D 9 28.29 13.91 43.20
C GLU D 9 28.74 14.37 41.79
N VAL D 10 28.33 15.58 41.42
CA VAL D 10 28.67 16.17 40.14
C VAL D 10 29.36 17.52 40.34
N ASP D 11 30.53 17.68 39.73
CA ASP D 11 31.23 18.94 39.73
C ASP D 11 30.94 19.68 38.41
N THR D 12 30.15 20.75 38.49
CA THR D 12 29.79 21.55 37.30
C THR D 12 30.94 22.39 36.75
N ASP D 13 31.85 22.79 37.61
CA ASP D 13 33.04 23.56 37.21
C ASP D 13 34.02 22.70 36.42
N ASP D 14 34.15 21.43 36.84
CA ASP D 14 34.94 20.43 36.13
C ASP D 14 34.36 20.20 34.72
N LEU D 15 33.04 20.11 34.64
CA LEU D 15 32.35 19.94 33.35
C LEU D 15 32.39 21.19 32.48
N SER D 16 32.19 22.36 33.10
CA SER D 16 32.05 23.64 32.39
C SER D 16 33.17 23.90 31.40
N ASN D 17 34.28 23.19 31.59
CA ASN D 17 35.47 23.30 30.74
C ASN D 17 35.26 22.70 29.35
N PHE D 18 34.64 21.52 29.31
CA PHE D 18 34.47 20.73 28.09
C PHE D 18 33.97 21.50 26.87
N GLN D 19 34.53 21.18 25.71
CA GLN D 19 34.06 21.70 24.43
C GLN D 19 33.34 20.60 23.66
N LEU D 20 32.15 20.90 23.16
CA LEU D 20 31.32 19.91 22.43
C LEU D 20 31.71 19.76 20.94
N GLN E 5 -13.46 -16.33 52.98
CA GLN E 5 -13.11 -17.72 52.53
C GLN E 5 -14.34 -18.60 52.30
N ILE E 6 -14.23 -19.52 51.35
CA ILE E 6 -15.34 -20.43 51.00
C ILE E 6 -15.02 -21.88 51.37
N ASP E 7 -16.05 -22.66 51.68
CA ASP E 7 -15.92 -24.09 51.89
C ASP E 7 -16.15 -24.83 50.56
N SER E 8 -15.08 -25.41 50.03
CA SER E 8 -15.10 -26.00 48.68
C SER E 8 -15.76 -27.37 48.57
N GLU E 9 -16.37 -27.82 49.67
CA GLU E 9 -17.08 -29.11 49.71
C GLU E 9 -18.25 -29.16 48.71
N VAL E 10 -18.23 -30.17 47.84
CA VAL E 10 -19.32 -30.39 46.88
C VAL E 10 -19.92 -31.79 47.03
N ASP E 11 -21.24 -31.83 47.20
CA ASP E 11 -22.00 -33.07 47.31
C ASP E 11 -22.57 -33.45 45.94
N THR E 12 -21.97 -34.47 45.33
CA THR E 12 -22.33 -34.97 44.00
C THR E 12 -23.79 -35.40 43.89
N ASP E 13 -24.21 -36.29 44.79
CA ASP E 13 -25.56 -36.88 44.80
C ASP E 13 -26.65 -35.86 45.12
N ASP E 14 -26.29 -34.84 45.89
CA ASP E 14 -27.17 -33.72 46.21
C ASP E 14 -27.44 -32.86 44.97
N LEU E 15 -26.39 -32.59 44.18
CA LEU E 15 -26.52 -31.87 42.91
C LEU E 15 -27.40 -32.63 41.92
N SER E 16 -27.00 -33.87 41.65
CA SER E 16 -27.63 -34.74 40.64
C SER E 16 -29.15 -34.73 40.66
N ASN E 17 -29.73 -34.43 41.81
CA ASN E 17 -31.17 -34.33 41.98
C ASN E 17 -31.82 -33.20 41.20
N PHE E 18 -31.22 -32.01 41.28
CA PHE E 18 -31.71 -30.79 40.60
C PHE E 18 -32.07 -31.01 39.11
N GLN E 19 -33.17 -30.41 38.67
CA GLN E 19 -33.62 -30.53 37.29
C GLN E 19 -33.68 -29.17 36.58
N LEU E 20 -32.84 -29.03 35.54
CA LEU E 20 -32.60 -27.75 34.84
C LEU E 20 -33.82 -27.17 34.12
N GLN F 5 -9.56 22.93 -67.83
CA GLN F 5 -10.73 22.02 -68.04
C GLN F 5 -10.41 20.82 -68.95
N ILE F 6 -11.33 19.86 -69.00
CA ILE F 6 -11.16 18.68 -69.86
C ILE F 6 -12.21 18.65 -70.98
N ASP F 7 -11.97 17.80 -71.97
CA ASP F 7 -12.86 17.61 -73.11
C ASP F 7 -13.65 16.32 -72.94
N SER F 8 -14.93 16.46 -72.59
CA SER F 8 -15.81 15.35 -72.26
C SER F 8 -16.23 14.48 -73.45
N GLU F 9 -15.85 14.89 -74.66
CA GLU F 9 -16.07 14.10 -75.89
C GLU F 9 -15.54 12.68 -75.71
N VAL F 10 -16.42 11.69 -75.91
CA VAL F 10 -16.05 10.27 -75.84
C VAL F 10 -16.48 9.51 -77.09
N ASP F 11 -15.49 9.01 -77.83
CA ASP F 11 -15.72 8.09 -78.93
C ASP F 11 -15.90 6.68 -78.37
N THR F 12 -17.16 6.23 -78.33
CA THR F 12 -17.53 4.96 -77.74
C THR F 12 -17.12 3.78 -78.63
N ASP F 13 -16.90 4.04 -79.91
CA ASP F 13 -16.49 3.01 -80.87
C ASP F 13 -15.01 2.68 -80.76
N ASP F 14 -14.19 3.71 -80.59
CA ASP F 14 -12.76 3.55 -80.34
C ASP F 14 -12.48 2.69 -79.09
N LEU F 15 -13.30 2.87 -78.04
CA LEU F 15 -13.15 2.12 -76.79
C LEU F 15 -13.42 0.63 -76.96
N SER F 16 -14.41 0.29 -77.78
CA SER F 16 -14.87 -1.11 -77.93
C SER F 16 -13.78 -2.05 -78.38
N ASN F 17 -12.76 -1.49 -79.04
CA ASN F 17 -11.60 -2.24 -79.50
C ASN F 17 -10.81 -2.89 -78.36
N PHE F 18 -10.59 -2.11 -77.29
CA PHE F 18 -9.72 -2.48 -76.17
C PHE F 18 -10.02 -3.85 -75.56
N GLN F 19 -8.95 -4.52 -75.13
CA GLN F 19 -9.04 -5.88 -74.62
C GLN F 19 -8.52 -5.96 -73.16
N LEU F 20 -9.43 -5.96 -72.19
CA LEU F 20 -9.08 -5.91 -70.77
C LEU F 20 -8.15 -7.05 -70.33
N TYR G 1 22.08 4.79 -13.18
CA TYR G 1 21.26 5.87 -13.78
C TYR G 1 20.15 6.31 -12.81
N LEU G 2 19.67 7.54 -13.00
CA LEU G 2 18.64 8.13 -12.14
C LEU G 2 17.24 7.97 -12.74
N VAL G 3 16.25 7.67 -11.88
CA VAL G 3 14.84 7.45 -12.30
C VAL G 3 14.67 7.35 -13.83
S SO4 H . 23.19 -12.27 15.11
O1 SO4 H . 23.03 -10.89 14.66
O2 SO4 H . 22.64 -12.42 16.46
O3 SO4 H . 22.50 -13.16 14.20
O4 SO4 H . 24.61 -12.59 15.15
S SO4 I . -26.25 5.91 35.49
O1 SO4 I . -26.60 7.24 34.96
O2 SO4 I . -27.21 5.50 36.52
O3 SO4 I . -26.27 4.94 34.38
O4 SO4 I . -24.92 5.96 36.12
S SO4 J . 7.52 9.47 -45.65
O1 SO4 J . 6.87 10.71 -46.07
O2 SO4 J . 7.71 9.47 -44.19
O3 SO4 J . 6.65 8.32 -45.97
O4 SO4 J . 8.80 9.36 -46.31
#